data_1XD6
# 
_entry.id   1XD6 
# 
_audit_conform.dict_name       mmcif_pdbx.dic 
_audit_conform.dict_version    5.397 
_audit_conform.dict_location   http://mmcif.pdb.org/dictionaries/ascii/mmcif_pdbx.dic 
# 
loop_
_database_2.database_id 
_database_2.database_code 
_database_2.pdbx_database_accession 
_database_2.pdbx_DOI 
PDB   1XD6         pdb_00001xd6 10.2210/pdb1xd6/pdb 
RCSB  RCSB030226   ?            ?                   
WWPDB D_1000030226 ?            ?                   
# 
loop_
_pdbx_audit_revision_history.ordinal 
_pdbx_audit_revision_history.data_content_type 
_pdbx_audit_revision_history.major_revision 
_pdbx_audit_revision_history.minor_revision 
_pdbx_audit_revision_history.revision_date 
1 'Structure model' 1 0 2005-01-11 
2 'Structure model' 1 1 2008-04-30 
3 'Structure model' 1 2 2011-07-13 
4 'Structure model' 1 3 2024-10-23 
# 
_pdbx_audit_revision_details.ordinal             1 
_pdbx_audit_revision_details.revision_ordinal    1 
_pdbx_audit_revision_details.data_content_type   'Structure model' 
_pdbx_audit_revision_details.provider            repository 
_pdbx_audit_revision_details.type                'Initial release' 
_pdbx_audit_revision_details.description         ? 
_pdbx_audit_revision_details.details             ? 
# 
loop_
_pdbx_audit_revision_group.ordinal 
_pdbx_audit_revision_group.revision_ordinal 
_pdbx_audit_revision_group.data_content_type 
_pdbx_audit_revision_group.group 
1 2 'Structure model' 'Version format compliance' 
2 3 'Structure model' 'Version format compliance' 
3 4 'Structure model' 'Data collection'           
4 4 'Structure model' 'Database references'       
5 4 'Structure model' 'Derived calculations'      
6 4 'Structure model' 'Structure summary'         
# 
loop_
_pdbx_audit_revision_category.ordinal 
_pdbx_audit_revision_category.revision_ordinal 
_pdbx_audit_revision_category.data_content_type 
_pdbx_audit_revision_category.category 
1 4 'Structure model' chem_comp_atom            
2 4 'Structure model' chem_comp_bond            
3 4 'Structure model' database_2                
4 4 'Structure model' pdbx_entry_details        
5 4 'Structure model' pdbx_modification_feature 
6 4 'Structure model' struct_site               
# 
loop_
_pdbx_audit_revision_item.ordinal 
_pdbx_audit_revision_item.revision_ordinal 
_pdbx_audit_revision_item.data_content_type 
_pdbx_audit_revision_item.item 
1 4 'Structure model' '_database_2.pdbx_DOI'                
2 4 'Structure model' '_database_2.pdbx_database_accession' 
3 4 'Structure model' '_struct_site.pdbx_auth_asym_id'      
4 4 'Structure model' '_struct_site.pdbx_auth_comp_id'      
5 4 'Structure model' '_struct_site.pdbx_auth_seq_id'       
# 
_pdbx_database_status.status_code                     REL 
_pdbx_database_status.entry_id                        1XD6 
_pdbx_database_status.recvd_initial_deposition_date   2004-09-04 
_pdbx_database_status.deposit_site                    RCSB 
_pdbx_database_status.process_site                    PDBJ 
_pdbx_database_status.status_code_sf                  REL 
_pdbx_database_status.status_code_mr                  ? 
_pdbx_database_status.SG_entry                        ? 
_pdbx_database_status.pdb_format_compatible           Y 
_pdbx_database_status.status_code_cs                  ? 
_pdbx_database_status.status_code_nmr_data            ? 
_pdbx_database_status.methods_development_category    ? 
# 
_pdbx_database_related.db_name        PDB 
_pdbx_database_related.db_id          1XD5 
_pdbx_database_related.details        'quaternary states of monocot mannose binding lectins' 
_pdbx_database_related.content_type   unspecified 
# 
loop_
_audit_author.name 
_audit_author.pdbx_ordinal 
'Liu, W.'     1 
'Yang, N.'    2 
'Wang, M.'    3 
'Huang, R.H.' 4 
'Hu, Z.'      5 
'Wang, D.C.'  6 
# 
_citation.id                        primary 
_citation.title                     
;Structural Mechanism Governing the Quaternary Organization of Monocot Mannose-binding Lectin Revealed by the Novel Monomeric Structure of an Orchid Lectin
;
_citation.journal_abbrev            J.Biol.Chem. 
_citation.journal_volume            280 
_citation.page_first                14865 
_citation.page_last                 14876 
_citation.year                      2005 
_citation.journal_id_ASTM           JBCHA3 
_citation.country                   US 
_citation.journal_id_ISSN           0021-9258 
_citation.journal_id_CSD            0071 
_citation.book_publisher            ? 
_citation.pdbx_database_id_PubMed   15649901 
_citation.pdbx_database_id_DOI      10.1074/jbc.M411634200 
# 
loop_
_citation_author.citation_id 
_citation_author.name 
_citation_author.ordinal 
_citation_author.identifier_ORCID 
primary 'Liu, W.'     1 ? 
primary 'Yang, N.'    2 ? 
primary 'Ding, J.'    3 ? 
primary 'Huang, R.H.' 4 ? 
primary 'Hu, Z.'      5 ? 
primary 'Wang, D.C.'  6 ? 
# 
loop_
_entity.id 
_entity.type 
_entity.src_method 
_entity.pdbx_description 
_entity.formula_weight 
_entity.pdbx_number_of_molecules 
_entity.pdbx_ec 
_entity.pdbx_mutation 
_entity.pdbx_fragment 
_entity.details 
1 polymer     nat gastrodianin-4 12249.534 1  ? ? ? ? 
2 non-polymer syn 'SULFATE ION'  96.063    1  ? ? ? ? 
3 water       nat water          18.015    43 ? ? ? ? 
# 
_entity_poly.entity_id                      1 
_entity_poly.type                           'polypeptide(L)' 
_entity_poly.nstd_linkage                   no 
_entity_poly.nstd_monomer                   no 
_entity_poly.pdbx_seq_one_letter_code       
;SDRLNAGKSLGAGGSLAEGPYLFIMQNDCNLVLYDNNRAVWASGTNGKASNCILKMQRDGNLVIYSGSRAMWASNTNRQD
GNYYLILQRDRNVVIYDNSNNAIWASGTNVGN
;
_entity_poly.pdbx_seq_one_letter_code_can   
;SDRLNAGKSLGAGGSLAEGPYLFIMQNDCNLVLYDNNRAVWASGTNGKASNCILKMQRDGNLVIYSGSRAMWASNTNRQD
GNYYLILQRDRNVVIYDNSNNAIWASGTNVGN
;
_entity_poly.pdbx_strand_id                 A 
_entity_poly.pdbx_target_identifier         ? 
# 
loop_
_pdbx_entity_nonpoly.entity_id 
_pdbx_entity_nonpoly.name 
_pdbx_entity_nonpoly.comp_id 
2 'SULFATE ION' SO4 
3 water         HOH 
# 
loop_
_entity_poly_seq.entity_id 
_entity_poly_seq.num 
_entity_poly_seq.mon_id 
_entity_poly_seq.hetero 
1 1   SER n 
1 2   ASP n 
1 3   ARG n 
1 4   LEU n 
1 5   ASN n 
1 6   ALA n 
1 7   GLY n 
1 8   LYS n 
1 9   SER n 
1 10  LEU n 
1 11  GLY n 
1 12  ALA n 
1 13  GLY n 
1 14  GLY n 
1 15  SER n 
1 16  LEU n 
1 17  ALA n 
1 18  GLU n 
1 19  GLY n 
1 20  PRO n 
1 21  TYR n 
1 22  LEU n 
1 23  PHE n 
1 24  ILE n 
1 25  MET n 
1 26  GLN n 
1 27  ASN n 
1 28  ASP n 
1 29  CYS n 
1 30  ASN n 
1 31  LEU n 
1 32  VAL n 
1 33  LEU n 
1 34  TYR n 
1 35  ASP n 
1 36  ASN n 
1 37  ASN n 
1 38  ARG n 
1 39  ALA n 
1 40  VAL n 
1 41  TRP n 
1 42  ALA n 
1 43  SER n 
1 44  GLY n 
1 45  THR n 
1 46  ASN n 
1 47  GLY n 
1 48  LYS n 
1 49  ALA n 
1 50  SER n 
1 51  ASN n 
1 52  CYS n 
1 53  ILE n 
1 54  LEU n 
1 55  LYS n 
1 56  MET n 
1 57  GLN n 
1 58  ARG n 
1 59  ASP n 
1 60  GLY n 
1 61  ASN n 
1 62  LEU n 
1 63  VAL n 
1 64  ILE n 
1 65  TYR n 
1 66  SER n 
1 67  GLY n 
1 68  SER n 
1 69  ARG n 
1 70  ALA n 
1 71  MET n 
1 72  TRP n 
1 73  ALA n 
1 74  SER n 
1 75  ASN n 
1 76  THR n 
1 77  ASN n 
1 78  ARG n 
1 79  GLN n 
1 80  ASP n 
1 81  GLY n 
1 82  ASN n 
1 83  TYR n 
1 84  TYR n 
1 85  LEU n 
1 86  ILE n 
1 87  LEU n 
1 88  GLN n 
1 89  ARG n 
1 90  ASP n 
1 91  ARG n 
1 92  ASN n 
1 93  VAL n 
1 94  VAL n 
1 95  ILE n 
1 96  TYR n 
1 97  ASP n 
1 98  ASN n 
1 99  SER n 
1 100 ASN n 
1 101 ASN n 
1 102 ALA n 
1 103 ILE n 
1 104 TRP n 
1 105 ALA n 
1 106 SER n 
1 107 GLY n 
1 108 THR n 
1 109 ASN n 
1 110 VAL n 
1 111 GLY n 
1 112 ASN n 
# 
_entity_src_nat.entity_id                  1 
_entity_src_nat.pdbx_src_id                1 
_entity_src_nat.pdbx_alt_source_flag       sample 
_entity_src_nat.pdbx_beg_seq_num           ? 
_entity_src_nat.pdbx_end_seq_num           ? 
_entity_src_nat.common_name                ? 
_entity_src_nat.pdbx_organism_scientific   'Gastrodia elata' 
_entity_src_nat.pdbx_ncbi_taxonomy_id      91201 
_entity_src_nat.genus                      Gastrodia 
_entity_src_nat.species                    ? 
_entity_src_nat.strain                     ? 
_entity_src_nat.tissue                     corms 
_entity_src_nat.tissue_fraction            ? 
_entity_src_nat.pdbx_secretion             ? 
_entity_src_nat.pdbx_fragment              ? 
_entity_src_nat.pdbx_variant               ? 
_entity_src_nat.pdbx_cell_line             ? 
_entity_src_nat.pdbx_atcc                  ? 
_entity_src_nat.pdbx_cellular_location     ? 
_entity_src_nat.pdbx_organ                 ? 
_entity_src_nat.pdbx_organelle             ? 
_entity_src_nat.pdbx_cell                  ? 
_entity_src_nat.pdbx_plasmid_name          ? 
_entity_src_nat.pdbx_plasmid_details       ? 
_entity_src_nat.details                    ? 
# 
loop_
_chem_comp.id 
_chem_comp.type 
_chem_comp.mon_nstd_flag 
_chem_comp.name 
_chem_comp.pdbx_synonyms 
_chem_comp.formula 
_chem_comp.formula_weight 
ALA 'L-peptide linking' y ALANINE         ? 'C3 H7 N O2'     89.093  
ARG 'L-peptide linking' y ARGININE        ? 'C6 H15 N4 O2 1' 175.209 
ASN 'L-peptide linking' y ASPARAGINE      ? 'C4 H8 N2 O3'    132.118 
ASP 'L-peptide linking' y 'ASPARTIC ACID' ? 'C4 H7 N O4'     133.103 
CYS 'L-peptide linking' y CYSTEINE        ? 'C3 H7 N O2 S'   121.158 
GLN 'L-peptide linking' y GLUTAMINE       ? 'C5 H10 N2 O3'   146.144 
GLU 'L-peptide linking' y 'GLUTAMIC ACID' ? 'C5 H9 N O4'     147.129 
GLY 'peptide linking'   y GLYCINE         ? 'C2 H5 N O2'     75.067  
HOH non-polymer         . WATER           ? 'H2 O'           18.015  
ILE 'L-peptide linking' y ISOLEUCINE      ? 'C6 H13 N O2'    131.173 
LEU 'L-peptide linking' y LEUCINE         ? 'C6 H13 N O2'    131.173 
LYS 'L-peptide linking' y LYSINE          ? 'C6 H15 N2 O2 1' 147.195 
MET 'L-peptide linking' y METHIONINE      ? 'C5 H11 N O2 S'  149.211 
PHE 'L-peptide linking' y PHENYLALANINE   ? 'C9 H11 N O2'    165.189 
PRO 'L-peptide linking' y PROLINE         ? 'C5 H9 N O2'     115.130 
SER 'L-peptide linking' y SERINE          ? 'C3 H7 N O3'     105.093 
SO4 non-polymer         . 'SULFATE ION'   ? 'O4 S -2'        96.063  
THR 'L-peptide linking' y THREONINE       ? 'C4 H9 N O3'     119.119 
TRP 'L-peptide linking' y TRYPTOPHAN      ? 'C11 H12 N2 O2'  204.225 
TYR 'L-peptide linking' y TYROSINE        ? 'C9 H11 N O3'    181.189 
VAL 'L-peptide linking' y VALINE          ? 'C5 H11 N O2'    117.146 
# 
loop_
_pdbx_poly_seq_scheme.asym_id 
_pdbx_poly_seq_scheme.entity_id 
_pdbx_poly_seq_scheme.seq_id 
_pdbx_poly_seq_scheme.mon_id 
_pdbx_poly_seq_scheme.ndb_seq_num 
_pdbx_poly_seq_scheme.pdb_seq_num 
_pdbx_poly_seq_scheme.auth_seq_num 
_pdbx_poly_seq_scheme.pdb_mon_id 
_pdbx_poly_seq_scheme.auth_mon_id 
_pdbx_poly_seq_scheme.pdb_strand_id 
_pdbx_poly_seq_scheme.pdb_ins_code 
_pdbx_poly_seq_scheme.hetero 
A 1 1   SER 1   1   1   SER SER A . n 
A 1 2   ASP 2   2   2   ASP ASP A . n 
A 1 3   ARG 3   3   3   ARG ARG A . n 
A 1 4   LEU 4   4   4   LEU LEU A . n 
A 1 5   ASN 5   5   5   ASN ASN A . n 
A 1 6   ALA 6   6   6   ALA ALA A . n 
A 1 7   GLY 7   7   7   GLY GLY A . n 
A 1 8   LYS 8   8   8   LYS LYS A . n 
A 1 9   SER 9   9   9   SER SER A . n 
A 1 10  LEU 10  10  10  LEU LEU A . n 
A 1 11  GLY 11  11  11  GLY GLY A . n 
A 1 12  ALA 12  12  12  ALA ALA A . n 
A 1 13  GLY 13  13  13  GLY GLY A . n 
A 1 14  GLY 14  14  14  GLY GLY A . n 
A 1 15  SER 15  15  15  SER SER A . n 
A 1 16  LEU 16  16  16  LEU LEU A . n 
A 1 17  ALA 17  17  17  ALA ALA A . n 
A 1 18  GLU 18  18  18  GLU GLU A . n 
A 1 19  GLY 19  19  19  GLY GLY A . n 
A 1 20  PRO 20  20  20  PRO PRO A . n 
A 1 21  TYR 21  21  21  TYR TYR A . n 
A 1 22  LEU 22  22  22  LEU LEU A . n 
A 1 23  PHE 23  23  23  PHE PHE A . n 
A 1 24  ILE 24  24  24  ILE ILE A . n 
A 1 25  MET 25  25  25  MET MET A . n 
A 1 26  GLN 26  26  26  GLN GLN A . n 
A 1 27  ASN 27  27  27  ASN ASN A . n 
A 1 28  ASP 28  28  28  ASP ASP A . n 
A 1 29  CYS 29  29  29  CYS CYS A . n 
A 1 30  ASN 30  30  30  ASN ASN A . n 
A 1 31  LEU 31  31  31  LEU LEU A . n 
A 1 32  VAL 32  32  32  VAL VAL A . n 
A 1 33  LEU 33  33  33  LEU LEU A . n 
A 1 34  TYR 34  34  34  TYR TYR A . n 
A 1 35  ASP 35  35  35  ASP ASP A . n 
A 1 36  ASN 36  36  36  ASN ASN A . n 
A 1 37  ASN 37  37  37  ASN ASN A . n 
A 1 38  ARG 38  38  38  ARG ARG A . n 
A 1 39  ALA 39  39  39  ALA ALA A . n 
A 1 40  VAL 40  40  40  VAL VAL A . n 
A 1 41  TRP 41  41  41  TRP TRP A . n 
A 1 42  ALA 42  42  42  ALA ALA A . n 
A 1 43  SER 43  43  43  SER SER A . n 
A 1 44  GLY 44  44  44  GLY GLY A . n 
A 1 45  THR 45  45  45  THR THR A . n 
A 1 46  ASN 46  46  46  ASN ASN A . n 
A 1 47  GLY 47  47  47  GLY GLY A . n 
A 1 48  LYS 48  48  48  LYS LYS A . n 
A 1 49  ALA 49  49  49  ALA ALA A . n 
A 1 50  SER 50  50  50  SER SER A . n 
A 1 51  ASN 51  51  51  ASN ASN A . n 
A 1 52  CYS 52  52  52  CYS CYS A . n 
A 1 53  ILE 53  53  53  ILE ILE A . n 
A 1 54  LEU 54  54  54  LEU LEU A . n 
A 1 55  LYS 55  55  55  LYS LYS A . n 
A 1 56  MET 56  56  56  MET MET A . n 
A 1 57  GLN 57  57  57  GLN GLN A . n 
A 1 58  ARG 58  58  58  ARG ARG A . n 
A 1 59  ASP 59  59  59  ASP ASP A . n 
A 1 60  GLY 60  60  60  GLY GLY A . n 
A 1 61  ASN 61  61  61  ASN ASN A . n 
A 1 62  LEU 62  62  62  LEU LEU A . n 
A 1 63  VAL 63  63  63  VAL VAL A . n 
A 1 64  ILE 64  64  64  ILE ILE A . n 
A 1 65  TYR 65  65  65  TYR TYR A . n 
A 1 66  SER 66  66  66  SER SER A . n 
A 1 67  GLY 67  67  67  GLY GLY A . n 
A 1 68  SER 68  68  68  SER SER A . n 
A 1 69  ARG 69  69  69  ARG ARG A . n 
A 1 70  ALA 70  70  70  ALA ALA A . n 
A 1 71  MET 71  71  71  MET MET A . n 
A 1 72  TRP 72  72  72  TRP TRP A . n 
A 1 73  ALA 73  73  73  ALA ALA A . n 
A 1 74  SER 74  74  74  SER SER A . n 
A 1 75  ASN 75  75  75  ASN ASN A . n 
A 1 76  THR 76  76  76  THR THR A . n 
A 1 77  ASN 77  77  77  ASN ASN A . n 
A 1 78  ARG 78  78  78  ARG ARG A . n 
A 1 79  GLN 79  79  79  GLN GLN A . n 
A 1 80  ASP 80  80  80  ASP ASP A . n 
A 1 81  GLY 81  81  81  GLY GLY A . n 
A 1 82  ASN 82  82  82  ASN ASN A . n 
A 1 83  TYR 83  83  83  TYR TYR A . n 
A 1 84  TYR 84  84  84  TYR TYR A . n 
A 1 85  LEU 85  85  85  LEU LEU A . n 
A 1 86  ILE 86  86  86  ILE ILE A . n 
A 1 87  LEU 87  87  87  LEU LEU A . n 
A 1 88  GLN 88  88  88  GLN GLN A . n 
A 1 89  ARG 89  89  89  ARG ARG A . n 
A 1 90  ASP 90  90  90  ASP ASP A . n 
A 1 91  ARG 91  91  91  ARG ARG A . n 
A 1 92  ASN 92  92  92  ASN ASN A . n 
A 1 93  VAL 93  93  93  VAL VAL A . n 
A 1 94  VAL 94  94  94  VAL VAL A . n 
A 1 95  ILE 95  95  95  ILE ILE A . n 
A 1 96  TYR 96  96  96  TYR TYR A . n 
A 1 97  ASP 97  97  97  ASP ASP A . n 
A 1 98  ASN 98  98  98  ASN ASN A . n 
A 1 99  SER 99  99  99  SER SER A . n 
A 1 100 ASN 100 100 100 ASN ASN A . n 
A 1 101 ASN 101 101 101 ASN ASN A . n 
A 1 102 ALA 102 102 102 ALA ALA A . n 
A 1 103 ILE 103 103 103 ILE ILE A . n 
A 1 104 TRP 104 104 104 TRP TRP A . n 
A 1 105 ALA 105 105 105 ALA ALA A . n 
A 1 106 SER 106 106 106 SER SER A . n 
A 1 107 GLY 107 107 107 GLY GLY A . n 
A 1 108 THR 108 108 108 THR THR A . n 
A 1 109 ASN 109 109 109 ASN ASN A . n 
A 1 110 VAL 110 110 110 VAL VAL A . n 
A 1 111 GLY 111 111 ?   ?   ?   A . n 
A 1 112 ASN 112 112 ?   ?   ?   A . n 
# 
loop_
_pdbx_nonpoly_scheme.asym_id 
_pdbx_nonpoly_scheme.entity_id 
_pdbx_nonpoly_scheme.mon_id 
_pdbx_nonpoly_scheme.ndb_seq_num 
_pdbx_nonpoly_scheme.pdb_seq_num 
_pdbx_nonpoly_scheme.auth_seq_num 
_pdbx_nonpoly_scheme.pdb_mon_id 
_pdbx_nonpoly_scheme.auth_mon_id 
_pdbx_nonpoly_scheme.pdb_strand_id 
_pdbx_nonpoly_scheme.pdb_ins_code 
B 2 SO4 1  1001 1001 SO4 SO4 A . 
C 3 HOH 1  1002 1    HOH HOH A . 
C 3 HOH 2  1003 2    HOH HOH A . 
C 3 HOH 3  1004 3    HOH HOH A . 
C 3 HOH 4  1005 4    HOH HOH A . 
C 3 HOH 5  1006 5    HOH HOH A . 
C 3 HOH 6  1007 6    HOH HOH A . 
C 3 HOH 7  1008 7    HOH HOH A . 
C 3 HOH 8  1009 8    HOH HOH A . 
C 3 HOH 9  1010 9    HOH HOH A . 
C 3 HOH 10 1011 10   HOH HOH A . 
C 3 HOH 11 1012 11   HOH HOH A . 
C 3 HOH 12 1013 12   HOH HOH A . 
C 3 HOH 13 1014 13   HOH HOH A . 
C 3 HOH 14 1015 14   HOH HOH A . 
C 3 HOH 15 1016 15   HOH HOH A . 
C 3 HOH 16 1017 16   HOH HOH A . 
C 3 HOH 17 1018 17   HOH HOH A . 
C 3 HOH 18 1019 18   HOH HOH A . 
C 3 HOH 19 1020 19   HOH HOH A . 
C 3 HOH 20 1021 20   HOH HOH A . 
C 3 HOH 21 1022 21   HOH HOH A . 
C 3 HOH 22 1023 22   HOH HOH A . 
C 3 HOH 23 1024 23   HOH HOH A . 
C 3 HOH 24 1025 24   HOH HOH A . 
C 3 HOH 25 1026 25   HOH HOH A . 
C 3 HOH 26 1027 26   HOH HOH A . 
C 3 HOH 27 1028 27   HOH HOH A . 
C 3 HOH 28 1029 28   HOH HOH A . 
C 3 HOH 29 1030 29   HOH HOH A . 
C 3 HOH 30 1031 30   HOH HOH A . 
C 3 HOH 31 1032 31   HOH HOH A . 
C 3 HOH 32 1033 32   HOH HOH A . 
C 3 HOH 33 1034 33   HOH HOH A . 
C 3 HOH 34 1035 34   HOH HOH A . 
C 3 HOH 35 1036 35   HOH HOH A . 
C 3 HOH 36 1037 36   HOH HOH A . 
C 3 HOH 37 1038 37   HOH HOH A . 
C 3 HOH 38 1039 38   HOH HOH A . 
C 3 HOH 39 1040 39   HOH HOH A . 
C 3 HOH 40 1041 40   HOH HOH A . 
C 3 HOH 41 1042 41   HOH HOH A . 
C 3 HOH 42 1043 42   HOH HOH A . 
C 3 HOH 43 1044 43   HOH HOH A . 
# 
loop_
_software.name 
_software.classification 
_software.version 
_software.citation_id 
_software.pdbx_ordinal 
REFMAC    refinement       5.1.24 ? 1 
DENZO     'data reduction' .      ? 2 
SCALEPACK 'data scaling'   .      ? 3 
AMoRE     phasing          .      ? 4 
# 
_cell.entry_id           1XD6 
_cell.length_a           78.070 
_cell.length_b           97.480 
_cell.length_c           36.120 
_cell.angle_alpha        90.00 
_cell.angle_beta         90.00 
_cell.angle_gamma        90.00 
_cell.Z_PDB              8 
_cell.pdbx_unique_axis   ? 
# 
_symmetry.entry_id                         1XD6 
_symmetry.space_group_name_H-M             'C 2 2 21' 
_symmetry.pdbx_full_space_group_name_H-M   ? 
_symmetry.cell_setting                     ? 
_symmetry.Int_Tables_number                20 
_symmetry.space_group_name_Hall            ? 
# 
_exptl.entry_id          1XD6 
_exptl.method            'X-RAY DIFFRACTION' 
_exptl.crystals_number   1 
# 
_exptl_crystal.id                    1 
_exptl_crystal.density_meas          ? 
_exptl_crystal.density_Matthews      2.88 
_exptl_crystal.density_percent_sol   56.97 
_exptl_crystal.description           ? 
_exptl_crystal.F_000                 ? 
_exptl_crystal.preparation           ? 
# 
_exptl_crystal_grow.crystal_id      1 
_exptl_crystal_grow.method          'VAPOR DIFFUSION, HANGING DROP' 
_exptl_crystal_grow.temp            277.0 
_exptl_crystal_grow.temp_details    ? 
_exptl_crystal_grow.pH              6.5 
_exptl_crystal_grow.pdbx_details    'ammonium sulfate, MPD, MES, pH 6.5, VAPOR DIFFUSION, HANGING DROP, temperature 277.0K' 
_exptl_crystal_grow.pdbx_pH_range   . 
# 
_diffrn.id                     1 
_diffrn.ambient_temp           298.0 
_diffrn.ambient_temp_details   ? 
_diffrn.crystal_id             1 
# 
_diffrn_detector.diffrn_id              1 
_diffrn_detector.detector               DIFFRACTOMETER 
_diffrn_detector.type                   WEISSENBERG 
_diffrn_detector.pdbx_collection_date   2001-04-15 
_diffrn_detector.details                ? 
# 
_diffrn_radiation.diffrn_id                        1 
_diffrn_radiation.wavelength_id                    1 
_diffrn_radiation.pdbx_monochromatic_or_laue_m_l   M 
_diffrn_radiation.monochromator                    'Silicon crystal (111)' 
_diffrn_radiation.pdbx_diffrn_protocol             'SINGLE WAVELENGTH' 
_diffrn_radiation.pdbx_scattering_type             x-ray 
# 
_diffrn_radiation_wavelength.id           1 
_diffrn_radiation_wavelength.wavelength   0.98 
_diffrn_radiation_wavelength.wt           1.0 
# 
_diffrn_source.diffrn_id                   1 
_diffrn_source.source                      SYNCHROTRON 
_diffrn_source.type                        'PHOTON FACTORY BEAMLINE BL-6B' 
_diffrn_source.pdbx_synchrotron_site       'Photon Factory' 
_diffrn_source.pdbx_synchrotron_beamline   BL-6B 
_diffrn_source.pdbx_wavelength             ? 
_diffrn_source.pdbx_wavelength_list        0.98 
# 
_reflns.entry_id                     1XD6 
_reflns.observed_criterion_sigma_F   0.0 
_reflns.observed_criterion_sigma_I   -3.0 
_reflns.d_resolution_high            2.0 
_reflns.d_resolution_low             18.93 
_reflns.number_all                   9647 
_reflns.number_obs                   9217 
_reflns.percent_possible_obs         95.5 
_reflns.pdbx_Rmerge_I_obs            ? 
_reflns.pdbx_Rsym_value              0.067 
_reflns.pdbx_netI_over_sigmaI        7.1 
_reflns.B_iso_Wilson_estimate        ? 
_reflns.pdbx_redundancy              ? 
_reflns.R_free_details               ? 
_reflns.limit_h_max                  ? 
_reflns.limit_h_min                  ? 
_reflns.limit_k_max                  ? 
_reflns.limit_k_min                  ? 
_reflns.limit_l_max                  ? 
_reflns.limit_l_min                  ? 
_reflns.observed_criterion_F_max     ? 
_reflns.observed_criterion_F_min     ? 
_reflns.pdbx_chi_squared             ? 
_reflns.pdbx_scaling_rejects         ? 
_reflns.pdbx_diffrn_id               1 
_reflns.pdbx_ordinal                 1 
# 
_reflns_shell.d_res_high             2.0 
_reflns_shell.d_res_low              2.07 
_reflns_shell.percent_possible_all   91.4 
_reflns_shell.Rmerge_I_obs           ? 
_reflns_shell.pdbx_Rsym_value        ? 
_reflns_shell.meanI_over_sigI_obs    ? 
_reflns_shell.pdbx_redundancy        ? 
_reflns_shell.percent_possible_obs   ? 
_reflns_shell.number_unique_all      ? 
_reflns_shell.number_measured_all    ? 
_reflns_shell.number_measured_obs    ? 
_reflns_shell.number_unique_obs      ? 
_reflns_shell.pdbx_chi_squared       ? 
_reflns_shell.pdbx_diffrn_id         ? 
_reflns_shell.pdbx_ordinal           1 
# 
_refine.entry_id                                 1XD6 
_refine.ls_number_reflns_obs                     8143 
_refine.ls_number_reflns_all                     9092 
_refine.pdbx_ls_sigma_I                          ? 
_refine.pdbx_ls_sigma_F                          2.0 
_refine.pdbx_data_cutoff_high_absF               ? 
_refine.pdbx_data_cutoff_low_absF                ? 
_refine.pdbx_data_cutoff_high_rms_absF           ? 
_refine.ls_d_res_low                             18.93 
_refine.ls_d_res_high                            2.00 
_refine.ls_percent_reflns_obs                    100.00 
_refine.ls_R_factor_obs                          0.20267 
_refine.ls_R_factor_all                          0.218 
_refine.ls_R_factor_R_work                       0.19856 
_refine.ls_R_factor_R_free                       0.23829 
_refine.ls_R_factor_R_free_error                 ? 
_refine.ls_R_factor_R_free_error_details         ? 
_refine.ls_percent_reflns_R_free                 10.4 
_refine.ls_number_reflns_R_free                  948 
_refine.ls_number_parameters                     ? 
_refine.ls_number_restraints                     ? 
_refine.occupancy_min                            ? 
_refine.occupancy_max                            ? 
_refine.correlation_coeff_Fo_to_Fc               0.932 
_refine.correlation_coeff_Fo_to_Fc_free          0.892 
_refine.B_iso_mean                               25.504 
_refine.aniso_B[1][1]                            1.55 
_refine.aniso_B[2][2]                            -0.80 
_refine.aniso_B[3][3]                            -0.75 
_refine.aniso_B[1][2]                            0.00 
_refine.aniso_B[1][3]                            0.00 
_refine.aniso_B[2][3]                            0.00 
_refine.solvent_model_details                    'BABINET MODEL WITH MASK' 
_refine.solvent_model_param_ksol                 ? 
_refine.solvent_model_param_bsol                 ? 
_refine.pdbx_solvent_vdw_probe_radii             1.40 
_refine.pdbx_solvent_ion_probe_radii             0.80 
_refine.pdbx_solvent_shrinkage_radii             0.80 
_refine.pdbx_ls_cross_valid_method               THROUGHOUT 
_refine.details                                  ? 
_refine.pdbx_starting_model                      ? 
_refine.pdbx_method_to_determine_struct          'MOLECULAR REPLACEMENT' 
_refine.pdbx_isotropic_thermal_model             ? 
_refine.pdbx_stereochemistry_target_values       'MAXIMUM LIKELIHOOD' 
_refine.pdbx_stereochem_target_val_spec_case     ? 
_refine.pdbx_R_Free_selection_details            RANDOM 
_refine.pdbx_overall_ESU_R                       0.182 
_refine.pdbx_overall_ESU_R_Free                  0.164 
_refine.overall_SU_ML                            0.122 
_refine.overall_SU_B                             4.530 
_refine.ls_redundancy_reflns_obs                 ? 
_refine.B_iso_min                                ? 
_refine.B_iso_max                                ? 
_refine.overall_SU_R_Cruickshank_DPI             ? 
_refine.overall_SU_R_free                        ? 
_refine.ls_wR_factor_R_free                      ? 
_refine.ls_wR_factor_R_work                      ? 
_refine.overall_FOM_free_R_set                   ? 
_refine.overall_FOM_work_R_set                   ? 
_refine.pdbx_refine_id                           'X-RAY DIFFRACTION' 
_refine.pdbx_diffrn_id                           1 
_refine.pdbx_TLS_residual_ADP_flag               ? 
_refine.pdbx_overall_phase_error                 ? 
_refine.pdbx_overall_SU_R_free_Cruickshank_DPI   ? 
_refine.pdbx_overall_SU_R_Blow_DPI               ? 
_refine.pdbx_overall_SU_R_free_Blow_DPI          ? 
# 
_refine_hist.pdbx_refine_id                   'X-RAY DIFFRACTION' 
_refine_hist.cycle_id                         LAST 
_refine_hist.pdbx_number_atoms_protein        846 
_refine_hist.pdbx_number_atoms_nucleic_acid   0 
_refine_hist.pdbx_number_atoms_ligand         5 
_refine_hist.number_atoms_solvent             43 
_refine_hist.number_atoms_total               894 
_refine_hist.d_res_high                       2.00 
_refine_hist.d_res_low                        18.93 
# 
loop_
_refine_ls_restr.type 
_refine_ls_restr.dev_ideal 
_refine_ls_restr.dev_ideal_target 
_refine_ls_restr.weight 
_refine_ls_restr.number 
_refine_ls_restr.pdbx_refine_id 
_refine_ls_restr.pdbx_restraint_function 
r_bond_refined_d         0.010 0.021 ? 865  'X-RAY DIFFRACTION' ? 
r_bond_other_d           ?     ?     ? ?    'X-RAY DIFFRACTION' ? 
r_angle_refined_deg      1.297 1.929 ? 1172 'X-RAY DIFFRACTION' ? 
r_angle_other_deg        ?     ?     ? ?    'X-RAY DIFFRACTION' ? 
r_dihedral_angle_1_deg   6.215 5.000 ? 109  'X-RAY DIFFRACTION' ? 
r_dihedral_angle_2_deg   ?     ?     ? ?    'X-RAY DIFFRACTION' ? 
r_dihedral_angle_3_deg   ?     ?     ? ?    'X-RAY DIFFRACTION' ? 
r_dihedral_angle_4_deg   ?     ?     ? ?    'X-RAY DIFFRACTION' ? 
r_chiral_restr           0.096 0.200 ? 124  'X-RAY DIFFRACTION' ? 
r_gen_planes_refined     0.004 0.020 ? 676  'X-RAY DIFFRACTION' ? 
r_gen_planes_other       ?     ?     ? ?    'X-RAY DIFFRACTION' ? 
r_nbd_refined            0.198 0.200 ? 329  'X-RAY DIFFRACTION' ? 
r_nbd_other              ?     ?     ? ?    'X-RAY DIFFRACTION' ? 
r_nbtor_refined          ?     ?     ? ?    'X-RAY DIFFRACTION' ? 
r_nbtor_other            ?     ?     ? ?    'X-RAY DIFFRACTION' ? 
r_xyhbond_nbd_refined    0.132 0.200 ? 39   'X-RAY DIFFRACTION' ? 
r_xyhbond_nbd_other      ?     ?     ? ?    'X-RAY DIFFRACTION' ? 
r_metal_ion_refined      ?     ?     ? ?    'X-RAY DIFFRACTION' ? 
r_metal_ion_other        ?     ?     ? ?    'X-RAY DIFFRACTION' ? 
r_symmetry_vdw_refined   0.235 0.200 ? 38   'X-RAY DIFFRACTION' ? 
r_symmetry_vdw_other     ?     ?     ? ?    'X-RAY DIFFRACTION' ? 
r_symmetry_hbond_refined 0.460 0.200 ? 10   'X-RAY DIFFRACTION' ? 
r_symmetry_hbond_other   ?     ?     ? ?    'X-RAY DIFFRACTION' ? 
r_mcbond_it              0.800 1.500 ? 540  'X-RAY DIFFRACTION' ? 
r_mcbond_other           ?     ?     ? ?    'X-RAY DIFFRACTION' ? 
r_mcangle_it             1.495 2.000 ? 853  'X-RAY DIFFRACTION' ? 
r_scbond_it              1.959 3.000 ? 325  'X-RAY DIFFRACTION' ? 
r_scangle_it             3.137 4.500 ? 319  'X-RAY DIFFRACTION' ? 
r_rigid_bond_restr       ?     ?     ? ?    'X-RAY DIFFRACTION' ? 
r_sphericity_free        ?     ?     ? ?    'X-RAY DIFFRACTION' ? 
r_sphericity_bonded      ?     ?     ? ?    'X-RAY DIFFRACTION' ? 
# 
_refine_ls_shell.pdbx_total_number_of_bins_used   20 
_refine_ls_shell.d_res_high                       2.000 
_refine_ls_shell.d_res_low                        2.051 
_refine_ls_shell.number_reflns_R_work             532 
_refine_ls_shell.R_factor_R_work                  0.246 
_refine_ls_shell.percent_reflns_obs               ? 
_refine_ls_shell.R_factor_R_free                  0.296 
_refine_ls_shell.R_factor_R_free_error            ? 
_refine_ls_shell.percent_reflns_R_free            ? 
_refine_ls_shell.number_reflns_R_free             65 
_refine_ls_shell.number_reflns_obs                ? 
_refine_ls_shell.redundancy_reflns_obs            ? 
_refine_ls_shell.number_reflns_all                ? 
_refine_ls_shell.pdbx_refine_id                   'X-RAY DIFFRACTION' 
_refine_ls_shell.R_factor_all                     ? 
# 
_struct.entry_id                  1XD6 
_struct.title                     'Crystal structures of novel monomeric monocot mannose-binding lectins from Gastrodia elata' 
_struct.pdbx_model_details        ? 
_struct.pdbx_CASP_flag            ? 
_struct.pdbx_model_type_details   ? 
# 
_struct_keywords.entry_id        1XD6 
_struct_keywords.pdbx_keywords   'ANTIFUNGAL PROTEIN' 
_struct_keywords.text            'monocot mannose-binding lectin, monomer, homogeneous beta-sheet, antifungal protein' 
# 
loop_
_struct_asym.id 
_struct_asym.pdbx_blank_PDB_chainid_flag 
_struct_asym.pdbx_modified 
_struct_asym.entity_id 
_struct_asym.details 
A N N 1 ? 
B N N 2 ? 
C N N 3 ? 
# 
_struct_ref.id                         1 
_struct_ref.entity_id                  1 
_struct_ref.db_name                    UNP 
_struct_ref.db_code                    Q1M0Y9_9ASPA 
_struct_ref.pdbx_db_accession          Q1M0Y9 
_struct_ref.pdbx_db_isoform            ? 
_struct_ref.pdbx_seq_one_letter_code   ? 
_struct_ref.pdbx_align_begin           ? 
# 
_struct_ref_seq.align_id                      1 
_struct_ref_seq.ref_id                        1 
_struct_ref_seq.pdbx_PDB_id_code              1XD6 
_struct_ref_seq.pdbx_strand_id                A 
_struct_ref_seq.seq_align_beg                 1 
_struct_ref_seq.pdbx_seq_align_beg_ins_code   ? 
_struct_ref_seq.seq_align_end                 112 
_struct_ref_seq.pdbx_seq_align_end_ins_code   ? 
_struct_ref_seq.pdbx_db_accession             Q1M0Y9 
_struct_ref_seq.db_align_beg                  29 
_struct_ref_seq.pdbx_db_align_beg_ins_code    ? 
_struct_ref_seq.db_align_end                  140 
_struct_ref_seq.pdbx_db_align_end_ins_code    ? 
_struct_ref_seq.pdbx_auth_seq_align_beg       1 
_struct_ref_seq.pdbx_auth_seq_align_end       112 
# 
_pdbx_struct_assembly.id                   1 
_pdbx_struct_assembly.details              author_defined_assembly 
_pdbx_struct_assembly.method_details       ? 
_pdbx_struct_assembly.oligomeric_details   monomeric 
_pdbx_struct_assembly.oligomeric_count     1 
# 
_pdbx_struct_assembly_gen.assembly_id       1 
_pdbx_struct_assembly_gen.oper_expression   1 
_pdbx_struct_assembly_gen.asym_id_list      A,B,C 
# 
_pdbx_struct_oper_list.id                   1 
_pdbx_struct_oper_list.type                 'identity operation' 
_pdbx_struct_oper_list.name                 1_555 
_pdbx_struct_oper_list.symmetry_operation   x,y,z 
_pdbx_struct_oper_list.matrix[1][1]         1.0000000000 
_pdbx_struct_oper_list.matrix[1][2]         0.0000000000 
_pdbx_struct_oper_list.matrix[1][3]         0.0000000000 
_pdbx_struct_oper_list.vector[1]            0.0000000000 
_pdbx_struct_oper_list.matrix[2][1]         0.0000000000 
_pdbx_struct_oper_list.matrix[2][2]         1.0000000000 
_pdbx_struct_oper_list.matrix[2][3]         0.0000000000 
_pdbx_struct_oper_list.vector[2]            0.0000000000 
_pdbx_struct_oper_list.matrix[3][1]         0.0000000000 
_pdbx_struct_oper_list.matrix[3][2]         0.0000000000 
_pdbx_struct_oper_list.matrix[3][3]         1.0000000000 
_pdbx_struct_oper_list.vector[3]            0.0000000000 
# 
_struct_biol.id                    1 
_struct_biol.pdbx_parent_biol_id   ? 
_struct_biol.details               ? 
# 
_struct_conn.id                            disulf1 
_struct_conn.conn_type_id                  disulf 
_struct_conn.pdbx_leaving_atom_flag        ? 
_struct_conn.pdbx_PDB_id                   ? 
_struct_conn.ptnr1_label_asym_id           A 
_struct_conn.ptnr1_label_comp_id           CYS 
_struct_conn.ptnr1_label_seq_id            29 
_struct_conn.ptnr1_label_atom_id           SG 
_struct_conn.pdbx_ptnr1_label_alt_id       ? 
_struct_conn.pdbx_ptnr1_PDB_ins_code       ? 
_struct_conn.pdbx_ptnr1_standard_comp_id   ? 
_struct_conn.ptnr1_symmetry                1_555 
_struct_conn.ptnr2_label_asym_id           A 
_struct_conn.ptnr2_label_comp_id           CYS 
_struct_conn.ptnr2_label_seq_id            52 
_struct_conn.ptnr2_label_atom_id           SG 
_struct_conn.pdbx_ptnr2_label_alt_id       ? 
_struct_conn.pdbx_ptnr2_PDB_ins_code       ? 
_struct_conn.ptnr1_auth_asym_id            A 
_struct_conn.ptnr1_auth_comp_id            CYS 
_struct_conn.ptnr1_auth_seq_id             29 
_struct_conn.ptnr2_auth_asym_id            A 
_struct_conn.ptnr2_auth_comp_id            CYS 
_struct_conn.ptnr2_auth_seq_id             52 
_struct_conn.ptnr2_symmetry                1_555 
_struct_conn.pdbx_ptnr3_label_atom_id      ? 
_struct_conn.pdbx_ptnr3_label_seq_id       ? 
_struct_conn.pdbx_ptnr3_label_comp_id      ? 
_struct_conn.pdbx_ptnr3_label_asym_id      ? 
_struct_conn.pdbx_ptnr3_label_alt_id       ? 
_struct_conn.pdbx_ptnr3_PDB_ins_code       ? 
_struct_conn.details                       ? 
_struct_conn.pdbx_dist_value               2.003 
_struct_conn.pdbx_value_order              ? 
_struct_conn.pdbx_role                     ? 
# 
_struct_conn_type.id          disulf 
_struct_conn_type.criteria    ? 
_struct_conn_type.reference   ? 
# 
_pdbx_modification_feature.ordinal                            1 
_pdbx_modification_feature.label_comp_id                      CYS 
_pdbx_modification_feature.label_asym_id                      A 
_pdbx_modification_feature.label_seq_id                       29 
_pdbx_modification_feature.label_alt_id                       ? 
_pdbx_modification_feature.modified_residue_label_comp_id     CYS 
_pdbx_modification_feature.modified_residue_label_asym_id     A 
_pdbx_modification_feature.modified_residue_label_seq_id      52 
_pdbx_modification_feature.modified_residue_label_alt_id      ? 
_pdbx_modification_feature.auth_comp_id                       CYS 
_pdbx_modification_feature.auth_asym_id                       A 
_pdbx_modification_feature.auth_seq_id                        29 
_pdbx_modification_feature.PDB_ins_code                       ? 
_pdbx_modification_feature.symmetry                           1_555 
_pdbx_modification_feature.modified_residue_auth_comp_id      CYS 
_pdbx_modification_feature.modified_residue_auth_asym_id      A 
_pdbx_modification_feature.modified_residue_auth_seq_id       52 
_pdbx_modification_feature.modified_residue_PDB_ins_code      ? 
_pdbx_modification_feature.modified_residue_symmetry          1_555 
_pdbx_modification_feature.comp_id_linking_atom               SG 
_pdbx_modification_feature.modified_residue_id_linking_atom   SG 
_pdbx_modification_feature.modified_residue_id                . 
_pdbx_modification_feature.ref_pcm_id                         . 
_pdbx_modification_feature.ref_comp_id                        . 
_pdbx_modification_feature.type                               None 
_pdbx_modification_feature.category                           'Disulfide bridge' 
# 
loop_
_struct_sheet.id 
_struct_sheet.type 
_struct_sheet.number_strands 
_struct_sheet.details 
A ? 4 ? 
B ? 4 ? 
C ? 4 ? 
# 
loop_
_struct_sheet_order.sheet_id 
_struct_sheet_order.range_id_1 
_struct_sheet_order.range_id_2 
_struct_sheet_order.offset 
_struct_sheet_order.sense 
A 1 2 ? anti-parallel 
A 2 3 ? anti-parallel 
A 3 4 ? anti-parallel 
B 1 2 ? anti-parallel 
B 2 3 ? anti-parallel 
B 3 4 ? anti-parallel 
C 1 2 ? anti-parallel 
C 2 3 ? anti-parallel 
C 3 4 ? anti-parallel 
# 
loop_
_struct_sheet_range.sheet_id 
_struct_sheet_range.id 
_struct_sheet_range.beg_label_comp_id 
_struct_sheet_range.beg_label_asym_id 
_struct_sheet_range.beg_label_seq_id 
_struct_sheet_range.pdbx_beg_PDB_ins_code 
_struct_sheet_range.end_label_comp_id 
_struct_sheet_range.end_label_asym_id 
_struct_sheet_range.end_label_seq_id 
_struct_sheet_range.pdbx_end_PDB_ins_code 
_struct_sheet_range.beg_auth_comp_id 
_struct_sheet_range.beg_auth_asym_id 
_struct_sheet_range.beg_auth_seq_id 
_struct_sheet_range.end_auth_comp_id 
_struct_sheet_range.end_auth_asym_id 
_struct_sheet_range.end_auth_seq_id 
A 1 ARG A 3   ? ASN A 5   ? ARG A 3   ASN A 5   
A 2 TYR A 84  ? LEU A 87  ? TYR A 84  LEU A 87  
A 3 VAL A 93  ? TYR A 96  ? VAL A 93  TYR A 96  
A 4 ALA A 102 ? ALA A 105 ? ALA A 102 ALA A 105 
B 1 SER A 9   ? LEU A 10  ? SER A 9   LEU A 10  
B 2 CYS A 52  ? MET A 56  ? CYS A 52  MET A 56  
B 3 LEU A 62  ? SER A 66  ? LEU A 62  SER A 66  
B 4 ARG A 69  ? ALA A 73  ? ARG A 69  ALA A 73  
C 1 SER A 15  ? GLU A 18  ? SER A 15  GLU A 18  
C 2 TYR A 21  ? MET A 25  ? TYR A 21  MET A 25  
C 3 LEU A 31  ? ASP A 35  ? LEU A 31  ASP A 35  
C 4 ARG A 38  ? ALA A 42  ? ARG A 38  ALA A 42  
# 
loop_
_pdbx_struct_sheet_hbond.sheet_id 
_pdbx_struct_sheet_hbond.range_id_1 
_pdbx_struct_sheet_hbond.range_id_2 
_pdbx_struct_sheet_hbond.range_1_label_atom_id 
_pdbx_struct_sheet_hbond.range_1_label_comp_id 
_pdbx_struct_sheet_hbond.range_1_label_asym_id 
_pdbx_struct_sheet_hbond.range_1_label_seq_id 
_pdbx_struct_sheet_hbond.range_1_PDB_ins_code 
_pdbx_struct_sheet_hbond.range_1_auth_atom_id 
_pdbx_struct_sheet_hbond.range_1_auth_comp_id 
_pdbx_struct_sheet_hbond.range_1_auth_asym_id 
_pdbx_struct_sheet_hbond.range_1_auth_seq_id 
_pdbx_struct_sheet_hbond.range_2_label_atom_id 
_pdbx_struct_sheet_hbond.range_2_label_comp_id 
_pdbx_struct_sheet_hbond.range_2_label_asym_id 
_pdbx_struct_sheet_hbond.range_2_label_seq_id 
_pdbx_struct_sheet_hbond.range_2_PDB_ins_code 
_pdbx_struct_sheet_hbond.range_2_auth_atom_id 
_pdbx_struct_sheet_hbond.range_2_auth_comp_id 
_pdbx_struct_sheet_hbond.range_2_auth_asym_id 
_pdbx_struct_sheet_hbond.range_2_auth_seq_id 
A 1 2 N LEU A 4  ? N LEU A 4  O LEU A 85  ? O LEU A 85  
A 2 3 N ILE A 86 ? N ILE A 86 O VAL A 94  ? O VAL A 94  
A 3 4 N ILE A 95 ? N ILE A 95 O ILE A 103 ? O ILE A 103 
B 1 2 N LEU A 10 ? N LEU A 10 O LEU A 54  ? O LEU A 54  
B 2 3 N LYS A 55 ? N LYS A 55 O VAL A 63  ? O VAL A 63  
B 3 4 N ILE A 64 ? N ILE A 64 O MET A 71  ? O MET A 71  
C 1 2 N LEU A 16 ? N LEU A 16 O PHE A 23  ? O PHE A 23  
C 2 3 N LEU A 22 ? N LEU A 22 O TYR A 34  ? O TYR A 34  
C 3 4 N ASP A 35 ? N ASP A 35 O ARG A 38  ? O ARG A 38  
# 
_struct_site.id                   AC1 
_struct_site.pdbx_evidence_code   Software 
_struct_site.pdbx_auth_asym_id    A 
_struct_site.pdbx_auth_comp_id    SO4 
_struct_site.pdbx_auth_seq_id     1001 
_struct_site.pdbx_auth_ins_code   ? 
_struct_site.pdbx_num_residues    4 
_struct_site.details              'BINDING SITE FOR RESIDUE SO4 A 1001' 
# 
loop_
_struct_site_gen.id 
_struct_site_gen.site_id 
_struct_site_gen.pdbx_num_res 
_struct_site_gen.label_comp_id 
_struct_site_gen.label_asym_id 
_struct_site_gen.label_seq_id 
_struct_site_gen.pdbx_auth_ins_code 
_struct_site_gen.auth_comp_id 
_struct_site_gen.auth_asym_id 
_struct_site_gen.auth_seq_id 
_struct_site_gen.label_atom_id 
_struct_site_gen.label_alt_id 
_struct_site_gen.symmetry 
_struct_site_gen.details 
1 AC1 4 GLY A 7  ? GLY A 7  . ? 1_555 ? 
2 AC1 4 LYS A 55 ? LYS A 55 . ? 1_555 ? 
3 AC1 4 ARG A 58 ? ARG A 58 . ? 1_555 ? 
4 AC1 4 ARG A 69 ? ARG A 69 . ? 4_555 ? 
# 
_pdbx_entry_details.entry_id                   1XD6 
_pdbx_entry_details.compound_details           ? 
_pdbx_entry_details.source_details             ? 
_pdbx_entry_details.nonpolymer_details         ? 
_pdbx_entry_details.sequence_details           ? 
_pdbx_entry_details.has_ligand_of_interest     ? 
_pdbx_entry_details.has_protein_modification   Y 
# 
_pdbx_validate_symm_contact.id                1 
_pdbx_validate_symm_contact.PDB_model_num     1 
_pdbx_validate_symm_contact.auth_atom_id_1    O 
_pdbx_validate_symm_contact.auth_asym_id_1    A 
_pdbx_validate_symm_contact.auth_comp_id_1    HOH 
_pdbx_validate_symm_contact.auth_seq_id_1     1036 
_pdbx_validate_symm_contact.PDB_ins_code_1    ? 
_pdbx_validate_symm_contact.label_alt_id_1    ? 
_pdbx_validate_symm_contact.site_symmetry_1   1_555 
_pdbx_validate_symm_contact.auth_atom_id_2    O 
_pdbx_validate_symm_contact.auth_asym_id_2    A 
_pdbx_validate_symm_contact.auth_comp_id_2    HOH 
_pdbx_validate_symm_contact.auth_seq_id_2     1036 
_pdbx_validate_symm_contact.PDB_ins_code_2    ? 
_pdbx_validate_symm_contact.label_alt_id_2    ? 
_pdbx_validate_symm_contact.site_symmetry_2   3_655 
_pdbx_validate_symm_contact.dist              1.46 
# 
_pdbx_validate_rmsd_angle.id                         1 
_pdbx_validate_rmsd_angle.PDB_model_num              1 
_pdbx_validate_rmsd_angle.auth_atom_id_1             CB 
_pdbx_validate_rmsd_angle.auth_asym_id_1             A 
_pdbx_validate_rmsd_angle.auth_comp_id_1             ASP 
_pdbx_validate_rmsd_angle.auth_seq_id_1              59 
_pdbx_validate_rmsd_angle.PDB_ins_code_1             ? 
_pdbx_validate_rmsd_angle.label_alt_id_1             ? 
_pdbx_validate_rmsd_angle.auth_atom_id_2             CG 
_pdbx_validate_rmsd_angle.auth_asym_id_2             A 
_pdbx_validate_rmsd_angle.auth_comp_id_2             ASP 
_pdbx_validate_rmsd_angle.auth_seq_id_2              59 
_pdbx_validate_rmsd_angle.PDB_ins_code_2             ? 
_pdbx_validate_rmsd_angle.label_alt_id_2             ? 
_pdbx_validate_rmsd_angle.auth_atom_id_3             OD2 
_pdbx_validate_rmsd_angle.auth_asym_id_3             A 
_pdbx_validate_rmsd_angle.auth_comp_id_3             ASP 
_pdbx_validate_rmsd_angle.auth_seq_id_3              59 
_pdbx_validate_rmsd_angle.PDB_ins_code_3             ? 
_pdbx_validate_rmsd_angle.label_alt_id_3             ? 
_pdbx_validate_rmsd_angle.angle_value                124.11 
_pdbx_validate_rmsd_angle.angle_target_value         118.30 
_pdbx_validate_rmsd_angle.angle_deviation            5.81 
_pdbx_validate_rmsd_angle.angle_standard_deviation   0.90 
_pdbx_validate_rmsd_angle.linker_flag                N 
# 
loop_
_pdbx_validate_torsion.id 
_pdbx_validate_torsion.PDB_model_num 
_pdbx_validate_torsion.auth_comp_id 
_pdbx_validate_torsion.auth_asym_id 
_pdbx_validate_torsion.auth_seq_id 
_pdbx_validate_torsion.PDB_ins_code 
_pdbx_validate_torsion.label_alt_id 
_pdbx_validate_torsion.phi 
_pdbx_validate_torsion.psi 
1 1 GLU A 18 ? ? -164.52 100.55  
2 1 ASN A 36 ? ? 57.82   -105.18 
3 1 ARG A 78 ? ? -136.41 -146.95 
4 1 ASN A 82 ? ? -117.31 58.64   
5 1 ARG A 91 ? ? 77.33   -2.77   
# 
loop_
_pdbx_unobs_or_zero_occ_residues.id 
_pdbx_unobs_or_zero_occ_residues.PDB_model_num 
_pdbx_unobs_or_zero_occ_residues.polymer_flag 
_pdbx_unobs_or_zero_occ_residues.occupancy_flag 
_pdbx_unobs_or_zero_occ_residues.auth_asym_id 
_pdbx_unobs_or_zero_occ_residues.auth_comp_id 
_pdbx_unobs_or_zero_occ_residues.auth_seq_id 
_pdbx_unobs_or_zero_occ_residues.PDB_ins_code 
_pdbx_unobs_or_zero_occ_residues.label_asym_id 
_pdbx_unobs_or_zero_occ_residues.label_comp_id 
_pdbx_unobs_or_zero_occ_residues.label_seq_id 
1 1 Y 1 A GLY 111 ? A GLY 111 
2 1 Y 1 A ASN 112 ? A ASN 112 
# 
loop_
_chem_comp_atom.comp_id 
_chem_comp_atom.atom_id 
_chem_comp_atom.type_symbol 
_chem_comp_atom.pdbx_aromatic_flag 
_chem_comp_atom.pdbx_stereo_config 
_chem_comp_atom.pdbx_ordinal 
ALA N    N N N 1   
ALA CA   C N S 2   
ALA C    C N N 3   
ALA O    O N N 4   
ALA CB   C N N 5   
ALA OXT  O N N 6   
ALA H    H N N 7   
ALA H2   H N N 8   
ALA HA   H N N 9   
ALA HB1  H N N 10  
ALA HB2  H N N 11  
ALA HB3  H N N 12  
ALA HXT  H N N 13  
ARG N    N N N 14  
ARG CA   C N S 15  
ARG C    C N N 16  
ARG O    O N N 17  
ARG CB   C N N 18  
ARG CG   C N N 19  
ARG CD   C N N 20  
ARG NE   N N N 21  
ARG CZ   C N N 22  
ARG NH1  N N N 23  
ARG NH2  N N N 24  
ARG OXT  O N N 25  
ARG H    H N N 26  
ARG H2   H N N 27  
ARG HA   H N N 28  
ARG HB2  H N N 29  
ARG HB3  H N N 30  
ARG HG2  H N N 31  
ARG HG3  H N N 32  
ARG HD2  H N N 33  
ARG HD3  H N N 34  
ARG HE   H N N 35  
ARG HH11 H N N 36  
ARG HH12 H N N 37  
ARG HH21 H N N 38  
ARG HH22 H N N 39  
ARG HXT  H N N 40  
ASN N    N N N 41  
ASN CA   C N S 42  
ASN C    C N N 43  
ASN O    O N N 44  
ASN CB   C N N 45  
ASN CG   C N N 46  
ASN OD1  O N N 47  
ASN ND2  N N N 48  
ASN OXT  O N N 49  
ASN H    H N N 50  
ASN H2   H N N 51  
ASN HA   H N N 52  
ASN HB2  H N N 53  
ASN HB3  H N N 54  
ASN HD21 H N N 55  
ASN HD22 H N N 56  
ASN HXT  H N N 57  
ASP N    N N N 58  
ASP CA   C N S 59  
ASP C    C N N 60  
ASP O    O N N 61  
ASP CB   C N N 62  
ASP CG   C N N 63  
ASP OD1  O N N 64  
ASP OD2  O N N 65  
ASP OXT  O N N 66  
ASP H    H N N 67  
ASP H2   H N N 68  
ASP HA   H N N 69  
ASP HB2  H N N 70  
ASP HB3  H N N 71  
ASP HD2  H N N 72  
ASP HXT  H N N 73  
CYS N    N N N 74  
CYS CA   C N R 75  
CYS C    C N N 76  
CYS O    O N N 77  
CYS CB   C N N 78  
CYS SG   S N N 79  
CYS OXT  O N N 80  
CYS H    H N N 81  
CYS H2   H N N 82  
CYS HA   H N N 83  
CYS HB2  H N N 84  
CYS HB3  H N N 85  
CYS HG   H N N 86  
CYS HXT  H N N 87  
GLN N    N N N 88  
GLN CA   C N S 89  
GLN C    C N N 90  
GLN O    O N N 91  
GLN CB   C N N 92  
GLN CG   C N N 93  
GLN CD   C N N 94  
GLN OE1  O N N 95  
GLN NE2  N N N 96  
GLN OXT  O N N 97  
GLN H    H N N 98  
GLN H2   H N N 99  
GLN HA   H N N 100 
GLN HB2  H N N 101 
GLN HB3  H N N 102 
GLN HG2  H N N 103 
GLN HG3  H N N 104 
GLN HE21 H N N 105 
GLN HE22 H N N 106 
GLN HXT  H N N 107 
GLU N    N N N 108 
GLU CA   C N S 109 
GLU C    C N N 110 
GLU O    O N N 111 
GLU CB   C N N 112 
GLU CG   C N N 113 
GLU CD   C N N 114 
GLU OE1  O N N 115 
GLU OE2  O N N 116 
GLU OXT  O N N 117 
GLU H    H N N 118 
GLU H2   H N N 119 
GLU HA   H N N 120 
GLU HB2  H N N 121 
GLU HB3  H N N 122 
GLU HG2  H N N 123 
GLU HG3  H N N 124 
GLU HE2  H N N 125 
GLU HXT  H N N 126 
GLY N    N N N 127 
GLY CA   C N N 128 
GLY C    C N N 129 
GLY O    O N N 130 
GLY OXT  O N N 131 
GLY H    H N N 132 
GLY H2   H N N 133 
GLY HA2  H N N 134 
GLY HA3  H N N 135 
GLY HXT  H N N 136 
HOH O    O N N 137 
HOH H1   H N N 138 
HOH H2   H N N 139 
ILE N    N N N 140 
ILE CA   C N S 141 
ILE C    C N N 142 
ILE O    O N N 143 
ILE CB   C N S 144 
ILE CG1  C N N 145 
ILE CG2  C N N 146 
ILE CD1  C N N 147 
ILE OXT  O N N 148 
ILE H    H N N 149 
ILE H2   H N N 150 
ILE HA   H N N 151 
ILE HB   H N N 152 
ILE HG12 H N N 153 
ILE HG13 H N N 154 
ILE HG21 H N N 155 
ILE HG22 H N N 156 
ILE HG23 H N N 157 
ILE HD11 H N N 158 
ILE HD12 H N N 159 
ILE HD13 H N N 160 
ILE HXT  H N N 161 
LEU N    N N N 162 
LEU CA   C N S 163 
LEU C    C N N 164 
LEU O    O N N 165 
LEU CB   C N N 166 
LEU CG   C N N 167 
LEU CD1  C N N 168 
LEU CD2  C N N 169 
LEU OXT  O N N 170 
LEU H    H N N 171 
LEU H2   H N N 172 
LEU HA   H N N 173 
LEU HB2  H N N 174 
LEU HB3  H N N 175 
LEU HG   H N N 176 
LEU HD11 H N N 177 
LEU HD12 H N N 178 
LEU HD13 H N N 179 
LEU HD21 H N N 180 
LEU HD22 H N N 181 
LEU HD23 H N N 182 
LEU HXT  H N N 183 
LYS N    N N N 184 
LYS CA   C N S 185 
LYS C    C N N 186 
LYS O    O N N 187 
LYS CB   C N N 188 
LYS CG   C N N 189 
LYS CD   C N N 190 
LYS CE   C N N 191 
LYS NZ   N N N 192 
LYS OXT  O N N 193 
LYS H    H N N 194 
LYS H2   H N N 195 
LYS HA   H N N 196 
LYS HB2  H N N 197 
LYS HB3  H N N 198 
LYS HG2  H N N 199 
LYS HG3  H N N 200 
LYS HD2  H N N 201 
LYS HD3  H N N 202 
LYS HE2  H N N 203 
LYS HE3  H N N 204 
LYS HZ1  H N N 205 
LYS HZ2  H N N 206 
LYS HZ3  H N N 207 
LYS HXT  H N N 208 
MET N    N N N 209 
MET CA   C N S 210 
MET C    C N N 211 
MET O    O N N 212 
MET CB   C N N 213 
MET CG   C N N 214 
MET SD   S N N 215 
MET CE   C N N 216 
MET OXT  O N N 217 
MET H    H N N 218 
MET H2   H N N 219 
MET HA   H N N 220 
MET HB2  H N N 221 
MET HB3  H N N 222 
MET HG2  H N N 223 
MET HG3  H N N 224 
MET HE1  H N N 225 
MET HE2  H N N 226 
MET HE3  H N N 227 
MET HXT  H N N 228 
PHE N    N N N 229 
PHE CA   C N S 230 
PHE C    C N N 231 
PHE O    O N N 232 
PHE CB   C N N 233 
PHE CG   C Y N 234 
PHE CD1  C Y N 235 
PHE CD2  C Y N 236 
PHE CE1  C Y N 237 
PHE CE2  C Y N 238 
PHE CZ   C Y N 239 
PHE OXT  O N N 240 
PHE H    H N N 241 
PHE H2   H N N 242 
PHE HA   H N N 243 
PHE HB2  H N N 244 
PHE HB3  H N N 245 
PHE HD1  H N N 246 
PHE HD2  H N N 247 
PHE HE1  H N N 248 
PHE HE2  H N N 249 
PHE HZ   H N N 250 
PHE HXT  H N N 251 
PRO N    N N N 252 
PRO CA   C N S 253 
PRO C    C N N 254 
PRO O    O N N 255 
PRO CB   C N N 256 
PRO CG   C N N 257 
PRO CD   C N N 258 
PRO OXT  O N N 259 
PRO H    H N N 260 
PRO HA   H N N 261 
PRO HB2  H N N 262 
PRO HB3  H N N 263 
PRO HG2  H N N 264 
PRO HG3  H N N 265 
PRO HD2  H N N 266 
PRO HD3  H N N 267 
PRO HXT  H N N 268 
SER N    N N N 269 
SER CA   C N S 270 
SER C    C N N 271 
SER O    O N N 272 
SER CB   C N N 273 
SER OG   O N N 274 
SER OXT  O N N 275 
SER H    H N N 276 
SER H2   H N N 277 
SER HA   H N N 278 
SER HB2  H N N 279 
SER HB3  H N N 280 
SER HG   H N N 281 
SER HXT  H N N 282 
SO4 S    S N N 283 
SO4 O1   O N N 284 
SO4 O2   O N N 285 
SO4 O3   O N N 286 
SO4 O4   O N N 287 
THR N    N N N 288 
THR CA   C N S 289 
THR C    C N N 290 
THR O    O N N 291 
THR CB   C N R 292 
THR OG1  O N N 293 
THR CG2  C N N 294 
THR OXT  O N N 295 
THR H    H N N 296 
THR H2   H N N 297 
THR HA   H N N 298 
THR HB   H N N 299 
THR HG1  H N N 300 
THR HG21 H N N 301 
THR HG22 H N N 302 
THR HG23 H N N 303 
THR HXT  H N N 304 
TRP N    N N N 305 
TRP CA   C N S 306 
TRP C    C N N 307 
TRP O    O N N 308 
TRP CB   C N N 309 
TRP CG   C Y N 310 
TRP CD1  C Y N 311 
TRP CD2  C Y N 312 
TRP NE1  N Y N 313 
TRP CE2  C Y N 314 
TRP CE3  C Y N 315 
TRP CZ2  C Y N 316 
TRP CZ3  C Y N 317 
TRP CH2  C Y N 318 
TRP OXT  O N N 319 
TRP H    H N N 320 
TRP H2   H N N 321 
TRP HA   H N N 322 
TRP HB2  H N N 323 
TRP HB3  H N N 324 
TRP HD1  H N N 325 
TRP HE1  H N N 326 
TRP HE3  H N N 327 
TRP HZ2  H N N 328 
TRP HZ3  H N N 329 
TRP HH2  H N N 330 
TRP HXT  H N N 331 
TYR N    N N N 332 
TYR CA   C N S 333 
TYR C    C N N 334 
TYR O    O N N 335 
TYR CB   C N N 336 
TYR CG   C Y N 337 
TYR CD1  C Y N 338 
TYR CD2  C Y N 339 
TYR CE1  C Y N 340 
TYR CE2  C Y N 341 
TYR CZ   C Y N 342 
TYR OH   O N N 343 
TYR OXT  O N N 344 
TYR H    H N N 345 
TYR H2   H N N 346 
TYR HA   H N N 347 
TYR HB2  H N N 348 
TYR HB3  H N N 349 
TYR HD1  H N N 350 
TYR HD2  H N N 351 
TYR HE1  H N N 352 
TYR HE2  H N N 353 
TYR HH   H N N 354 
TYR HXT  H N N 355 
VAL N    N N N 356 
VAL CA   C N S 357 
VAL C    C N N 358 
VAL O    O N N 359 
VAL CB   C N N 360 
VAL CG1  C N N 361 
VAL CG2  C N N 362 
VAL OXT  O N N 363 
VAL H    H N N 364 
VAL H2   H N N 365 
VAL HA   H N N 366 
VAL HB   H N N 367 
VAL HG11 H N N 368 
VAL HG12 H N N 369 
VAL HG13 H N N 370 
VAL HG21 H N N 371 
VAL HG22 H N N 372 
VAL HG23 H N N 373 
VAL HXT  H N N 374 
# 
loop_
_chem_comp_bond.comp_id 
_chem_comp_bond.atom_id_1 
_chem_comp_bond.atom_id_2 
_chem_comp_bond.value_order 
_chem_comp_bond.pdbx_aromatic_flag 
_chem_comp_bond.pdbx_stereo_config 
_chem_comp_bond.pdbx_ordinal 
ALA N   CA   sing N N 1   
ALA N   H    sing N N 2   
ALA N   H2   sing N N 3   
ALA CA  C    sing N N 4   
ALA CA  CB   sing N N 5   
ALA CA  HA   sing N N 6   
ALA C   O    doub N N 7   
ALA C   OXT  sing N N 8   
ALA CB  HB1  sing N N 9   
ALA CB  HB2  sing N N 10  
ALA CB  HB3  sing N N 11  
ALA OXT HXT  sing N N 12  
ARG N   CA   sing N N 13  
ARG N   H    sing N N 14  
ARG N   H2   sing N N 15  
ARG CA  C    sing N N 16  
ARG CA  CB   sing N N 17  
ARG CA  HA   sing N N 18  
ARG C   O    doub N N 19  
ARG C   OXT  sing N N 20  
ARG CB  CG   sing N N 21  
ARG CB  HB2  sing N N 22  
ARG CB  HB3  sing N N 23  
ARG CG  CD   sing N N 24  
ARG CG  HG2  sing N N 25  
ARG CG  HG3  sing N N 26  
ARG CD  NE   sing N N 27  
ARG CD  HD2  sing N N 28  
ARG CD  HD3  sing N N 29  
ARG NE  CZ   sing N N 30  
ARG NE  HE   sing N N 31  
ARG CZ  NH1  sing N N 32  
ARG CZ  NH2  doub N N 33  
ARG NH1 HH11 sing N N 34  
ARG NH1 HH12 sing N N 35  
ARG NH2 HH21 sing N N 36  
ARG NH2 HH22 sing N N 37  
ARG OXT HXT  sing N N 38  
ASN N   CA   sing N N 39  
ASN N   H    sing N N 40  
ASN N   H2   sing N N 41  
ASN CA  C    sing N N 42  
ASN CA  CB   sing N N 43  
ASN CA  HA   sing N N 44  
ASN C   O    doub N N 45  
ASN C   OXT  sing N N 46  
ASN CB  CG   sing N N 47  
ASN CB  HB2  sing N N 48  
ASN CB  HB3  sing N N 49  
ASN CG  OD1  doub N N 50  
ASN CG  ND2  sing N N 51  
ASN ND2 HD21 sing N N 52  
ASN ND2 HD22 sing N N 53  
ASN OXT HXT  sing N N 54  
ASP N   CA   sing N N 55  
ASP N   H    sing N N 56  
ASP N   H2   sing N N 57  
ASP CA  C    sing N N 58  
ASP CA  CB   sing N N 59  
ASP CA  HA   sing N N 60  
ASP C   O    doub N N 61  
ASP C   OXT  sing N N 62  
ASP CB  CG   sing N N 63  
ASP CB  HB2  sing N N 64  
ASP CB  HB3  sing N N 65  
ASP CG  OD1  doub N N 66  
ASP CG  OD2  sing N N 67  
ASP OD2 HD2  sing N N 68  
ASP OXT HXT  sing N N 69  
CYS N   CA   sing N N 70  
CYS N   H    sing N N 71  
CYS N   H2   sing N N 72  
CYS CA  C    sing N N 73  
CYS CA  CB   sing N N 74  
CYS CA  HA   sing N N 75  
CYS C   O    doub N N 76  
CYS C   OXT  sing N N 77  
CYS CB  SG   sing N N 78  
CYS CB  HB2  sing N N 79  
CYS CB  HB3  sing N N 80  
CYS SG  HG   sing N N 81  
CYS OXT HXT  sing N N 82  
GLN N   CA   sing N N 83  
GLN N   H    sing N N 84  
GLN N   H2   sing N N 85  
GLN CA  C    sing N N 86  
GLN CA  CB   sing N N 87  
GLN CA  HA   sing N N 88  
GLN C   O    doub N N 89  
GLN C   OXT  sing N N 90  
GLN CB  CG   sing N N 91  
GLN CB  HB2  sing N N 92  
GLN CB  HB3  sing N N 93  
GLN CG  CD   sing N N 94  
GLN CG  HG2  sing N N 95  
GLN CG  HG3  sing N N 96  
GLN CD  OE1  doub N N 97  
GLN CD  NE2  sing N N 98  
GLN NE2 HE21 sing N N 99  
GLN NE2 HE22 sing N N 100 
GLN OXT HXT  sing N N 101 
GLU N   CA   sing N N 102 
GLU N   H    sing N N 103 
GLU N   H2   sing N N 104 
GLU CA  C    sing N N 105 
GLU CA  CB   sing N N 106 
GLU CA  HA   sing N N 107 
GLU C   O    doub N N 108 
GLU C   OXT  sing N N 109 
GLU CB  CG   sing N N 110 
GLU CB  HB2  sing N N 111 
GLU CB  HB3  sing N N 112 
GLU CG  CD   sing N N 113 
GLU CG  HG2  sing N N 114 
GLU CG  HG3  sing N N 115 
GLU CD  OE1  doub N N 116 
GLU CD  OE2  sing N N 117 
GLU OE2 HE2  sing N N 118 
GLU OXT HXT  sing N N 119 
GLY N   CA   sing N N 120 
GLY N   H    sing N N 121 
GLY N   H2   sing N N 122 
GLY CA  C    sing N N 123 
GLY CA  HA2  sing N N 124 
GLY CA  HA3  sing N N 125 
GLY C   O    doub N N 126 
GLY C   OXT  sing N N 127 
GLY OXT HXT  sing N N 128 
HOH O   H1   sing N N 129 
HOH O   H2   sing N N 130 
ILE N   CA   sing N N 131 
ILE N   H    sing N N 132 
ILE N   H2   sing N N 133 
ILE CA  C    sing N N 134 
ILE CA  CB   sing N N 135 
ILE CA  HA   sing N N 136 
ILE C   O    doub N N 137 
ILE C   OXT  sing N N 138 
ILE CB  CG1  sing N N 139 
ILE CB  CG2  sing N N 140 
ILE CB  HB   sing N N 141 
ILE CG1 CD1  sing N N 142 
ILE CG1 HG12 sing N N 143 
ILE CG1 HG13 sing N N 144 
ILE CG2 HG21 sing N N 145 
ILE CG2 HG22 sing N N 146 
ILE CG2 HG23 sing N N 147 
ILE CD1 HD11 sing N N 148 
ILE CD1 HD12 sing N N 149 
ILE CD1 HD13 sing N N 150 
ILE OXT HXT  sing N N 151 
LEU N   CA   sing N N 152 
LEU N   H    sing N N 153 
LEU N   H2   sing N N 154 
LEU CA  C    sing N N 155 
LEU CA  CB   sing N N 156 
LEU CA  HA   sing N N 157 
LEU C   O    doub N N 158 
LEU C   OXT  sing N N 159 
LEU CB  CG   sing N N 160 
LEU CB  HB2  sing N N 161 
LEU CB  HB3  sing N N 162 
LEU CG  CD1  sing N N 163 
LEU CG  CD2  sing N N 164 
LEU CG  HG   sing N N 165 
LEU CD1 HD11 sing N N 166 
LEU CD1 HD12 sing N N 167 
LEU CD1 HD13 sing N N 168 
LEU CD2 HD21 sing N N 169 
LEU CD2 HD22 sing N N 170 
LEU CD2 HD23 sing N N 171 
LEU OXT HXT  sing N N 172 
LYS N   CA   sing N N 173 
LYS N   H    sing N N 174 
LYS N   H2   sing N N 175 
LYS CA  C    sing N N 176 
LYS CA  CB   sing N N 177 
LYS CA  HA   sing N N 178 
LYS C   O    doub N N 179 
LYS C   OXT  sing N N 180 
LYS CB  CG   sing N N 181 
LYS CB  HB2  sing N N 182 
LYS CB  HB3  sing N N 183 
LYS CG  CD   sing N N 184 
LYS CG  HG2  sing N N 185 
LYS CG  HG3  sing N N 186 
LYS CD  CE   sing N N 187 
LYS CD  HD2  sing N N 188 
LYS CD  HD3  sing N N 189 
LYS CE  NZ   sing N N 190 
LYS CE  HE2  sing N N 191 
LYS CE  HE3  sing N N 192 
LYS NZ  HZ1  sing N N 193 
LYS NZ  HZ2  sing N N 194 
LYS NZ  HZ3  sing N N 195 
LYS OXT HXT  sing N N 196 
MET N   CA   sing N N 197 
MET N   H    sing N N 198 
MET N   H2   sing N N 199 
MET CA  C    sing N N 200 
MET CA  CB   sing N N 201 
MET CA  HA   sing N N 202 
MET C   O    doub N N 203 
MET C   OXT  sing N N 204 
MET CB  CG   sing N N 205 
MET CB  HB2  sing N N 206 
MET CB  HB3  sing N N 207 
MET CG  SD   sing N N 208 
MET CG  HG2  sing N N 209 
MET CG  HG3  sing N N 210 
MET SD  CE   sing N N 211 
MET CE  HE1  sing N N 212 
MET CE  HE2  sing N N 213 
MET CE  HE3  sing N N 214 
MET OXT HXT  sing N N 215 
PHE N   CA   sing N N 216 
PHE N   H    sing N N 217 
PHE N   H2   sing N N 218 
PHE CA  C    sing N N 219 
PHE CA  CB   sing N N 220 
PHE CA  HA   sing N N 221 
PHE C   O    doub N N 222 
PHE C   OXT  sing N N 223 
PHE CB  CG   sing N N 224 
PHE CB  HB2  sing N N 225 
PHE CB  HB3  sing N N 226 
PHE CG  CD1  doub Y N 227 
PHE CG  CD2  sing Y N 228 
PHE CD1 CE1  sing Y N 229 
PHE CD1 HD1  sing N N 230 
PHE CD2 CE2  doub Y N 231 
PHE CD2 HD2  sing N N 232 
PHE CE1 CZ   doub Y N 233 
PHE CE1 HE1  sing N N 234 
PHE CE2 CZ   sing Y N 235 
PHE CE2 HE2  sing N N 236 
PHE CZ  HZ   sing N N 237 
PHE OXT HXT  sing N N 238 
PRO N   CA   sing N N 239 
PRO N   CD   sing N N 240 
PRO N   H    sing N N 241 
PRO CA  C    sing N N 242 
PRO CA  CB   sing N N 243 
PRO CA  HA   sing N N 244 
PRO C   O    doub N N 245 
PRO C   OXT  sing N N 246 
PRO CB  CG   sing N N 247 
PRO CB  HB2  sing N N 248 
PRO CB  HB3  sing N N 249 
PRO CG  CD   sing N N 250 
PRO CG  HG2  sing N N 251 
PRO CG  HG3  sing N N 252 
PRO CD  HD2  sing N N 253 
PRO CD  HD3  sing N N 254 
PRO OXT HXT  sing N N 255 
SER N   CA   sing N N 256 
SER N   H    sing N N 257 
SER N   H2   sing N N 258 
SER CA  C    sing N N 259 
SER CA  CB   sing N N 260 
SER CA  HA   sing N N 261 
SER C   O    doub N N 262 
SER C   OXT  sing N N 263 
SER CB  OG   sing N N 264 
SER CB  HB2  sing N N 265 
SER CB  HB3  sing N N 266 
SER OG  HG   sing N N 267 
SER OXT HXT  sing N N 268 
SO4 S   O1   doub N N 269 
SO4 S   O2   doub N N 270 
SO4 S   O3   sing N N 271 
SO4 S   O4   sing N N 272 
THR N   CA   sing N N 273 
THR N   H    sing N N 274 
THR N   H2   sing N N 275 
THR CA  C    sing N N 276 
THR CA  CB   sing N N 277 
THR CA  HA   sing N N 278 
THR C   O    doub N N 279 
THR C   OXT  sing N N 280 
THR CB  OG1  sing N N 281 
THR CB  CG2  sing N N 282 
THR CB  HB   sing N N 283 
THR OG1 HG1  sing N N 284 
THR CG2 HG21 sing N N 285 
THR CG2 HG22 sing N N 286 
THR CG2 HG23 sing N N 287 
THR OXT HXT  sing N N 288 
TRP N   CA   sing N N 289 
TRP N   H    sing N N 290 
TRP N   H2   sing N N 291 
TRP CA  C    sing N N 292 
TRP CA  CB   sing N N 293 
TRP CA  HA   sing N N 294 
TRP C   O    doub N N 295 
TRP C   OXT  sing N N 296 
TRP CB  CG   sing N N 297 
TRP CB  HB2  sing N N 298 
TRP CB  HB3  sing N N 299 
TRP CG  CD1  doub Y N 300 
TRP CG  CD2  sing Y N 301 
TRP CD1 NE1  sing Y N 302 
TRP CD1 HD1  sing N N 303 
TRP CD2 CE2  doub Y N 304 
TRP CD2 CE3  sing Y N 305 
TRP NE1 CE2  sing Y N 306 
TRP NE1 HE1  sing N N 307 
TRP CE2 CZ2  sing Y N 308 
TRP CE3 CZ3  doub Y N 309 
TRP CE3 HE3  sing N N 310 
TRP CZ2 CH2  doub Y N 311 
TRP CZ2 HZ2  sing N N 312 
TRP CZ3 CH2  sing Y N 313 
TRP CZ3 HZ3  sing N N 314 
TRP CH2 HH2  sing N N 315 
TRP OXT HXT  sing N N 316 
TYR N   CA   sing N N 317 
TYR N   H    sing N N 318 
TYR N   H2   sing N N 319 
TYR CA  C    sing N N 320 
TYR CA  CB   sing N N 321 
TYR CA  HA   sing N N 322 
TYR C   O    doub N N 323 
TYR C   OXT  sing N N 324 
TYR CB  CG   sing N N 325 
TYR CB  HB2  sing N N 326 
TYR CB  HB3  sing N N 327 
TYR CG  CD1  doub Y N 328 
TYR CG  CD2  sing Y N 329 
TYR CD1 CE1  sing Y N 330 
TYR CD1 HD1  sing N N 331 
TYR CD2 CE2  doub Y N 332 
TYR CD2 HD2  sing N N 333 
TYR CE1 CZ   doub Y N 334 
TYR CE1 HE1  sing N N 335 
TYR CE2 CZ   sing Y N 336 
TYR CE2 HE2  sing N N 337 
TYR CZ  OH   sing N N 338 
TYR OH  HH   sing N N 339 
TYR OXT HXT  sing N N 340 
VAL N   CA   sing N N 341 
VAL N   H    sing N N 342 
VAL N   H2   sing N N 343 
VAL CA  C    sing N N 344 
VAL CA  CB   sing N N 345 
VAL CA  HA   sing N N 346 
VAL C   O    doub N N 347 
VAL C   OXT  sing N N 348 
VAL CB  CG1  sing N N 349 
VAL CB  CG2  sing N N 350 
VAL CB  HB   sing N N 351 
VAL CG1 HG11 sing N N 352 
VAL CG1 HG12 sing N N 353 
VAL CG1 HG13 sing N N 354 
VAL CG2 HG21 sing N N 355 
VAL CG2 HG22 sing N N 356 
VAL CG2 HG23 sing N N 357 
VAL OXT HXT  sing N N 358 
# 
_atom_sites.entry_id                    1XD6 
_atom_sites.fract_transf_matrix[1][1]   0.00022467 
_atom_sites.fract_transf_matrix[1][2]   0.01214008 
_atom_sites.fract_transf_matrix[1][3]   -0.00407902 
_atom_sites.fract_transf_matrix[2][1]   0.00063235 
_atom_sites.fract_transf_matrix[2][2]   0.00325075 
_atom_sites.fract_transf_matrix[2][3]   0.00970978 
_atom_sites.fract_transf_matrix[3][1]   0.02762809 
_atom_sites.fract_transf_matrix[3][2]   -0.00100302 
_atom_sites.fract_transf_matrix[3][3]   -0.00146347 
_atom_sites.fract_transf_vector[1]      0.331976 
_atom_sites.fract_transf_vector[2]      0.125649 
_atom_sites.fract_transf_vector[3]      0.081982 
# 
loop_
_atom_type.symbol 
C 
N 
O 
S 
# 
loop_
_atom_site.group_PDB 
_atom_site.id 
_atom_site.type_symbol 
_atom_site.label_atom_id 
_atom_site.label_alt_id 
_atom_site.label_comp_id 
_atom_site.label_asym_id 
_atom_site.label_entity_id 
_atom_site.label_seq_id 
_atom_site.pdbx_PDB_ins_code 
_atom_site.Cartn_x 
_atom_site.Cartn_y 
_atom_site.Cartn_z 
_atom_site.occupancy 
_atom_site.B_iso_or_equiv 
_atom_site.pdbx_formal_charge 
_atom_site.auth_seq_id 
_atom_site.auth_comp_id 
_atom_site.auth_asym_id 
_atom_site.auth_atom_id 
_atom_site.pdbx_PDB_model_num 
ATOM   1   N N   . SER A 1 1   ? 2.846   7.848   9.970   1.00 22.60 ? 1    SER A N   1 
ATOM   2   C CA  . SER A 1 1   ? 1.451   7.387   10.195  1.00 22.64 ? 1    SER A CA  1 
ATOM   3   C C   . SER A 1 1   ? 1.315   5.901   9.902   1.00 21.98 ? 1    SER A C   1 
ATOM   4   O O   . SER A 1 1   ? 2.097   5.350   9.139   1.00 22.05 ? 1    SER A O   1 
ATOM   5   C CB  . SER A 1 1   ? 0.484   8.146   9.295   1.00 22.71 ? 1    SER A CB  1 
ATOM   6   O OG  . SER A 1 1   ? -0.855  7.747   9.584   1.00 25.03 ? 1    SER A OG  1 
ATOM   7   N N   . ASP A 1 2   ? 0.295   5.274   10.480  1.00 21.62 ? 2    ASP A N   1 
ATOM   8   C CA  . ASP A 1 2   ? 0.041   3.846   10.268  1.00 21.64 ? 2    ASP A CA  1 
ATOM   9   C C   . ASP A 1 2   ? -1.001  3.599   9.170   1.00 21.60 ? 2    ASP A C   1 
ATOM   10  O O   . ASP A 1 2   ? -1.283  2.458   8.812   1.00 22.24 ? 2    ASP A O   1 
ATOM   11  C CB  . ASP A 1 2   ? -0.394  3.167   11.583  1.00 21.59 ? 2    ASP A CB  1 
ATOM   12  C CG  . ASP A 1 2   ? -1.761  3.636   12.083  1.00 22.05 ? 2    ASP A CG  1 
ATOM   13  O OD1 . ASP A 1 2   ? -2.190  4.766   11.782  1.00 21.48 ? 2    ASP A OD1 1 
ATOM   14  O OD2 . ASP A 1 2   ? -2.488  2.924   12.809  1.00 23.67 ? 2    ASP A OD2 1 
ATOM   15  N N   . ARG A 1 3   ? -1.575  4.668   8.643   1.00 21.66 ? 3    ARG A N   1 
ATOM   16  C CA  . ARG A 1 3   ? -2.664  4.524   7.684   1.00 22.33 ? 3    ARG A CA  1 
ATOM   17  C C   . ARG A 1 3   ? -2.671  5.577   6.576   1.00 22.08 ? 3    ARG A C   1 
ATOM   18  O O   . ARG A 1 3   ? -2.157  6.683   6.735   1.00 22.16 ? 3    ARG A O   1 
ATOM   19  C CB  . ARG A 1 3   ? -4.025  4.459   8.391   1.00 21.95 ? 3    ARG A CB  1 
ATOM   20  C CG  . ARG A 1 3   ? -4.487  5.739   9.092   1.00 23.53 ? 3    ARG A CG  1 
ATOM   21  C CD  . ARG A 1 3   ? -5.619  5.492   10.111  1.00 25.23 ? 3    ARG A CD  1 
ATOM   22  N NE  . ARG A 1 3   ? -5.116  4.809   11.320  1.00 27.30 ? 3    ARG A NE  1 
ATOM   23  C CZ  . ARG A 1 3   ? -5.877  4.234   12.261  1.00 26.88 ? 3    ARG A CZ  1 
ATOM   24  N NH1 . ARG A 1 3   ? -7.202  4.240   12.163  1.00 25.63 ? 3    ARG A NH1 1 
ATOM   25  N NH2 . ARG A 1 3   ? -5.300  3.653   13.309  1.00 25.06 ? 3    ARG A NH2 1 
ATOM   26  N N   . LEU A 1 4   ? -3.267  5.195   5.451   1.00 22.44 ? 4    LEU A N   1 
ATOM   27  C CA  . LEU A 1 4   ? -3.376  6.050   4.280   1.00 21.91 ? 4    LEU A CA  1 
ATOM   28  C C   . LEU A 1 4   ? -4.828  6.065   3.837   1.00 21.73 ? 4    LEU A C   1 
ATOM   29  O O   . LEU A 1 4   ? -5.373  5.030   3.468   1.00 21.30 ? 4    LEU A O   1 
ATOM   30  C CB  . LEU A 1 4   ? -2.487  5.508   3.155   1.00 21.57 ? 4    LEU A CB  1 
ATOM   31  C CG  . LEU A 1 4   ? -2.347  6.288   1.840   1.00 21.77 ? 4    LEU A CG  1 
ATOM   32  C CD1 . LEU A 1 4   ? -1.815  7.714   2.057   1.00 21.31 ? 4    LEU A CD1 1 
ATOM   33  C CD2 . LEU A 1 4   ? -1.444  5.545   0.879   1.00 19.93 ? 4    LEU A CD2 1 
ATOM   34  N N   . ASN A 1 5   ? -5.439  7.238   3.889   1.00 22.14 ? 5    ASN A N   1 
ATOM   35  C CA  . ASN A 1 5   ? -6.819  7.419   3.470   1.00 23.67 ? 5    ASN A CA  1 
ATOM   36  C C   . ASN A 1 5   ? -6.999  7.502   1.956   1.00 23.48 ? 5    ASN A C   1 
ATOM   37  O O   . ASN A 1 5   ? -6.101  7.952   1.228   1.00 22.63 ? 5    ASN A O   1 
ATOM   38  C CB  . ASN A 1 5   ? -7.431  8.668   4.131   1.00 24.59 ? 5    ASN A CB  1 
ATOM   39  C CG  . ASN A 1 5   ? -7.414  8.598   5.654   1.00 27.98 ? 5    ASN A CG  1 
ATOM   40  O OD1 . ASN A 1 5   ? -7.732  7.567   6.253   1.00 31.78 ? 5    ASN A OD1 1 
ATOM   41  N ND2 . ASN A 1 5   ? -7.033  9.706   6.289   1.00 32.50 ? 5    ASN A ND2 1 
ATOM   42  N N   . ALA A 1 6   ? -8.168  7.059   1.495   1.00 24.02 ? 6    ALA A N   1 
ATOM   43  C CA  . ALA A 1 6   ? -8.553  7.168   0.082   1.00 24.54 ? 6    ALA A CA  1 
ATOM   44  C C   . ALA A 1 6   ? -8.382  8.603   -0.383  1.00 24.82 ? 6    ALA A C   1 
ATOM   45  O O   . ALA A 1 6   ? -8.748  9.536   0.335   1.00 24.55 ? 6    ALA A O   1 
ATOM   46  C CB  . ALA A 1 6   ? -9.990  6.723   -0.124  1.00 24.27 ? 6    ALA A CB  1 
ATOM   47  N N   . GLY A 1 7   ? -7.809  8.763   -1.571  1.00 25.17 ? 7    GLY A N   1 
ATOM   48  C CA  . GLY A 1 7   ? -7.578  10.067  -2.170  1.00 25.96 ? 7    GLY A CA  1 
ATOM   49  C C   . GLY A 1 7   ? -6.178  10.585  -1.940  1.00 26.65 ? 7    GLY A C   1 
ATOM   50  O O   . GLY A 1 7   ? -5.805  11.616  -2.500  1.00 27.43 ? 7    GLY A O   1 
ATOM   51  N N   . LYS A 1 8   ? -5.409  9.874   -1.113  1.00 26.64 ? 8    LYS A N   1 
ATOM   52  C CA  . LYS A 1 8   ? -4.050  10.268  -0.753  1.00 27.17 ? 8    LYS A CA  1 
ATOM   53  C C   . LYS A 1 8   ? -3.044  9.319   -1.398  1.00 26.75 ? 8    LYS A C   1 
ATOM   54  O O   . LYS A 1 8   ? -3.391  8.238   -1.852  1.00 26.66 ? 8    LYS A O   1 
ATOM   55  C CB  . LYS A 1 8   ? -3.847  10.262  0.773   1.00 27.15 ? 8    LYS A CB  1 
ATOM   56  C CG  . LYS A 1 8   ? -4.637  11.320  1.552   1.00 30.30 ? 8    LYS A CG  1 
ATOM   57  C CD  . LYS A 1 8   ? -4.027  12.721  1.403   1.00 33.36 ? 8    LYS A CD  1 
ATOM   58  C CE  . LYS A 1 8   ? -4.359  13.612  2.597   1.00 36.58 ? 8    LYS A CE  1 
ATOM   59  N NZ  . LYS A 1 8   ? -5.794  13.489  3.028   1.00 39.02 ? 8    LYS A NZ  1 
ATOM   60  N N   . SER A 1 9   ? -1.788  9.734   -1.422  1.00 26.75 ? 9    SER A N   1 
ATOM   61  C CA  . SER A 1 9   ? -0.752  8.935   -2.029  1.00 26.60 ? 9    SER A CA  1 
ATOM   62  C C   . SER A 1 9   ? 0.523   9.013   -1.206  1.00 25.99 ? 9    SER A C   1 
ATOM   63  O O   . SER A 1 9   ? 0.690   9.921   -0.393  1.00 25.69 ? 9    SER A O   1 
ATOM   64  C CB  . SER A 1 9   ? -0.533  9.377   -3.492  1.00 27.15 ? 9    SER A CB  1 
ATOM   65  O OG  . SER A 1 9   ? -0.261  10.760  -3.563  1.00 29.56 ? 9    SER A OG  1 
ATOM   66  N N   . LEU A 1 10  ? 1.384   8.018   -1.381  1.00 24.98 ? 10   LEU A N   1 
ATOM   67  C CA  . LEU A 1 10  ? 2.742   8.070   -0.866  1.00 24.89 ? 10   LEU A CA  1 
ATOM   68  C C   . LEU A 1 10  ? 3.686   8.288   -2.043  1.00 24.51 ? 10   LEU A C   1 
ATOM   69  O O   . LEU A 1 10  ? 3.639   7.537   -3.009  1.00 23.11 ? 10   LEU A O   1 
ATOM   70  C CB  . LEU A 1 10  ? 3.106   6.752   -0.163  1.00 24.41 ? 10   LEU A CB  1 
ATOM   71  C CG  . LEU A 1 10  ? 2.372   6.428   1.140   1.00 25.90 ? 10   LEU A CG  1 
ATOM   72  C CD1 . LEU A 1 10  ? 2.886   5.109   1.710   1.00 25.21 ? 10   LEU A CD1 1 
ATOM   73  C CD2 . LEU A 1 10  ? 2.537   7.552   2.156   1.00 24.91 ? 10   LEU A CD2 1 
ATOM   74  N N   . GLY A 1 11  ? 4.540   9.302   -1.946  1.00 24.46 ? 11   GLY A N   1 
ATOM   75  C CA  . GLY A 1 11  ? 5.589   9.522   -2.930  1.00 24.61 ? 11   GLY A CA  1 
ATOM   76  C C   . GLY A 1 11  ? 6.719   8.526   -2.771  1.00 25.09 ? 11   GLY A C   1 
ATOM   77  O O   . GLY A 1 11  ? 6.659   7.652   -1.890  1.00 25.36 ? 11   GLY A O   1 
ATOM   78  N N   . ALA A 1 12  ? 7.749   8.639   -3.614  1.00 25.28 ? 12   ALA A N   1 
ATOM   79  C CA  . ALA A 1 12  ? 8.935   7.790   -3.500  1.00 25.42 ? 12   ALA A CA  1 
ATOM   80  C C   . ALA A 1 12  ? 9.574   8.007   -2.136  1.00 25.80 ? 12   ALA A C   1 
ATOM   81  O O   . ALA A 1 12  ? 9.774   9.149   -1.716  1.00 26.35 ? 12   ALA A O   1 
ATOM   82  C CB  . ALA A 1 12  ? 9.936   8.100   -4.601  1.00 26.07 ? 12   ALA A CB  1 
ATOM   83  N N   . GLY A 1 13  ? 9.862   6.909   -1.441  1.00 25.40 ? 13   GLY A N   1 
ATOM   84  C CA  . GLY A 1 13  ? 10.413  6.958   -0.101  1.00 25.58 ? 13   GLY A CA  1 
ATOM   85  C C   . GLY A 1 13  ? 9.359   7.168   0.977   1.00 25.44 ? 13   GLY A C   1 
ATOM   86  O O   . GLY A 1 13  ? 9.683   7.177   2.168   1.00 26.40 ? 13   GLY A O   1 
ATOM   87  N N   . GLY A 1 14  ? 8.103   7.341   0.572   1.00 24.39 ? 14   GLY A N   1 
ATOM   88  C CA  . GLY A 1 14  ? 7.028   7.534   1.529   1.00 24.02 ? 14   GLY A CA  1 
ATOM   89  C C   . GLY A 1 14  ? 6.645   6.197   2.123   1.00 23.11 ? 14   GLY A C   1 
ATOM   90  O O   . GLY A 1 14  ? 6.779   5.170   1.459   1.00 22.79 ? 14   GLY A O   1 
ATOM   91  N N   . SER A 1 15  ? 6.157   6.205   3.361   1.00 22.56 ? 15   SER A N   1 
ATOM   92  C CA  . SER A 1 15  ? 5.868   4.962   4.065   1.00 21.95 ? 15   SER A CA  1 
ATOM   93  C C   . SER A 1 15  ? 4.828   5.109   5.143   1.00 21.93 ? 15   SER A C   1 
ATOM   94  O O   . SER A 1 15  ? 4.528   6.223   5.618   1.00 21.31 ? 15   SER A O   1 
ATOM   95  C CB  . SER A 1 15  ? 7.141   4.359   4.683   1.00 22.49 ? 15   SER A CB  1 
ATOM   96  O OG  . SER A 1 15  ? 7.649   5.198   5.697   1.00 22.34 ? 15   SER A OG  1 
ATOM   97  N N   . LEU A 1 16  ? 4.247   3.959   5.474   1.00 20.98 ? 16   LEU A N   1 
ATOM   98  C CA  . LEU A 1 16  ? 3.483   3.784   6.695   1.00 20.76 ? 16   LEU A CA  1 
ATOM   99  C C   . LEU A 1 16  ? 4.404   3.067   7.674   1.00 20.94 ? 16   LEU A C   1 
ATOM   100 O O   . LEU A 1 16  ? 5.198   2.205   7.269   1.00 21.12 ? 16   LEU A O   1 
ATOM   101 C CB  . LEU A 1 16  ? 2.241   2.930   6.429   1.00 20.25 ? 16   LEU A CB  1 
ATOM   102 C CG  . LEU A 1 16  ? 1.265   3.427   5.357   1.00 19.87 ? 16   LEU A CG  1 
ATOM   103 C CD1 . LEU A 1 16  ? 0.077   2.473   5.202   1.00 18.43 ? 16   LEU A CD1 1 
ATOM   104 C CD2 . LEU A 1 16  ? 0.786   4.826   5.684   1.00 20.12 ? 16   LEU A CD2 1 
ATOM   105 N N   . ALA A 1 17  ? 4.289   3.394   8.956   1.00 20.85 ? 17   ALA A N   1 
ATOM   106 C CA  . ALA A 1 17  ? 5.134   2.762   9.960   1.00 21.19 ? 17   ALA A CA  1 
ATOM   107 C C   . ALA A 1 17  ? 4.299   2.336   11.164  1.00 21.95 ? 17   ALA A C   1 
ATOM   108 O O   . ALA A 1 17  ? 3.237   2.893   11.428  1.00 22.39 ? 17   ALA A O   1 
ATOM   109 C CB  . ALA A 1 17  ? 6.277   3.711   10.390  1.00 21.03 ? 17   ALA A CB  1 
ATOM   110 N N   . GLU A 1 18  ? 4.787   1.339   11.884  1.00 22.07 ? 18   GLU A N   1 
ATOM   111 C CA  . GLU A 1 18  ? 4.092   0.819   13.043  1.00 23.26 ? 18   GLU A CA  1 
ATOM   112 C C   . GLU A 1 18  ? 5.117   0.002   13.784  1.00 22.43 ? 18   GLU A C   1 
ATOM   113 O O   . GLU A 1 18  ? 5.425   -1.129  13.388  1.00 22.55 ? 18   GLU A O   1 
ATOM   114 C CB  . GLU A 1 18  ? 2.890   -0.048  12.633  1.00 23.45 ? 18   GLU A CB  1 
ATOM   115 C CG  . GLU A 1 18  ? 1.723   0.039   13.621  1.00 27.29 ? 18   GLU A CG  1 
ATOM   116 C CD  . GLU A 1 18  ? 2.072   -0.562  14.974  1.00 30.42 ? 18   GLU A CD  1 
ATOM   117 O OE1 . GLU A 1 18  ? 2.321   0.204   15.935  1.00 32.37 ? 18   GLU A OE1 1 
ATOM   118 O OE2 . GLU A 1 18  ? 2.133   -1.799  15.065  1.00 31.02 ? 18   GLU A OE2 1 
ATOM   119 N N   . GLY A 1 19  ? 5.679   0.581   14.835  1.00 21.91 ? 19   GLY A N   1 
ATOM   120 C CA  . GLY A 1 19  ? 6.730   -0.112  15.570  1.00 21.62 ? 19   GLY A CA  1 
ATOM   121 C C   . GLY A 1 19  ? 7.897   -0.365  14.634  1.00 21.24 ? 19   GLY A C   1 
ATOM   122 O O   . GLY A 1 19  ? 8.325   0.548   13.950  1.00 21.61 ? 19   GLY A O   1 
ATOM   123 N N   . PRO A 1 20  ? 8.401   -1.594  14.583  1.00 20.77 ? 20   PRO A N   1 
ATOM   124 C CA  . PRO A 1 20  ? 9.504   -1.928  13.674  1.00 20.68 ? 20   PRO A CA  1 
ATOM   125 C C   . PRO A 1 20  ? 9.025   -2.330  12.268  1.00 20.22 ? 20   PRO A C   1 
ATOM   126 O O   . PRO A 1 20  ? 9.841   -2.774  11.468  1.00 20.74 ? 20   PRO A O   1 
ATOM   127 C CB  . PRO A 1 20  ? 10.141  -3.131  14.373  1.00 20.79 ? 20   PRO A CB  1 
ATOM   128 C CG  . PRO A 1 20  ? 8.937   -3.845  14.960  1.00 20.90 ? 20   PRO A CG  1 
ATOM   129 C CD  . PRO A 1 20  ? 8.002   -2.752  15.409  1.00 20.71 ? 20   PRO A CD  1 
ATOM   130 N N   . TYR A 1 21  ? 7.730   -2.204  12.001  1.00 19.49 ? 21   TYR A N   1 
ATOM   131 C CA  . TYR A 1 21  ? 7.167   -2.543  10.697  1.00 19.40 ? 21   TYR A CA  1 
ATOM   132 C C   . TYR A 1 21  ? 7.138   -1.312  9.798   1.00 18.85 ? 21   TYR A C   1 
ATOM   133 O O   . TYR A 1 21  ? 6.749   -0.222  10.212  1.00 18.35 ? 21   TYR A O   1 
ATOM   134 C CB  . TYR A 1 21  ? 5.757   -3.121  10.826  1.00 19.48 ? 21   TYR A CB  1 
ATOM   135 C CG  . TYR A 1 21  ? 5.625   -4.306  11.766  1.00 20.79 ? 21   TYR A CG  1 
ATOM   136 C CD1 . TYR A 1 21  ? 4.457   -4.494  12.520  1.00 21.10 ? 21   TYR A CD1 1 
ATOM   137 C CD2 . TYR A 1 21  ? 6.657   -5.241  11.902  1.00 21.82 ? 21   TYR A CD2 1 
ATOM   138 C CE1 . TYR A 1 21  ? 4.327   -5.592  13.384  1.00 22.57 ? 21   TYR A CE1 1 
ATOM   139 C CE2 . TYR A 1 21  ? 6.537   -6.334  12.770  1.00 23.00 ? 21   TYR A CE2 1 
ATOM   140 C CZ  . TYR A 1 21  ? 5.378   -6.500  13.499  1.00 23.04 ? 21   TYR A CZ  1 
ATOM   141 O OH  . TYR A 1 21  ? 5.265   -7.578  14.325  1.00 24.20 ? 21   TYR A OH  1 
ATOM   142 N N   . LEU A 1 22  ? 7.567   -1.501  8.564   1.00 18.13 ? 22   LEU A N   1 
ATOM   143 C CA  . LEU A 1 22  ? 7.640   -0.412  7.607   1.00 17.82 ? 22   LEU A CA  1 
ATOM   144 C C   . LEU A 1 22  ? 7.037   -0.875  6.292   1.00 17.42 ? 22   LEU A C   1 
ATOM   145 O O   . LEU A 1 22  ? 7.404   -1.921  5.767   1.00 17.63 ? 22   LEU A O   1 
ATOM   146 C CB  . LEU A 1 22  ? 9.101   0.015   7.405   1.00 17.53 ? 22   LEU A CB  1 
ATOM   147 C CG  . LEU A 1 22  ? 9.354   1.214   6.473   1.00 19.38 ? 22   LEU A CG  1 
ATOM   148 C CD1 . LEU A 1 22  ? 8.959   2.527   7.121   1.00 18.75 ? 22   LEU A CD1 1 
ATOM   149 C CD2 . LEU A 1 22  ? 10.811  1.247   5.988   1.00 21.21 ? 22   LEU A CD2 1 
ATOM   150 N N   . PHE A 1 23  ? 6.084   -0.108  5.787   1.00 17.29 ? 23   PHE A N   1 
ATOM   151 C CA  . PHE A 1 23  ? 5.473   -0.376  4.497   1.00 17.10 ? 23   PHE A CA  1 
ATOM   152 C C   . PHE A 1 23  ? 5.823   0.825   3.620   1.00 17.40 ? 23   PHE A C   1 
ATOM   153 O O   . PHE A 1 23  ? 5.311   1.922   3.825   1.00 17.83 ? 23   PHE A O   1 
ATOM   154 C CB  . PHE A 1 23  ? 3.964   -0.520  4.663   1.00 16.86 ? 23   PHE A CB  1 
ATOM   155 C CG  . PHE A 1 23  ? 3.251   -0.997  3.438   1.00 16.26 ? 23   PHE A CG  1 
ATOM   156 C CD1 . PHE A 1 23  ? 3.553   -2.226  2.865   1.00 17.66 ? 23   PHE A CD1 1 
ATOM   157 C CD2 . PHE A 1 23  ? 2.226   -0.248  2.889   1.00 16.83 ? 23   PHE A CD2 1 
ATOM   158 C CE1 . PHE A 1 23  ? 2.854   -2.675  1.736   1.00 18.69 ? 23   PHE A CE1 1 
ATOM   159 C CE2 . PHE A 1 23  ? 1.529   -0.691  1.768   1.00 15.41 ? 23   PHE A CE2 1 
ATOM   160 C CZ  . PHE A 1 23  ? 1.830   -1.901  1.203   1.00 16.10 ? 23   PHE A CZ  1 
ATOM   161 N N   . ILE A 1 24  ? 6.693   0.605   2.646   1.00 18.01 ? 24   ILE A N   1 
ATOM   162 C CA  . ILE A 1 24  ? 7.320   1.712   1.925   1.00 18.27 ? 24   ILE A CA  1 
ATOM   163 C C   . ILE A 1 24  ? 7.252   1.604   0.407   1.00 18.37 ? 24   ILE A C   1 
ATOM   164 O O   . ILE A 1 24  ? 7.485   0.533   -0.180  1.00 17.73 ? 24   ILE A O   1 
ATOM   165 C CB  . ILE A 1 24  ? 8.795   1.877   2.402   1.00 18.67 ? 24   ILE A CB  1 
ATOM   166 C CG1 . ILE A 1 24  ? 9.520   3.002   1.642   1.00 19.89 ? 24   ILE A CG1 1 
ATOM   167 C CG2 . ILE A 1 24  ? 9.558   0.561   2.301   1.00 18.13 ? 24   ILE A CG2 1 
ATOM   168 C CD1 . ILE A 1 24  ? 10.767  3.521   2.391   1.00 22.59 ? 24   ILE A CD1 1 
ATOM   169 N N   . MET A 1 25  ? 6.937   2.736   -0.218  1.00 18.69 ? 25   MET A N   1 
ATOM   170 C CA  . MET A 1 25  ? 6.999   2.888   -1.660  1.00 19.45 ? 25   MET A CA  1 
ATOM   171 C C   . MET A 1 25  ? 8.439   3.266   -2.021  1.00 20.48 ? 25   MET A C   1 
ATOM   172 O O   . MET A 1 25  ? 8.864   4.417   -1.856  1.00 20.37 ? 25   MET A O   1 
ATOM   173 C CB  . MET A 1 25  ? 6.007   3.966   -2.113  1.00 20.05 ? 25   MET A CB  1 
ATOM   174 C CG  . MET A 1 25  ? 6.005   4.266   -3.617  1.00 20.39 ? 25   MET A CG  1 
ATOM   175 S SD  . MET A 1 25  ? 5.162   3.021   -4.589  1.00 20.27 ? 25   MET A SD  1 
ATOM   176 C CE  . MET A 1 25  ? 6.554   2.086   -5.163  1.00 19.80 ? 25   MET A CE  1 
ATOM   177 N N   . GLN A 1 26  ? 9.207   2.284   -2.478  1.00 21.11 ? 26   GLN A N   1 
ATOM   178 C CA  . GLN A 1 26  ? 10.628  2.519   -2.695  1.00 22.11 ? 26   GLN A CA  1 
ATOM   179 C C   . GLN A 1 26  ? 10.896  3.272   -4.008  1.00 22.89 ? 26   GLN A C   1 
ATOM   180 O O   . GLN A 1 26  ? 10.081  3.250   -4.941  1.00 22.16 ? 26   GLN A O   1 
ATOM   181 C CB  . GLN A 1 26  ? 11.421  1.209   -2.618  1.00 22.01 ? 26   GLN A CB  1 
ATOM   182 C CG  . GLN A 1 26  ? 11.346  0.529   -1.250  1.00 21.44 ? 26   GLN A CG  1 
ATOM   183 C CD  . GLN A 1 26  ? 12.190  -0.732  -1.150  1.00 22.91 ? 26   GLN A CD  1 
ATOM   184 O OE1 . GLN A 1 26  ? 12.473  -1.201  -0.043  1.00 23.99 ? 26   GLN A OE1 1 
ATOM   185 N NE2 . GLN A 1 26  ? 12.573  -1.301  -2.296  1.00 21.66 ? 26   GLN A NE2 1 
ATOM   186 N N   . ASN A 1 27  ? 12.031  3.963   -4.042  1.00 23.78 ? 27   ASN A N   1 
ATOM   187 C CA  . ASN A 1 27  ? 12.504  4.674   -5.225  1.00 25.16 ? 27   ASN A CA  1 
ATOM   188 C C   . ASN A 1 27  ? 12.734  3.726   -6.393  1.00 24.59 ? 27   ASN A C   1 
ATOM   189 O O   . ASN A 1 27  ? 12.738  4.148   -7.555  1.00 24.89 ? 27   ASN A O   1 
ATOM   190 C CB  . ASN A 1 27  ? 13.810  5.418   -4.901  1.00 26.01 ? 27   ASN A CB  1 
ATOM   191 C CG  . ASN A 1 27  ? 14.990  4.486   -4.854  1.00 29.87 ? 27   ASN A CG  1 
ATOM   192 O OD1 . ASN A 1 27  ? 15.130  3.696   -3.913  1.00 36.34 ? 27   ASN A OD1 1 
ATOM   193 N ND2 . ASN A 1 27  ? 15.828  4.520   -5.903  1.00 34.58 ? 27   ASN A ND2 1 
ATOM   194 N N   . ASP A 1 28  ? 12.954  2.448   -6.087  1.00 23.92 ? 28   ASP A N   1 
ATOM   195 C CA  . ASP A 1 28  ? 13.085  1.417   -7.115  1.00 22.91 ? 28   ASP A CA  1 
ATOM   196 C C   . ASP A 1 28  ? 11.737  0.896   -7.617  1.00 21.64 ? 28   ASP A C   1 
ATOM   197 O O   . ASP A 1 28  ? 11.675  -0.084  -8.368  1.00 20.35 ? 28   ASP A O   1 
ATOM   198 C CB  . ASP A 1 28  ? 13.987  0.265   -6.631  1.00 23.65 ? 28   ASP A CB  1 
ATOM   199 C CG  . ASP A 1 28  ? 13.297  -0.645  -5.619  1.00 25.57 ? 28   ASP A CG  1 
ATOM   200 O OD1 . ASP A 1 28  ? 12.255  -0.245  -5.057  1.00 25.67 ? 28   ASP A OD1 1 
ATOM   201 O OD2 . ASP A 1 28  ? 13.738  -1.777  -5.328  1.00 26.79 ? 28   ASP A OD2 1 
ATOM   202 N N   . CYS A 1 29  ? 10.660  1.559   -7.198  1.00 20.73 ? 29   CYS A N   1 
ATOM   203 C CA  . CYS A 1 29  ? 9.292   1.208   -7.619  1.00 20.03 ? 29   CYS A CA  1 
ATOM   204 C C   . CYS A 1 29  ? 8.704   -0.048  -6.973  1.00 19.32 ? 29   CYS A C   1 
ATOM   205 O O   . CYS A 1 29  ? 7.587   -0.438  -7.298  1.00 18.46 ? 29   CYS A O   1 
ATOM   206 C CB  . CYS A 1 29  ? 9.155   1.120   -9.146  1.00 20.36 ? 29   CYS A CB  1 
ATOM   207 S SG  . CYS A 1 29  ? 7.460   1.401   -9.704  1.00 20.60 ? 29   CYS A SG  1 
ATOM   208 N N   . ASN A 1 30  ? 9.448   -0.671  -6.064  1.00 18.66 ? 30   ASN A N   1 
ATOM   209 C CA  . ASN A 1 30  ? 8.927   -1.810  -5.311  1.00 18.76 ? 30   ASN A CA  1 
ATOM   210 C C   . ASN A 1 30  ? 8.140   -1.318  -4.098  1.00 17.81 ? 30   ASN A C   1 
ATOM   211 O O   . ASN A 1 30  ? 8.565   -0.390  -3.410  1.00 18.33 ? 30   ASN A O   1 
ATOM   212 C CB  . ASN A 1 30  ? 10.068  -2.724  -4.849  1.00 18.88 ? 30   ASN A CB  1 
ATOM   213 C CG  . ASN A 1 30  ? 9.668   -4.200  -4.776  1.00 20.00 ? 30   ASN A CG  1 
ATOM   214 O OD1 . ASN A 1 30  ? 10.467  -5.053  -4.355  1.00 23.29 ? 30   ASN A OD1 1 
ATOM   215 N ND2 . ASN A 1 30  ? 8.444   -4.507  -5.158  1.00 21.08 ? 30   ASN A ND2 1 
ATOM   216 N N   . LEU A 1 31  ? 6.997   -1.936  -3.841  1.00 17.08 ? 31   LEU A N   1 
ATOM   217 C CA  . LEU A 1 31  ? 6.237   -1.652  -2.636  1.00 16.26 ? 31   LEU A CA  1 
ATOM   218 C C   . LEU A 1 31  ? 6.547   -2.768  -1.649  1.00 16.88 ? 31   LEU A C   1 
ATOM   219 O O   . LEU A 1 31  ? 6.235   -3.934  -1.916  1.00 17.63 ? 31   LEU A O   1 
ATOM   220 C CB  . LEU A 1 31  ? 4.730   -1.584  -2.930  1.00 15.99 ? 31   LEU A CB  1 
ATOM   221 C CG  . LEU A 1 31  ? 3.830   -1.259  -1.719  1.00 15.30 ? 31   LEU A CG  1 
ATOM   222 C CD1 . LEU A 1 31  ? 4.178   0.104   -1.094  1.00 15.68 ? 31   LEU A CD1 1 
ATOM   223 C CD2 . LEU A 1 31  ? 2.358   -1.323  -2.129  1.00 15.96 ? 31   LEU A CD2 1 
ATOM   224 N N   . VAL A 1 32  ? 7.196   -2.433  -0.535  1.00 16.69 ? 32   VAL A N   1 
ATOM   225 C CA  . VAL A 1 32  ? 7.734   -3.490  0.350   1.00 17.42 ? 32   VAL A CA  1 
ATOM   226 C C   . VAL A 1 32  ? 7.283   -3.372  1.809   1.00 16.64 ? 32   VAL A C   1 
ATOM   227 O O   . VAL A 1 32  ? 7.247   -2.282  2.369   1.00 17.12 ? 32   VAL A O   1 
ATOM   228 C CB  . VAL A 1 32  ? 9.285   -3.598  0.256   1.00 16.86 ? 32   VAL A CB  1 
ATOM   229 C CG1 . VAL A 1 32  ? 9.803   -4.837  1.009   1.00 18.61 ? 32   VAL A CG1 1 
ATOM   230 C CG2 . VAL A 1 32  ? 9.724   -3.715  -1.227  1.00 18.87 ? 32   VAL A CG2 1 
ATOM   231 N N   . LEU A 1 33  ? 6.930   -4.509  2.407   1.00 17.14 ? 33   LEU A N   1 
ATOM   232 C CA  . LEU A 1 33  ? 6.686   -4.563  3.849   1.00 16.90 ? 33   LEU A CA  1 
ATOM   233 C C   . LEU A 1 33  ? 7.928   -5.132  4.529   1.00 17.22 ? 33   LEU A C   1 
ATOM   234 O O   . LEU A 1 33  ? 8.363   -6.247  4.198   1.00 16.85 ? 33   LEU A O   1 
ATOM   235 C CB  . LEU A 1 33  ? 5.445   -5.394  4.200   1.00 17.22 ? 33   LEU A CB  1 
ATOM   236 C CG  . LEU A 1 33  ? 5.149   -5.536  5.714   1.00 17.98 ? 33   LEU A CG  1 
ATOM   237 C CD1 . LEU A 1 33  ? 4.955   -4.193  6.423   1.00 19.22 ? 33   LEU A CD1 1 
ATOM   238 C CD2 . LEU A 1 33  ? 3.922   -6.411  5.924   1.00 19.30 ? 33   LEU A CD2 1 
ATOM   239 N N   . TYR A 1 34  ? 8.505   -4.337  5.434   1.00 17.01 ? 34   TYR A N   1 
ATOM   240 C CA  . TYR A 1 34  ? 9.666   -4.744  6.243   1.00 18.03 ? 34   TYR A CA  1 
ATOM   241 C C   . TYR A 1 34  ? 9.277   -5.060  7.681   1.00 18.30 ? 34   TYR A C   1 
ATOM   242 O O   . TYR A 1 34  ? 8.516   -4.317  8.295   1.00 18.63 ? 34   TYR A O   1 
ATOM   243 C CB  . TYR A 1 34  ? 10.718  -3.631  6.279   1.00 17.13 ? 34   TYR A CB  1 
ATOM   244 C CG  . TYR A 1 34  ? 11.444  -3.476  4.985   1.00 17.96 ? 34   TYR A CG  1 
ATOM   245 C CD1 . TYR A 1 34  ? 12.501  -4.333  4.657   1.00 18.79 ? 34   TYR A CD1 1 
ATOM   246 C CD2 . TYR A 1 34  ? 11.050  -2.514  4.055   1.00 17.97 ? 34   TYR A CD2 1 
ATOM   247 C CE1 . TYR A 1 34  ? 13.176  -4.214  3.455   1.00 20.52 ? 34   TYR A CE1 1 
ATOM   248 C CE2 . TYR A 1 34  ? 11.716  -2.390  2.830   1.00 19.55 ? 34   TYR A CE2 1 
ATOM   249 C CZ  . TYR A 1 34  ? 12.774  -3.248  2.541   1.00 20.03 ? 34   TYR A CZ  1 
ATOM   250 O OH  . TYR A 1 34  ? 13.447  -3.146  1.353   1.00 20.66 ? 34   TYR A OH  1 
ATOM   251 N N   . ASP A 1 35  ? 9.805   -6.164  8.195   1.00 18.40 ? 35   ASP A N   1 
ATOM   252 C CA  . ASP A 1 35  ? 9.789   -6.460  9.613   1.00 19.05 ? 35   ASP A CA  1 
ATOM   253 C C   . ASP A 1 35  ? 11.208  -6.115  10.034  1.00 18.92 ? 35   ASP A C   1 
ATOM   254 O O   . ASP A 1 35  ? 12.111  -6.915  9.817   1.00 18.86 ? 35   ASP A O   1 
ATOM   255 C CB  . ASP A 1 35  ? 9.526   -7.961  9.820   1.00 19.54 ? 35   ASP A CB  1 
ATOM   256 C CG  . ASP A 1 35  ? 9.263   -8.337  11.285  1.00 20.46 ? 35   ASP A CG  1 
ATOM   257 O OD1 . ASP A 1 35  ? 9.805   -7.691  12.209  1.00 22.94 ? 35   ASP A OD1 1 
ATOM   258 O OD2 . ASP A 1 35  ? 8.522   -9.292  11.600  1.00 21.85 ? 35   ASP A OD2 1 
ATOM   259 N N   . ASN A 1 36  ? 11.404  -4.933  10.610  1.00 19.16 ? 36   ASN A N   1 
ATOM   260 C CA  . ASN A 1 36  ? 12.751  -4.399  10.849  1.00 20.23 ? 36   ASN A CA  1 
ATOM   261 C C   . ASN A 1 36  ? 13.530  -4.300  9.513   1.00 21.10 ? 36   ASN A C   1 
ATOM   262 O O   . ASN A 1 36  ? 13.234  -3.417  8.702   1.00 20.78 ? 36   ASN A O   1 
ATOM   263 C CB  . ASN A 1 36  ? 13.508  -5.199  11.932  1.00 20.07 ? 36   ASN A CB  1 
ATOM   264 C CG  . ASN A 1 36  ? 14.698  -4.427  12.517  1.00 21.17 ? 36   ASN A CG  1 
ATOM   265 O OD1 . ASN A 1 36  ? 14.810  -3.217  12.339  1.00 22.94 ? 36   ASN A OD1 1 
ATOM   266 N ND2 . ASN A 1 36  ? 15.599  -5.136  13.201  1.00 18.32 ? 36   ASN A ND2 1 
ATOM   267 N N   . ASN A 1 37  ? 14.482  -5.209  9.280   1.00 22.10 ? 37   ASN A N   1 
ATOM   268 C CA  . ASN A 1 37  ? 15.280  -5.241  8.044   1.00 23.45 ? 37   ASN A CA  1 
ATOM   269 C C   . ASN A 1 37  ? 14.845  -6.317  7.048   1.00 23.92 ? 37   ASN A C   1 
ATOM   270 O O   . ASN A 1 37  ? 15.370  -6.365  5.941   1.00 24.07 ? 37   ASN A O   1 
ATOM   271 C CB  . ASN A 1 37  ? 16.766  -5.492  8.364   1.00 23.65 ? 37   ASN A CB  1 
ATOM   272 C CG  . ASN A 1 37  ? 17.000  -6.877  8.940   1.00 25.03 ? 37   ASN A CG  1 
ATOM   273 O OD1 . ASN A 1 37  ? 16.417  -7.228  9.966   1.00 27.68 ? 37   ASN A OD1 1 
ATOM   274 N ND2 . ASN A 1 37  ? 17.814  -7.680  8.267   1.00 24.60 ? 37   ASN A ND2 1 
ATOM   275 N N   . ARG A 1 38  ? 13.943  -7.204  7.462   1.00 23.88 ? 38   ARG A N   1 
ATOM   276 C CA  . ARG A 1 38  ? 13.521  -8.326  6.631   1.00 25.14 ? 38   ARG A CA  1 
ATOM   277 C C   . ARG A 1 38  ? 12.303  -7.944  5.804   1.00 24.35 ? 38   ARG A C   1 
ATOM   278 O O   . ARG A 1 38  ? 11.273  -7.573  6.351   1.00 23.98 ? 38   ARG A O   1 
ATOM   279 C CB  . ARG A 1 38  ? 13.132  -9.511  7.516   1.00 25.83 ? 38   ARG A CB  1 
ATOM   280 C CG  . ARG A 1 38  ? 14.154  -10.613 7.586   1.00 30.86 ? 38   ARG A CG  1 
ATOM   281 C CD  . ARG A 1 38  ? 13.705  -11.802 8.412   1.00 37.60 ? 38   ARG A CD  1 
ATOM   282 N NE  . ARG A 1 38  ? 12.452  -12.379 7.921   1.00 41.58 ? 38   ARG A NE  1 
ATOM   283 C CZ  . ARG A 1 38  ? 11.420  -12.719 8.696   1.00 43.58 ? 38   ARG A CZ  1 
ATOM   284 N NH1 . ARG A 1 38  ? 11.473  -12.548 10.012  1.00 44.71 ? 38   ARG A NH1 1 
ATOM   285 N NH2 . ARG A 1 38  ? 10.329  -13.238 8.151   1.00 44.86 ? 38   ARG A NH2 1 
ATOM   286 N N   . ALA A 1 39  ? 12.425  -8.061  4.491   1.00 24.03 ? 39   ALA A N   1 
ATOM   287 C CA  . ALA A 1 39  ? 11.305  -7.894  3.575   1.00 23.99 ? 39   ALA A CA  1 
ATOM   288 C C   . ALA A 1 39  ? 10.417  -9.131  3.695   1.00 24.09 ? 39   ALA A C   1 
ATOM   289 O O   . ALA A 1 39  ? 10.902  -10.245 3.520   1.00 24.58 ? 39   ALA A O   1 
ATOM   290 C CB  . ALA A 1 39  ? 11.834  -7.758  2.166   1.00 23.81 ? 39   ALA A CB  1 
ATOM   291 N N   . VAL A 1 40  ? 9.143   -8.949  4.043   1.00 23.30 ? 40   VAL A N   1 
ATOM   292 C CA  . VAL A 1 40  ? 8.235   -10.095 4.194   1.00 23.36 ? 40   VAL A CA  1 
ATOM   293 C C   . VAL A 1 40  ? 7.115   -10.122 3.141   1.00 23.51 ? 40   VAL A C   1 
ATOM   294 O O   . VAL A 1 40  ? 6.409   -11.136 2.968   1.00 23.44 ? 40   VAL A O   1 
ATOM   295 C CB  . VAL A 1 40  ? 7.647   -10.208 5.639   1.00 23.71 ? 40   VAL A CB  1 
ATOM   296 C CG1 . VAL A 1 40  ? 8.756   -10.453 6.658   1.00 23.16 ? 40   VAL A CG1 1 
ATOM   297 C CG2 . VAL A 1 40  ? 6.864   -8.952  6.009   1.00 23.96 ? 40   VAL A CG2 1 
ATOM   298 N N   . TRP A 1 41  ? 6.949   -9.000  2.446   1.00 22.91 ? 41   TRP A N   1 
ATOM   299 C CA  . TRP A 1 41  ? 5.987   -8.912  1.355   1.00 22.97 ? 41   TRP A CA  1 
ATOM   300 C C   . TRP A 1 41  ? 6.441   -7.838  0.390   1.00 22.74 ? 41   TRP A C   1 
ATOM   301 O O   . TRP A 1 41  ? 6.967   -6.804  0.806   1.00 23.23 ? 41   TRP A O   1 
ATOM   302 C CB  . TRP A 1 41  ? 4.596   -8.585  1.885   1.00 22.70 ? 41   TRP A CB  1 
ATOM   303 C CG  . TRP A 1 41  ? 3.519   -8.559  0.828   1.00 22.49 ? 41   TRP A CG  1 
ATOM   304 C CD1 . TRP A 1 41  ? 2.708   -9.590  0.469   1.00 22.18 ? 41   TRP A CD1 1 
ATOM   305 C CD2 . TRP A 1 41  ? 3.132   -7.443  0.016   1.00 21.89 ? 41   TRP A CD2 1 
ATOM   306 N NE1 . TRP A 1 41  ? 1.844   -9.192  -0.523  1.00 23.10 ? 41   TRP A NE1 1 
ATOM   307 C CE2 . TRP A 1 41  ? 2.082   -7.880  -0.823  1.00 21.30 ? 41   TRP A CE2 1 
ATOM   308 C CE3 . TRP A 1 41  ? 3.572   -6.107  -0.095  1.00 20.89 ? 41   TRP A CE3 1 
ATOM   309 C CZ2 . TRP A 1 41  ? 1.473   -7.045  -1.770  1.00 20.57 ? 41   TRP A CZ2 1 
ATOM   310 C CZ3 . TRP A 1 41  ? 2.959   -5.273  -1.039  1.00 20.01 ? 41   TRP A CZ3 1 
ATOM   311 C CH2 . TRP A 1 41  ? 1.917   -5.749  -1.857  1.00 20.04 ? 41   TRP A CH2 1 
ATOM   312 N N   . ALA A 1 42  ? 6.225   -8.077  -0.894  1.00 22.40 ? 42   ALA A N   1 
ATOM   313 C CA  . ALA A 1 42  ? 6.562   -7.098  -1.915  1.00 22.47 ? 42   ALA A CA  1 
ATOM   314 C C   . ALA A 1 42  ? 5.597   -7.169  -3.100  1.00 22.71 ? 42   ALA A C   1 
ATOM   315 O O   . ALA A 1 42  ? 5.080   -8.237  -3.428  1.00 22.55 ? 42   ALA A O   1 
ATOM   316 C CB  . ALA A 1 42  ? 8.008   -7.296  -2.386  1.00 22.99 ? 42   ALA A CB  1 
ATOM   317 N N   . SER A 1 43  ? 5.348   -6.018  -3.717  1.00 22.41 ? 43   SER A N   1 
ATOM   318 C CA  . SER A 1 43  ? 4.569   -5.963  -4.943  1.00 22.75 ? 43   SER A CA  1 
ATOM   319 C C   . SER A 1 43  ? 5.336   -6.620  -6.096  1.00 23.64 ? 43   SER A C   1 
ATOM   320 O O   . SER A 1 43  ? 4.720   -7.111  -7.028  1.00 24.52 ? 43   SER A O   1 
ATOM   321 C CB  . SER A 1 43  ? 4.218   -4.526  -5.297  1.00 22.16 ? 43   SER A CB  1 
ATOM   322 O OG  . SER A 1 43  ? 5.390   -3.755  -5.498  1.00 21.70 ? 43   SER A OG  1 
ATOM   323 N N   . GLY A 1 44  ? 6.665   -6.638  -6.019  1.00 23.80 ? 44   GLY A N   1 
ATOM   324 C CA  . GLY A 1 44  ? 7.489   -7.225  -7.057  1.00 24.76 ? 44   GLY A CA  1 
ATOM   325 C C   . GLY A 1 44  ? 7.625   -6.351  -8.296  1.00 25.32 ? 44   GLY A C   1 
ATOM   326 O O   . GLY A 1 44  ? 7.768   -6.860  -9.404  1.00 26.06 ? 44   GLY A O   1 
ATOM   327 N N   . THR A 1 45  ? 7.570   -5.031  -8.106  1.00 25.28 ? 45   THR A N   1 
ATOM   328 C CA  . THR A 1 45  ? 7.676   -4.082  -9.199  1.00 24.89 ? 45   THR A CA  1 
ATOM   329 C C   . THR A 1 45  ? 9.010   -3.320  -9.156  1.00 25.53 ? 45   THR A C   1 
ATOM   330 O O   . THR A 1 45  ? 9.128   -2.238  -9.740  1.00 24.99 ? 45   THR A O   1 
ATOM   331 C CB  . THR A 1 45  ? 6.495   -3.079  -9.180  1.00 24.89 ? 45   THR A CB  1 
ATOM   332 O OG1 . THR A 1 45  ? 6.350   -2.526  -7.868  1.00 22.83 ? 45   THR A OG1 1 
ATOM   333 C CG2 . THR A 1 45  ? 5.158   -3.784  -9.443  1.00 24.15 ? 45   THR A CG2 1 
ATOM   334 N N   . ASN A 1 46  ? 9.998   -3.875  -8.453  1.00 26.18 ? 46   ASN A N   1 
ATOM   335 C CA  . ASN A 1 46  ? 11.343  -3.284  -8.410  1.00 27.57 ? 46   ASN A CA  1 
ATOM   336 C C   . ASN A 1 46  ? 11.938  -3.237  -9.822  1.00 27.95 ? 46   ASN A C   1 
ATOM   337 O O   . ASN A 1 46  ? 11.811  -4.206  -10.572 1.00 28.03 ? 46   ASN A O   1 
ATOM   338 C CB  . ASN A 1 46  ? 12.270  -4.077  -7.491  1.00 27.78 ? 46   ASN A CB  1 
ATOM   339 C CG  . ASN A 1 46  ? 12.282  -5.567  -7.806  1.00 29.63 ? 46   ASN A CG  1 
ATOM   340 O OD1 . ASN A 1 46  ? 11.260  -6.251  -7.697  1.00 30.55 ? 46   ASN A OD1 1 
ATOM   341 N ND2 . ASN A 1 46  ? 13.448  -6.080  -8.205  1.00 33.55 ? 46   ASN A ND2 1 
ATOM   342 N N   . GLY A 1 47  ? 12.539  -2.107  -10.181 1.00 28.00 ? 47   GLY A N   1 
ATOM   343 C CA  . GLY A 1 47  ? 13.147  -1.947  -11.497 1.00 29.30 ? 47   GLY A CA  1 
ATOM   344 C C   . GLY A 1 47  ? 12.165  -1.766  -12.653 1.00 29.91 ? 47   GLY A C   1 
ATOM   345 O O   . GLY A 1 47  ? 12.579  -1.532  -13.796 1.00 30.72 ? 47   GLY A O   1 
ATOM   346 N N   . LYS A 1 48  ? 10.867  -1.845  -12.378 1.00 29.68 ? 48   LYS A N   1 
ATOM   347 C CA  . LYS A 1 48  ? 9.873   -1.729  -13.442 1.00 30.22 ? 48   LYS A CA  1 
ATOM   348 C C   . LYS A 1 48  ? 9.750   -0.321  -14.049 1.00 29.58 ? 48   LYS A C   1 
ATOM   349 O O   . LYS A 1 48  ? 9.397   -0.189  -15.223 1.00 30.15 ? 48   LYS A O   1 
ATOM   350 C CB  . LYS A 1 48  ? 8.501   -2.202  -12.958 1.00 30.92 ? 48   LYS A CB  1 
ATOM   351 C CG  . LYS A 1 48  ? 8.306   -3.743  -12.781 1.00 34.50 ? 48   LYS A CG  1 
ATOM   352 C CD  . LYS A 1 48  ? 9.435   -4.643  -13.348 1.00 38.62 ? 48   LYS A CD  1 
ATOM   353 C CE  . LYS A 1 48  ? 9.307   -6.082  -12.817 1.00 40.50 ? 48   LYS A CE  1 
ATOM   354 N NZ  . LYS A 1 48  ? 9.961   -6.284  -11.487 1.00 41.47 ? 48   LYS A NZ  1 
ATOM   355 N N   . ALA A 1 49  ? 10.024  0.717   -13.246 1.00 27.98 ? 49   ALA A N   1 
ATOM   356 C CA  . ALA A 1 49  ? 9.766   2.118   -13.618 1.00 26.50 ? 49   ALA A CA  1 
ATOM   357 C C   . ALA A 1 49  ? 10.428  3.050   -12.617 1.00 25.47 ? 49   ALA A C   1 
ATOM   358 O O   . ALA A 1 49  ? 10.984  2.597   -11.621 1.00 24.94 ? 49   ALA A O   1 
ATOM   359 C CB  . ALA A 1 49  ? 8.266   2.398   -13.659 1.00 26.13 ? 49   ALA A CB  1 
ATOM   360 N N   . SER A 1 50  ? 10.376  4.353   -12.869 1.00 24.61 ? 50   SER A N   1 
ATOM   361 C CA  . SER A 1 50  ? 10.966  5.283   -11.920 1.00 24.03 ? 50   SER A CA  1 
ATOM   362 C C   . SER A 1 50  ? 9.972   6.331   -11.465 1.00 22.77 ? 50   SER A C   1 
ATOM   363 O O   . SER A 1 50  ? 8.940   6.532   -12.104 1.00 22.43 ? 50   SER A O   1 
ATOM   364 C CB  . SER A 1 50  ? 12.250  5.900   -12.473 1.00 24.56 ? 50   SER A CB  1 
ATOM   365 O OG  . SER A 1 50  ? 12.055  6.414   -13.773 1.00 28.58 ? 50   SER A OG  1 
ATOM   366 N N   . ASN A 1 51  ? 10.273  6.970   -10.336 1.00 21.41 ? 51   ASN A N   1 
ATOM   367 C CA  . ASN A 1 51  ? 9.398   7.973   -9.753  1.00 20.65 ? 51   ASN A CA  1 
ATOM   368 C C   . ASN A 1 51  ? 7.978   7.424   -9.548  1.00 20.32 ? 51   ASN A C   1 
ATOM   369 O O   . ASN A 1 51  ? 6.992   8.086   -9.877  1.00 20.29 ? 51   ASN A O   1 
ATOM   370 C CB  . ASN A 1 51  ? 9.379   9.248   -10.623 1.00 20.39 ? 51   ASN A CB  1 
ATOM   371 C CG  . ASN A 1 51  ? 10.770  9.855   -10.813 1.00 20.73 ? 51   ASN A CG  1 
ATOM   372 O OD1 . ASN A 1 51  ? 11.502  10.083  -9.842  1.00 20.89 ? 51   ASN A OD1 1 
ATOM   373 N ND2 . ASN A 1 51  ? 11.145  10.101  -12.070 1.00 18.95 ? 51   ASN A ND2 1 
ATOM   374 N N   . CYS A 1 52  ? 7.877   6.200   -9.028  1.00 19.52 ? 52   CYS A N   1 
ATOM   375 C CA  . CYS A 1 52  ? 6.581   5.630   -8.730  1.00 19.19 ? 52   CYS A CA  1 
ATOM   376 C C   . CYS A 1 52  ? 5.987   6.255   -7.484  1.00 19.34 ? 52   CYS A C   1 
ATOM   377 O O   . CYS A 1 52  ? 6.727   6.669   -6.578  1.00 19.61 ? 52   CYS A O   1 
ATOM   378 C CB  . CYS A 1 52  ? 6.670   4.123   -8.593  1.00 19.52 ? 52   CYS A CB  1 
ATOM   379 S SG  . CYS A 1 52  ? 7.390   3.370   -10.061 1.00 19.61 ? 52   CYS A SG  1 
ATOM   380 N N   . ILE A 1 53  ? 4.659   6.356   -7.471  1.00 18.64 ? 53   ILE A N   1 
ATOM   381 C CA  . ILE A 1 53  ? 3.910   6.795   -6.306  1.00 19.49 ? 53   ILE A CA  1 
ATOM   382 C C   . ILE A 1 53  ? 2.831   5.745   -6.023  1.00 18.92 ? 53   ILE A C   1 
ATOM   383 O O   . ILE A 1 53  ? 2.347   5.078   -6.947  1.00 18.35 ? 53   ILE A O   1 
ATOM   384 C CB  . ILE A 1 53  ? 3.263   8.208   -6.528  1.00 19.32 ? 53   ILE A CB  1 
ATOM   385 C CG1 . ILE A 1 53  ? 2.282   8.195   -7.692  1.00 20.28 ? 53   ILE A CG1 1 
ATOM   386 C CG2 . ILE A 1 53  ? 4.318   9.268   -6.761  1.00 21.21 ? 53   ILE A CG2 1 
ATOM   387 C CD1 . ILE A 1 53  ? 0.814   8.110   -7.251  1.00 20.52 ? 53   ILE A CD1 1 
ATOM   388 N N   . LEU A 1 54  ? 2.460   5.619   -4.757  1.00 18.41 ? 54   LEU A N   1 
ATOM   389 C CA  . LEU A 1 54  ? 1.403   4.718   -4.350  1.00 19.23 ? 54   LEU A CA  1 
ATOM   390 C C   . LEU A 1 54  ? 0.131   5.511   -4.149  1.00 19.75 ? 54   LEU A C   1 
ATOM   391 O O   . LEU A 1 54  ? 0.142   6.500   -3.435  1.00 20.39 ? 54   LEU A O   1 
ATOM   392 C CB  . LEU A 1 54  ? 1.783   3.997   -3.044  1.00 18.78 ? 54   LEU A CB  1 
ATOM   393 C CG  . LEU A 1 54  ? 0.708   3.045   -2.500  1.00 18.50 ? 54   LEU A CG  1 
ATOM   394 C CD1 . LEU A 1 54  ? 0.579   1.844   -3.411  1.00 18.71 ? 54   LEU A CD1 1 
ATOM   395 C CD2 . LEU A 1 54  ? 1.074   2.591   -1.089  1.00 18.80 ? 54   LEU A CD2 1 
ATOM   396 N N   . LYS A 1 55  ? -0.963  5.083   -4.772  1.00 19.95 ? 55   LYS A N   1 
ATOM   397 C CA  . LYS A 1 55  ? -2.218  5.791   -4.616  1.00 20.59 ? 55   LYS A CA  1 
ATOM   398 C C   . LYS A 1 55  ? -3.296  4.896   -4.028  1.00 20.46 ? 55   LYS A C   1 
ATOM   399 O O   . LYS A 1 55  ? -3.622  3.844   -4.592  1.00 20.84 ? 55   LYS A O   1 
ATOM   400 C CB  . LYS A 1 55  ? -2.658  6.424   -5.949  1.00 20.86 ? 55   LYS A CB  1 
ATOM   401 C CG  . LYS A 1 55  ? -3.986  7.167   -5.875  1.00 24.04 ? 55   LYS A CG  1 
ATOM   402 C CD  . LYS A 1 55  ? -3.785  8.681   -6.009  1.00 30.50 ? 55   LYS A CD  1 
ATOM   403 C CE  . LYS A 1 55  ? -4.992  9.429   -5.429  1.00 32.22 ? 55   LYS A CE  1 
ATOM   404 N NZ  . LYS A 1 55  ? -4.714  10.894  -5.262  1.00 35.54 ? 55   LYS A NZ  1 
ATOM   405 N N   . MET A 1 56  ? -3.841  5.313   -2.883  1.00 20.67 ? 56   MET A N   1 
ATOM   406 C CA  . MET A 1 56  ? -4.995  4.637   -2.295  1.00 20.99 ? 56   MET A CA  1 
ATOM   407 C C   . MET A 1 56  ? -6.194  5.326   -2.926  1.00 21.89 ? 56   MET A C   1 
ATOM   408 O O   . MET A 1 56  ? -6.540  6.461   -2.560  1.00 21.83 ? 56   MET A O   1 
ATOM   409 C CB  . MET A 1 56  ? -5.000  4.778   -0.768  1.00 20.56 ? 56   MET A CB  1 
ATOM   410 C CG  . MET A 1 56  ? -6.207  4.125   -0.039  1.00 21.75 ? 56   MET A CG  1 
ATOM   411 S SD  . MET A 1 56  ? -6.287  2.308   -0.151  1.00 24.31 ? 56   MET A SD  1 
ATOM   412 C CE  . MET A 1 56  ? -7.681  2.101   -1.263  1.00 23.90 ? 56   MET A CE  1 
ATOM   413 N N   . GLN A 1 57  ? -6.804  4.665   -3.905  1.00 22.62 ? 57   GLN A N   1 
ATOM   414 C CA  . GLN A 1 57  ? -7.810  5.329   -4.744  1.00 24.18 ? 57   GLN A CA  1 
ATOM   415 C C   . GLN A 1 57  ? -9.151  5.356   -4.046  1.00 25.08 ? 57   GLN A C   1 
ATOM   416 O O   . GLN A 1 57  ? -9.445  4.497   -3.208  1.00 24.70 ? 57   GLN A O   1 
ATOM   417 C CB  . GLN A 1 57  ? -7.938  4.650   -6.115  1.00 23.42 ? 57   GLN A CB  1 
ATOM   418 C CG  . GLN A 1 57  ? -6.718  4.825   -7.003  1.00 23.65 ? 57   GLN A CG  1 
ATOM   419 C CD  . GLN A 1 57  ? -6.894  4.283   -8.421  1.00 23.79 ? 57   GLN A CD  1 
ATOM   420 O OE1 . GLN A 1 57  ? -6.086  4.579   -9.292  1.00 23.55 ? 57   GLN A OE1 1 
ATOM   421 N NE2 . GLN A 1 57  ? -7.943  3.494   -8.649  1.00 23.98 ? 57   GLN A NE2 1 
ATOM   422 N N   . ARG A 1 58  ? -9.980  6.325   -4.429  1.00 26.68 ? 58   ARG A N   1 
ATOM   423 C CA  . ARG A 1 58  ? -11.297 6.471   -3.827  1.00 28.00 ? 58   ARG A CA  1 
ATOM   424 C C   . ARG A 1 58  ? -12.250 5.321   -4.156  1.00 28.46 ? 58   ARG A C   1 
ATOM   425 O O   . ARG A 1 58  ? -13.325 5.225   -3.558  1.00 29.25 ? 58   ARG A O   1 
ATOM   426 C CB  . ARG A 1 58  ? -11.905 7.842   -4.154  1.00 28.72 ? 58   ARG A CB  1 
ATOM   427 C CG  . ARG A 1 58  ? -11.166 8.986   -3.489  1.00 30.61 ? 58   ARG A CG  1 
ATOM   428 C CD  . ARG A 1 58  ? -11.748 10.351  -3.747  1.00 35.37 ? 58   ARG A CD  1 
ATOM   429 N NE  . ARG A 1 58  ? -10.710 11.385  -3.748  1.00 38.58 ? 58   ARG A NE  1 
ATOM   430 C CZ  . ARG A 1 58  ? -10.396 12.138  -2.696  1.00 39.61 ? 58   ARG A CZ  1 
ATOM   431 N NH1 . ARG A 1 58  ? -11.042 11.984  -1.546  1.00 41.26 ? 58   ARG A NH1 1 
ATOM   432 N NH2 . ARG A 1 58  ? -9.436  13.056  -2.792  1.00 40.38 ? 58   ARG A NH2 1 
ATOM   433 N N   . ASP A 1 59  ? -11.854 4.442   -5.079  1.00 28.37 ? 59   ASP A N   1 
ATOM   434 C CA  . ASP A 1 59  ? -12.645 3.245   -5.402  1.00 28.45 ? 59   ASP A CA  1 
ATOM   435 C C   . ASP A 1 59  ? -12.192 1.975   -4.643  1.00 27.79 ? 59   ASP A C   1 
ATOM   436 O O   . ASP A 1 59  ? -12.733 0.896   -4.872  1.00 27.75 ? 59   ASP A O   1 
ATOM   437 C CB  . ASP A 1 59  ? -12.677 2.980   -6.930  1.00 29.01 ? 59   ASP A CB  1 
ATOM   438 C CG  . ASP A 1 59  ? -11.322 2.545   -7.484  1.00 30.17 ? 59   ASP A CG  1 
ATOM   439 O OD1 . ASP A 1 59  ? -10.302 3.145   -7.101  1.00 30.07 ? 59   ASP A OD1 1 
ATOM   440 O OD2 . ASP A 1 59  ? -11.164 1.599   -8.291  1.00 33.50 ? 59   ASP A OD2 1 
ATOM   441 N N   . GLY A 1 60  ? -11.214 2.100   -3.744  1.00 26.88 ? 60   GLY A N   1 
ATOM   442 C CA  . GLY A 1 60  ? -10.774 0.949   -2.975  1.00 26.23 ? 60   GLY A CA  1 
ATOM   443 C C   . GLY A 1 60  ? -9.601  0.179   -3.560  1.00 25.18 ? 60   GLY A C   1 
ATOM   444 O O   . GLY A 1 60  ? -9.119  -0.785  -2.948  1.00 25.82 ? 60   GLY A O   1 
ATOM   445 N N   . ASN A 1 61  ? -9.142  0.607   -4.737  1.00 24.30 ? 61   ASN A N   1 
ATOM   446 C CA  . ASN A 1 61  ? -7.991  0.007   -5.421  1.00 23.11 ? 61   ASN A CA  1 
ATOM   447 C C   . ASN A 1 61  ? -6.701  0.659   -4.906  1.00 21.88 ? 61   ASN A C   1 
ATOM   448 O O   . ASN A 1 61  ? -6.599  1.887   -4.852  1.00 20.88 ? 61   ASN A O   1 
ATOM   449 C CB  . ASN A 1 61  ? -8.110  0.217   -6.936  1.00 23.99 ? 61   ASN A CB  1 
ATOM   450 C CG  . ASN A 1 61  ? -7.877  -1.055  -7.746  1.00 26.59 ? 61   ASN A CG  1 
ATOM   451 O OD1 . ASN A 1 61  ? -7.629  -2.136  -7.202  1.00 28.65 ? 61   ASN A OD1 1 
ATOM   452 N ND2 . ASN A 1 61  ? -7.949  -0.921  -9.074  1.00 30.38 ? 61   ASN A ND2 1 
ATOM   453 N N   . LEU A 1 62  ? -5.736  -0.164  -4.509  1.00 19.91 ? 62   LEU A N   1 
ATOM   454 C CA  . LEU A 1 62  ? -4.393  0.320   -4.224  1.00 18.77 ? 62   LEU A CA  1 
ATOM   455 C C   . LEU A 1 62  ? -3.589  0.211   -5.519  1.00 17.95 ? 62   LEU A C   1 
ATOM   456 O O   . LEU A 1 62  ? -3.537  -0.852  -6.097  1.00 17.80 ? 62   LEU A O   1 
ATOM   457 C CB  . LEU A 1 62  ? -3.762  -0.523  -3.115  1.00 18.88 ? 62   LEU A CB  1 
ATOM   458 C CG  . LEU A 1 62  ? -2.476  -0.007  -2.492  1.00 19.90 ? 62   LEU A CG  1 
ATOM   459 C CD1 . LEU A 1 62  ? -2.731  1.322   -1.784  1.00 17.11 ? 62   LEU A CD1 1 
ATOM   460 C CD2 . LEU A 1 62  ? -1.879  -1.084  -1.544  1.00 18.78 ? 62   LEU A CD2 1 
ATOM   461 N N   . VAL A 1 63  ? -2.997  1.309   -5.994  1.00 17.59 ? 63   VAL A N   1 
ATOM   462 C CA  . VAL A 1 63  ? -2.342  1.314   -7.307  1.00 16.69 ? 63   VAL A CA  1 
ATOM   463 C C   . VAL A 1 63  ? -1.004  2.038   -7.259  1.00 16.96 ? 63   VAL A C   1 
ATOM   464 O O   . VAL A 1 63  ? -0.908  3.146   -6.723  1.00 17.26 ? 63   VAL A O   1 
ATOM   465 C CB  . VAL A 1 63  ? -3.230  1.977   -8.416  1.00 17.00 ? 63   VAL A CB  1 
ATOM   466 C CG1 . VAL A 1 63  ? -2.571  1.840   -9.814  1.00 16.11 ? 63   VAL A CG1 1 
ATOM   467 C CG2 . VAL A 1 63  ? -4.656  1.406   -8.427  1.00 15.73 ? 63   VAL A CG2 1 
ATOM   468 N N   . ILE A 1 64  ? 0.023   1.407   -7.823  1.00 16.85 ? 64   ILE A N   1 
ATOM   469 C CA  . ILE A 1 64  ? 1.314   2.055   -8.059  1.00 16.76 ? 64   ILE A CA  1 
ATOM   470 C C   . ILE A 1 64  ? 1.272   2.710   -9.449  1.00 16.58 ? 64   ILE A C   1 
ATOM   471 O O   . ILE A 1 64  ? 0.982   2.036   -10.430 1.00 16.65 ? 64   ILE A O   1 
ATOM   472 C CB  . ILE A 1 64  ? 2.471   1.026   -7.989  1.00 17.25 ? 64   ILE A CB  1 
ATOM   473 C CG1 . ILE A 1 64  ? 2.532   0.350   -6.608  1.00 16.82 ? 64   ILE A CG1 1 
ATOM   474 C CG2 . ILE A 1 64  ? 3.836   1.694   -8.323  1.00 16.29 ? 64   ILE A CG2 1 
ATOM   475 C CD1 . ILE A 1 64  ? 3.462   -0.908  -6.548  1.00 18.99 ? 64   ILE A CD1 1 
ATOM   476 N N   . TYR A 1 65  ? 1.533   4.019   -9.501  1.00 16.37 ? 65   TYR A N   1 
ATOM   477 C CA  . TYR A 1 65  ? 1.633   4.783   -10.754 1.00 16.42 ? 65   TYR A CA  1 
ATOM   478 C C   . TYR A 1 65  ? 3.065   5.218   -11.018 1.00 16.40 ? 65   TYR A C   1 
ATOM   479 O O   . TYR A 1 65  ? 3.824   5.499   -10.085 1.00 16.31 ? 65   TYR A O   1 
ATOM   480 C CB  . TYR A 1 65  ? 0.749   6.048   -10.732 1.00 16.33 ? 65   TYR A CB  1 
ATOM   481 C CG  . TYR A 1 65  ? -0.719  5.764   -10.860 1.00 16.47 ? 65   TYR A CG  1 
ATOM   482 C CD1 . TYR A 1 65  ? -1.300  5.551   -12.103 1.00 16.89 ? 65   TYR A CD1 1 
ATOM   483 C CD2 . TYR A 1 65  ? -1.527  5.674   -9.727  1.00 15.28 ? 65   TYR A CD2 1 
ATOM   484 C CE1 . TYR A 1 65  ? -2.660  5.278   -12.221 1.00 17.01 ? 65   TYR A CE1 1 
ATOM   485 C CE2 . TYR A 1 65  ? -2.881  5.397   -9.829  1.00 15.19 ? 65   TYR A CE2 1 
ATOM   486 C CZ  . TYR A 1 65  ? -3.439  5.196   -11.077 1.00 15.99 ? 65   TYR A CZ  1 
ATOM   487 O OH  . TYR A 1 65  ? -4.776  4.913   -11.194 1.00 16.19 ? 65   TYR A OH  1 
ATOM   488 N N   . SER A 1 66  ? 3.426   5.264   -12.291 1.00 15.90 ? 66   SER A N   1 
ATOM   489 C CA  . SER A 1 66  ? 4.660   5.905   -12.727 1.00 17.00 ? 66   SER A CA  1 
ATOM   490 C C   . SER A 1 66  ? 4.194   6.833   -13.817 1.00 17.44 ? 66   SER A C   1 
ATOM   491 O O   . SER A 1 66  ? 3.763   6.374   -14.870 1.00 17.44 ? 66   SER A O   1 
ATOM   492 C CB  . SER A 1 66  ? 5.636   4.887   -13.299 1.00 16.67 ? 66   SER A CB  1 
ATOM   493 O OG  . SER A 1 66  ? 6.803   5.524   -13.785 1.00 15.11 ? 66   SER A OG  1 
ATOM   494 N N   . GLY A 1 67  ? 4.229   8.130   -13.557 1.00 18.19 ? 67   GLY A N   1 
ATOM   495 C CA  . GLY A 1 67  ? 3.562   9.057   -14.453 1.00 20.04 ? 67   GLY A CA  1 
ATOM   496 C C   . GLY A 1 67  ? 2.085   8.698   -14.431 1.00 20.67 ? 67   GLY A C   1 
ATOM   497 O O   . GLY A 1 67  ? 1.517   8.464   -13.361 1.00 20.62 ? 67   GLY A O   1 
ATOM   498 N N   . SER A 1 68  ? 1.467   8.622   -15.602 1.00 21.48 ? 68   SER A N   1 
ATOM   499 C CA  . SER A 1 68  ? 0.037   8.319   -15.661 1.00 22.75 ? 68   SER A CA  1 
ATOM   500 C C   . SER A 1 68  ? -0.262  6.814   -15.810 1.00 22.64 ? 68   SER A C   1 
ATOM   501 O O   . SER A 1 68  ? -1.431  6.397   -15.752 1.00 22.59 ? 68   SER A O   1 
ATOM   502 C CB  . SER A 1 68  ? -0.633  9.124   -16.769 1.00 22.68 ? 68   SER A CB  1 
ATOM   503 O OG  . SER A 1 68  ? 0.052   8.924   -17.977 1.00 26.59 ? 68   SER A OG  1 
ATOM   504 N N   . ARG A 1 69  ? 0.794   6.012   -15.947 1.00 22.20 ? 69   ARG A N   1 
ATOM   505 C CA  . ARG A 1 69  ? 0.656   4.567   -16.133 1.00 22.88 ? 69   ARG A CA  1 
ATOM   506 C C   . ARG A 1 69  ? 0.601   3.786   -14.823 1.00 21.75 ? 69   ARG A C   1 
ATOM   507 O O   . ARG A 1 69  ? 1.419   4.007   -13.927 1.00 21.20 ? 69   ARG A O   1 
ATOM   508 C CB  . ARG A 1 69  ? 1.816   4.032   -16.957 1.00 23.47 ? 69   ARG A CB  1 
ATOM   509 C CG  . ARG A 1 69  ? 1.984   4.734   -18.292 1.00 27.70 ? 69   ARG A CG  1 
ATOM   510 C CD  . ARG A 1 69  ? 2.175   3.767   -19.428 1.00 34.41 ? 69   ARG A CD  1 
ATOM   511 N NE  . ARG A 1 69  ? 3.552   3.743   -19.923 1.00 39.21 ? 69   ARG A NE  1 
ATOM   512 C CZ  . ARG A 1 69  ? 4.554   3.090   -19.350 1.00 42.14 ? 69   ARG A CZ  1 
ATOM   513 N NH1 . ARG A 1 69  ? 4.357   2.404   -18.233 1.00 43.65 ? 69   ARG A NH1 1 
ATOM   514 N NH2 . ARG A 1 69  ? 5.770   3.129   -19.891 1.00 43.77 ? 69   ARG A NH2 1 
ATOM   515 N N   . ALA A 1 70  ? -0.349  2.855   -14.744 1.00 20.20 ? 70   ALA A N   1 
ATOM   516 C CA  . ALA A 1 70  ? -0.447  1.932   -13.612 1.00 20.08 ? 70   ALA A CA  1 
ATOM   517 C C   . ALA A 1 70  ? 0.606   0.825   -13.743 1.00 19.26 ? 70   ALA A C   1 
ATOM   518 O O   . ALA A 1 70  ? 0.713   0.207   -14.786 1.00 19.94 ? 70   ALA A O   1 
ATOM   519 C CB  . ALA A 1 70  ? -1.846  1.326   -13.537 1.00 19.08 ? 70   ALA A CB  1 
ATOM   520 N N   . MET A 1 71  ? 1.374   0.594   -12.679 1.00 19.25 ? 71   MET A N   1 
ATOM   521 C CA  . MET A 1 71  ? 2.420   -0.424  -12.646 1.00 19.12 ? 71   MET A CA  1 
ATOM   522 C C   . MET A 1 71  ? 1.912   -1.713  -11.994 1.00 18.96 ? 71   MET A C   1 
ATOM   523 O O   . MET A 1 71  ? 2.367   -2.822  -12.325 1.00 19.17 ? 71   MET A O   1 
ATOM   524 C CB  . MET A 1 71  ? 3.625   0.093   -11.868 1.00 19.46 ? 71   MET A CB  1 
ATOM   525 C CG  . MET A 1 71  ? 4.343   1.282   -12.517 1.00 22.62 ? 71   MET A CG  1 
ATOM   526 S SD  . MET A 1 71  ? 5.080   0.853   -14.124 1.00 27.99 ? 71   MET A SD  1 
ATOM   527 C CE  . MET A 1 71  ? 3.935   1.580   -15.255 1.00 25.89 ? 71   MET A CE  1 
ATOM   528 N N   . TRP A 1 72  ? 0.956   -1.556  -11.080 1.00 17.78 ? 72   TRP A N   1 
ATOM   529 C CA  . TRP A 1 72  ? 0.481   -2.640  -10.228 1.00 16.97 ? 72   TRP A CA  1 
ATOM   530 C C   . TRP A 1 72  ? -0.804  -2.185  -9.568  1.00 16.44 ? 72   TRP A C   1 
ATOM   531 O O   . TRP A 1 72  ? -0.929  -1.024  -9.204  1.00 16.05 ? 72   TRP A O   1 
ATOM   532 C CB  . TRP A 1 72  ? 1.522   -2.931  -9.150  1.00 16.23 ? 72   TRP A CB  1 
ATOM   533 C CG  . TRP A 1 72  ? 1.161   -4.042  -8.200  1.00 17.93 ? 72   TRP A CG  1 
ATOM   534 C CD1 . TRP A 1 72  ? 1.477   -5.371  -8.331  1.00 17.53 ? 72   TRP A CD1 1 
ATOM   535 C CD2 . TRP A 1 72  ? 0.434   -3.921  -6.969  1.00 17.47 ? 72   TRP A CD2 1 
ATOM   536 N NE1 . TRP A 1 72  ? 0.983   -6.077  -7.260  1.00 19.47 ? 72   TRP A NE1 1 
ATOM   537 C CE2 . TRP A 1 72  ? 0.345   -5.216  -6.405  1.00 18.39 ? 72   TRP A CE2 1 
ATOM   538 C CE3 . TRP A 1 72  ? -0.150  -2.841  -6.278  1.00 18.03 ? 72   TRP A CE3 1 
ATOM   539 C CZ2 . TRP A 1 72  ? -0.308  -5.470  -5.195  1.00 17.63 ? 72   TRP A CZ2 1 
ATOM   540 C CZ3 . TRP A 1 72  ? -0.814  -3.098  -5.070  1.00 20.67 ? 72   TRP A CZ3 1 
ATOM   541 C CH2 . TRP A 1 72  ? -0.875  -4.402  -4.541  1.00 19.73 ? 72   TRP A CH2 1 
ATOM   542 N N   . ALA A 1 73  ? -1.753  -3.100  -9.410  1.00 16.67 ? 73   ALA A N   1 
ATOM   543 C CA  . ALA A 1 73  ? -3.013  -2.807  -8.727  1.00 17.73 ? 73   ALA A CA  1 
ATOM   544 C C   . ALA A 1 73  ? -3.440  -3.965  -7.838  1.00 18.35 ? 73   ALA A C   1 
ATOM   545 O O   . ALA A 1 73  ? -3.210  -5.143  -8.169  1.00 17.99 ? 73   ALA A O   1 
ATOM   546 C CB  . ALA A 1 73  ? -4.122  -2.501  -9.750  1.00 17.49 ? 73   ALA A CB  1 
ATOM   547 N N   . SER A 1 74  ? -4.101  -3.628  -6.736  1.00 18.58 ? 74   SER A N   1 
ATOM   548 C CA  . SER A 1 74  ? -4.633  -4.631  -5.820  1.00 20.04 ? 74   SER A CA  1 
ATOM   549 C C   . SER A 1 74  ? -5.842  -5.361  -6.430  1.00 21.31 ? 74   SER A C   1 
ATOM   550 O O   . SER A 1 74  ? -6.212  -6.447  -5.963  1.00 21.91 ? 74   SER A O   1 
ATOM   551 C CB  . SER A 1 74  ? -5.033  -3.973  -4.501  1.00 19.07 ? 74   SER A CB  1 
ATOM   552 O OG  . SER A 1 74  ? -5.951  -2.918  -4.742  1.00 19.02 ? 74   SER A OG  1 
ATOM   553 N N   . ASN A 1 75  ? -6.456  -4.752  -7.447  1.00 22.21 ? 75   ASN A N   1 
ATOM   554 C CA  . ASN A 1 75  ? -7.598  -5.325  -8.167  1.00 24.69 ? 75   ASN A CA  1 
ATOM   555 C C   . ASN A 1 75  ? -8.778  -5.619  -7.230  1.00 26.91 ? 75   ASN A C   1 
ATOM   556 O O   . ASN A 1 75  ? -9.390  -6.684  -7.301  1.00 26.64 ? 75   ASN A O   1 
ATOM   557 C CB  . ASN A 1 75  ? -7.195  -6.590  -8.954  1.00 23.40 ? 75   ASN A CB  1 
ATOM   558 C CG  . ASN A 1 75  ? -6.303  -6.286  -10.158 1.00 24.19 ? 75   ASN A CG  1 
ATOM   559 O OD1 . ASN A 1 75  ? -5.599  -7.169  -10.655 1.00 24.34 ? 75   ASN A OD1 1 
ATOM   560 N ND2 . ASN A 1 75  ? -6.341  -5.052  -10.641 1.00 18.49 ? 75   ASN A ND2 1 
ATOM   561 N N   . THR A 1 76  ? -9.060  -4.665  -6.350  1.00 30.40 ? 76   THR A N   1 
ATOM   562 C CA  . THR A 1 76  ? -10.154 -4.754  -5.399  1.00 34.42 ? 76   THR A CA  1 
ATOM   563 C C   . THR A 1 76  ? -11.023 -3.574  -5.687  1.00 36.82 ? 76   THR A C   1 
ATOM   564 O O   . THR A 1 76  ? -11.111 -2.626  -4.900  1.00 37.20 ? 76   THR A O   1 
ATOM   565 C CB  . THR A 1 76  ? -9.657  -4.706  -3.947  1.00 34.09 ? 76   THR A CB  1 
ATOM   566 O OG1 . THR A 1 76  ? -8.770  -3.585  -3.771  1.00 35.49 ? 76   THR A OG1 1 
ATOM   567 C CG2 . THR A 1 76  ? -8.795  -5.929  -3.644  1.00 35.45 ? 76   THR A CG2 1 
ATOM   568 N N   . ASN A 1 77  ? -11.646 -3.630  -6.860  1.00 40.12 ? 77   ASN A N   1 
ATOM   569 C CA  . ASN A 1 77  ? -12.500 -2.548  -7.305  1.00 43.05 ? 77   ASN A CA  1 
ATOM   570 C C   . ASN A 1 77  ? -13.905 -2.654  -6.709  1.00 44.41 ? 77   ASN A C   1 
ATOM   571 O O   . ASN A 1 77  ? -14.534 -3.714  -6.731  1.00 45.05 ? 77   ASN A O   1 
ATOM   572 C CB  . ASN A 1 77  ? -12.544 -2.486  -8.835  1.00 43.35 ? 77   ASN A CB  1 
ATOM   573 C CG  . ASN A 1 77  ? -12.818 -1.088  -9.361  1.00 44.69 ? 77   ASN A CG  1 
ATOM   574 O OD1 . ASN A 1 77  ? -12.862 -0.875  -10.566 1.00 47.05 ? 77   ASN A OD1 1 
ATOM   575 N ND2 . ASN A 1 77  ? -13.018 -0.134  -8.462  1.00 45.81 ? 77   ASN A ND2 1 
ATOM   576 N N   . ARG A 1 78  ? -14.340 -1.540  -6.134  1.00 45.91 ? 78   ARG A N   1 
ATOM   577 C CA  . ARG A 1 78  ? -15.713 -1.308  -5.727  1.00 47.29 ? 78   ARG A CA  1 
ATOM   578 C C   . ARG A 1 78  ? -15.973 0.116   -6.193  1.00 47.66 ? 78   ARG A C   1 
ATOM   579 O O   . ARG A 1 78  ? -15.413 0.532   -7.215  1.00 47.99 ? 78   ARG A O   1 
ATOM   580 C CB  . ARG A 1 78  ? -15.848 -1.434  -4.214  1.00 47.72 ? 78   ARG A CB  1 
ATOM   581 C CG  . ARG A 1 78  ? -15.363 -2.761  -3.686  1.00 49.73 ? 78   ARG A CG  1 
ATOM   582 C CD  . ARG A 1 78  ? -15.391 -2.872  -2.193  1.00 54.07 ? 78   ARG A CD  1 
ATOM   583 N NE  . ARG A 1 78  ? -15.758 -4.221  -1.767  1.00 56.40 ? 78   ARG A NE  1 
ATOM   584 C CZ  . ARG A 1 78  ? -16.437 -4.495  -0.657  1.00 56.54 ? 78   ARG A CZ  1 
ATOM   585 N NH1 . ARG A 1 78  ? -16.824 -3.510  0.154   1.00 56.35 ? 78   ARG A NH1 1 
ATOM   586 N NH2 . ARG A 1 78  ? -16.722 -5.755  -0.359  1.00 55.73 ? 78   ARG A NH2 1 
ATOM   587 N N   . GLN A 1 79  ? -16.788 0.879   -5.478  1.00 47.89 ? 79   GLN A N   1 
ATOM   588 C CA  . GLN A 1 79  ? -17.103 2.227   -5.949  1.00 48.45 ? 79   GLN A CA  1 
ATOM   589 C C   . GLN A 1 79  ? -16.544 3.290   -5.022  1.00 48.26 ? 79   GLN A C   1 
ATOM   590 O O   . GLN A 1 79  ? -15.996 2.965   -3.971  1.00 48.09 ? 79   GLN A O   1 
ATOM   591 C CB  . GLN A 1 79  ? -18.607 2.409   -6.131  1.00 48.69 ? 79   GLN A CB  1 
ATOM   592 C CG  . GLN A 1 79  ? -19.373 1.100   -6.155  1.00 50.63 ? 79   GLN A CG  1 
ATOM   593 C CD  . GLN A 1 79  ? -19.799 0.682   -7.541  1.00 51.82 ? 79   GLN A CD  1 
ATOM   594 O OE1 . GLN A 1 79  ? -20.008 -0.505  -7.793  1.00 52.77 ? 79   GLN A OE1 1 
ATOM   595 N NE2 . GLN A 1 79  ? -19.942 1.652   -8.445  1.00 52.77 ? 79   GLN A NE2 1 
ATOM   596 N N   . ASP A 1 80  ? -16.677 4.553   -5.433  1.00 48.13 ? 80   ASP A N   1 
ATOM   597 C CA  . ASP A 1 80  ? -16.184 5.690   -4.663  1.00 48.00 ? 80   ASP A CA  1 
ATOM   598 C C   . ASP A 1 80  ? -16.701 5.619   -3.227  1.00 47.03 ? 80   ASP A C   1 
ATOM   599 O O   . ASP A 1 80  ? -17.903 5.490   -3.002  1.00 47.82 ? 80   ASP A O   1 
ATOM   600 C CB  . ASP A 1 80  ? -16.570 7.019   -5.330  1.00 48.36 ? 80   ASP A CB  1 
ATOM   601 C CG  . ASP A 1 80  ? -15.967 7.183   -6.735  1.00 50.67 ? 80   ASP A CG  1 
ATOM   602 O OD1 . ASP A 1 80  ? -14.801 6.773   -6.959  1.00 52.48 ? 80   ASP A OD1 1 
ATOM   603 O OD2 . ASP A 1 80  ? -16.590 7.718   -7.684  1.00 52.31 ? 80   ASP A OD2 1 
ATOM   604 N N   . GLY A 1 81  ? -15.787 5.671   -2.264  1.00 45.45 ? 81   GLY A N   1 
ATOM   605 C CA  . GLY A 1 81  ? -16.141 5.553   -0.864  1.00 43.26 ? 81   GLY A CA  1 
ATOM   606 C C   . GLY A 1 81  ? -15.021 6.019   0.037   1.00 41.80 ? 81   GLY A C   1 
ATOM   607 O O   . GLY A 1 81  ? -14.152 6.788   -0.390  1.00 41.75 ? 81   GLY A O   1 
ATOM   608 N N   . ASN A 1 82  ? -15.027 5.538   1.277   1.00 39.88 ? 82   ASN A N   1 
ATOM   609 C CA  . ASN A 1 82  ? -14.076 6.005   2.278   1.00 38.40 ? 82   ASN A CA  1 
ATOM   610 C C   . ASN A 1 82  ? -13.130 4.929   2.802   1.00 36.60 ? 82   ASN A C   1 
ATOM   611 O O   . ASN A 1 82  ? -13.057 4.663   4.010   1.00 37.23 ? 82   ASN A O   1 
ATOM   612 C CB  . ASN A 1 82  ? -14.814 6.707   3.416   1.00 39.25 ? 82   ASN A CB  1 
ATOM   613 C CG  . ASN A 1 82  ? -15.430 8.010   2.971   1.00 40.87 ? 82   ASN A CG  1 
ATOM   614 O OD1 . ASN A 1 82  ? -14.743 9.029   2.895   1.00 43.29 ? 82   ASN A OD1 1 
ATOM   615 N ND2 . ASN A 1 82  ? -16.724 7.979   2.630   1.00 43.11 ? 82   ASN A ND2 1 
ATOM   616 N N   . TYR A 1 83  ? -12.382 4.339   1.878   1.00 33.65 ? 83   TYR A N   1 
ATOM   617 C CA  . TYR A 1 83  ? -11.414 3.294   2.188   1.00 30.83 ? 83   TYR A CA  1 
ATOM   618 C C   . TYR A 1 83  ? -10.180 3.849   2.837   1.00 28.96 ? 83   TYR A C   1 
ATOM   619 O O   . TYR A 1 83  ? -9.880  5.035   2.732   1.00 29.23 ? 83   TYR A O   1 
ATOM   620 C CB  . TYR A 1 83  ? -11.012 2.551   0.923   1.00 30.14 ? 83   TYR A CB  1 
ATOM   621 C CG  . TYR A 1 83  ? -12.195 2.125   0.125   1.00 29.35 ? 83   TYR A CG  1 
ATOM   622 C CD1 . TYR A 1 83  ? -12.810 3.012   -0.765  1.00 28.82 ? 83   TYR A CD1 1 
ATOM   623 C CD2 . TYR A 1 83  ? -12.726 0.842   0.269   1.00 27.54 ? 83   TYR A CD2 1 
ATOM   624 C CE1 . TYR A 1 83  ? -13.917 2.618   -1.502  1.00 28.97 ? 83   TYR A CE1 1 
ATOM   625 C CE2 . TYR A 1 83  ? -13.826 0.445   -0.448  1.00 28.41 ? 83   TYR A CE2 1 
ATOM   626 C CZ  . TYR A 1 83  ? -14.418 1.336   -1.337  1.00 28.63 ? 83   TYR A CZ  1 
ATOM   627 O OH  . TYR A 1 83  ? -15.505 0.940   -2.058  1.00 29.93 ? 83   TYR A OH  1 
ATOM   628 N N   . TYR A 1 84  ? -9.460  2.974   3.513   1.00 26.62 ? 84   TYR A N   1 
ATOM   629 C CA  . TYR A 1 84  ? -8.165  3.340   4.030   1.00 24.72 ? 84   TYR A CA  1 
ATOM   630 C C   . TYR A 1 84  ? -7.261  2.132   4.101   1.00 23.38 ? 84   TYR A C   1 
ATOM   631 O O   . TYR A 1 84  ? -7.724  1.002   4.286   1.00 22.55 ? 84   TYR A O   1 
ATOM   632 C CB  . TYR A 1 84  ? -8.273  4.040   5.386   1.00 25.22 ? 84   TYR A CB  1 
ATOM   633 C CG  . TYR A 1 84  ? -8.910  3.228   6.493   1.00 25.20 ? 84   TYR A CG  1 
ATOM   634 C CD1 . TYR A 1 84  ? -10.304 3.126   6.602   1.00 26.19 ? 84   TYR A CD1 1 
ATOM   635 C CD2 . TYR A 1 84  ? -8.124  2.585   7.451   1.00 25.96 ? 84   TYR A CD2 1 
ATOM   636 C CE1 . TYR A 1 84  ? -10.898 2.397   7.625   1.00 24.63 ? 84   TYR A CE1 1 
ATOM   637 C CE2 . TYR A 1 84  ? -8.715  1.851   8.480   1.00 26.39 ? 84   TYR A CE2 1 
ATOM   638 C CZ  . TYR A 1 84  ? -10.095 1.767   8.564   1.00 26.96 ? 84   TYR A CZ  1 
ATOM   639 O OH  . TYR A 1 84  ? -10.677 1.026   9.582   1.00 27.50 ? 84   TYR A OH  1 
ATOM   640 N N   . LEU A 1 85  ? -5.972  2.386   3.899   1.00 21.51 ? 85   LEU A N   1 
ATOM   641 C CA  . LEU A 1 85  ? -4.960  1.361   3.982   1.00 19.95 ? 85   LEU A CA  1 
ATOM   642 C C   . LEU A 1 85  ? -4.361  1.513   5.361   1.00 19.65 ? 85   LEU A C   1 
ATOM   643 O O   . LEU A 1 85  ? -4.050  2.623   5.767   1.00 20.22 ? 85   LEU A O   1 
ATOM   644 C CB  . LEU A 1 85  ? -3.904  1.572   2.895   1.00 19.29 ? 85   LEU A CB  1 
ATOM   645 C CG  . LEU A 1 85  ? -2.675  0.666   2.743   1.00 18.26 ? 85   LEU A CG  1 
ATOM   646 C CD1 . LEU A 1 85  ? -3.004  -0.700  2.170   1.00 17.52 ? 85   LEU A CD1 1 
ATOM   647 C CD2 . LEU A 1 85  ? -1.627  1.369   1.838   1.00 17.82 ? 85   LEU A CD2 1 
ATOM   648 N N   . ILE A 1 86  ? -4.201  0.401   6.069   1.00 19.06 ? 86   ILE A N   1 
ATOM   649 C CA  . ILE A 1 86  ? -3.626  0.419   7.408   1.00 18.64 ? 86   ILE A CA  1 
ATOM   650 C C   . ILE A 1 86  ? -2.567  -0.667  7.555   1.00 18.55 ? 86   ILE A C   1 
ATOM   651 O O   . ILE A 1 86  ? -2.793  -1.810  7.184   1.00 18.47 ? 86   ILE A O   1 
ATOM   652 C CB  . ILE A 1 86  ? -4.760  0.280   8.500   1.00 18.98 ? 86   ILE A CB  1 
ATOM   653 C CG1 . ILE A 1 86  ? -4.223  0.564   9.905   1.00 18.54 ? 86   ILE A CG1 1 
ATOM   654 C CG2 . ILE A 1 86  ? -5.490  -1.098  8.421   1.00 19.17 ? 86   ILE A CG2 1 
ATOM   655 C CD1 . ILE A 1 86  ? -5.279  1.068   10.878  1.00 18.53 ? 86   ILE A CD1 1 
ATOM   656 N N   . LEU A 1 87  ? -1.403  -0.293  8.086   1.00 18.33 ? 87   LEU A N   1 
ATOM   657 C CA  . LEU A 1 87  ? -0.441  -1.275  8.561   1.00 18.72 ? 87   LEU A CA  1 
ATOM   658 C C   . LEU A 1 87  ? -0.846  -1.609  10.001  1.00 18.86 ? 87   LEU A C   1 
ATOM   659 O O   . LEU A 1 87  ? -0.672  -0.796  10.909  1.00 18.47 ? 87   LEU A O   1 
ATOM   660 C CB  . LEU A 1 87  ? 0.985   -0.718  8.508   1.00 18.85 ? 87   LEU A CB  1 
ATOM   661 C CG  . LEU A 1 87  ? 2.181   -1.491  9.106   1.00 19.94 ? 87   LEU A CG  1 
ATOM   662 C CD1 . LEU A 1 87  ? 2.190   -2.989  8.779   1.00 19.77 ? 87   LEU A CD1 1 
ATOM   663 C CD2 . LEU A 1 87  ? 3.505   -0.836  8.689   1.00 20.44 ? 87   LEU A CD2 1 
ATOM   664 N N   . GLN A 1 88  ? -1.383  -2.804  10.194  1.00 19.12 ? 88   GLN A N   1 
ATOM   665 C CA  . GLN A 1 88  ? -1.898  -3.203  11.503  1.00 20.06 ? 88   GLN A CA  1 
ATOM   666 C C   . GLN A 1 88  ? -0.829  -3.653  12.491  1.00 20.14 ? 88   GLN A C   1 
ATOM   667 O O   . GLN A 1 88  ? 0.255   -4.103  12.095  1.00 19.74 ? 88   GLN A O   1 
ATOM   668 C CB  . GLN A 1 88  ? -2.914  -4.314  11.345  1.00 19.34 ? 88   GLN A CB  1 
ATOM   669 C CG  . GLN A 1 88  ? -4.172  -3.876  10.693  1.00 22.24 ? 88   GLN A CG  1 
ATOM   670 C CD  . GLN A 1 88  ? -5.252  -4.909  10.847  1.00 24.68 ? 88   GLN A CD  1 
ATOM   671 O OE1 . GLN A 1 88  ? -4.972  -6.107  10.936  1.00 26.44 ? 88   GLN A OE1 1 
ATOM   672 N NE2 . GLN A 1 88  ? -6.480  -4.458  10.909  1.00 26.34 ? 88   GLN A NE2 1 
ATOM   673 N N   . ARG A 1 89  ? -1.168  -3.559  13.775  1.00 20.54 ? 89   ARG A N   1 
ATOM   674 C CA  . ARG A 1 89  ? -0.287  -3.978  14.876  1.00 21.19 ? 89   ARG A CA  1 
ATOM   675 C C   . ARG A 1 89  ? 0.099   -5.460  14.759  1.00 21.06 ? 89   ARG A C   1 
ATOM   676 O O   . ARG A 1 89  ? 1.113   -5.889  15.299  1.00 21.46 ? 89   ARG A O   1 
ATOM   677 C CB  . ARG A 1 89  ? -0.980  -3.716  16.224  1.00 21.77 ? 89   ARG A CB  1 
ATOM   678 C CG  . ARG A 1 89  ? -2.239  -4.547  16.353  1.00 24.40 ? 89   ARG A CG  1 
ATOM   679 C CD  . ARG A 1 89  ? -2.989  -4.550  17.680  1.00 30.30 ? 89   ARG A CD  1 
ATOM   680 N NE  . ARG A 1 89  ? -4.115  -5.469  17.478  1.00 33.37 ? 89   ARG A NE  1 
ATOM   681 C CZ  . ARG A 1 89  ? -5.368  -5.102  17.219  1.00 33.77 ? 89   ARG A CZ  1 
ATOM   682 N NH1 . ARG A 1 89  ? -5.721  -3.821  17.201  1.00 34.81 ? 89   ARG A NH1 1 
ATOM   683 N NH2 . ARG A 1 89  ? -6.286  -6.034  17.010  1.00 34.87 ? 89   ARG A NH2 1 
ATOM   684 N N   . ASP A 1 90  ? -0.711  -6.247  14.066  1.00 20.97 ? 90   ASP A N   1 
ATOM   685 C CA  . ASP A 1 90  ? -0.392  -7.657  13.865  1.00 21.93 ? 90   ASP A CA  1 
ATOM   686 C C   . ASP A 1 90  ? 0.425   -7.917  12.582  1.00 21.99 ? 90   ASP A C   1 
ATOM   687 O O   . ASP A 1 90  ? 0.584   -9.071  12.163  1.00 22.85 ? 90   ASP A O   1 
ATOM   688 C CB  . ASP A 1 90  ? -1.660  -8.528  13.926  1.00 22.41 ? 90   ASP A CB  1 
ATOM   689 C CG  . ASP A 1 90  ? -2.584  -8.322  12.728  1.00 23.82 ? 90   ASP A CG  1 
ATOM   690 O OD1 . ASP A 1 90  ? -2.336  -7.415  11.902  1.00 22.01 ? 90   ASP A OD1 1 
ATOM   691 O OD2 . ASP A 1 90  ? -3.600  -9.029  12.537  1.00 24.82 ? 90   ASP A OD2 1 
ATOM   692 N N   . ARG A 1 91  ? 0.944   -6.841  11.984  1.00 21.56 ? 91   ARG A N   1 
ATOM   693 C CA  . ARG A 1 91  ? 1.791   -6.892  10.781  1.00 21.55 ? 91   ARG A CA  1 
ATOM   694 C C   . ARG A 1 91  ? 1.052   -7.118  9.457   1.00 21.17 ? 91   ARG A C   1 
ATOM   695 O O   . ARG A 1 91  ? 1.686   -7.156  8.399   1.00 21.63 ? 91   ARG A O   1 
ATOM   696 C CB  . ARG A 1 91  ? 2.939   -7.903  10.928  1.00 21.35 ? 91   ARG A CB  1 
ATOM   697 C CG  . ARG A 1 91  ? 4.201   -7.533  10.126  1.00 21.47 ? 91   ARG A CG  1 
ATOM   698 C CD  . ARG A 1 91  ? 5.291   -8.590  10.179  1.00 20.98 ? 91   ARG A CD  1 
ATOM   699 N NE  . ARG A 1 91  ? 4.910   -9.829  9.490   1.00 21.29 ? 91   ARG A NE  1 
ATOM   700 C CZ  . ARG A 1 91  ? 5.690   -10.905 9.439   1.00 22.83 ? 91   ARG A CZ  1 
ATOM   701 N NH1 . ARG A 1 91  ? 6.877   -10.889 10.041  1.00 23.67 ? 91   ARG A NH1 1 
ATOM   702 N NH2 . ARG A 1 91  ? 5.286   -12.007 8.815   1.00 24.42 ? 91   ARG A NH2 1 
ATOM   703 N N   . ASN A 1 92  ? -0.263  -7.304  9.506   1.00 20.84 ? 92   ASN A N   1 
ATOM   704 C CA  . ASN A 1 92  ? -1.053  -7.358  8.272   1.00 20.93 ? 92   ASN A CA  1 
ATOM   705 C C   . ASN A 1 92  ? -1.206  -5.936  7.724   1.00 20.36 ? 92   ASN A C   1 
ATOM   706 O O   . ASN A 1 92  ? -1.283  -4.966  8.489   1.00 19.89 ? 92   ASN A O   1 
ATOM   707 C CB  . ASN A 1 92  ? -2.433  -7.963  8.531   1.00 21.24 ? 92   ASN A CB  1 
ATOM   708 C CG  . ASN A 1 92  ? -2.922  -8.878  7.395   1.00 22.26 ? 92   ASN A CG  1 
ATOM   709 O OD1 . ASN A 1 92  ? -2.232  -9.123  6.401   1.00 23.76 ? 92   ASN A OD1 1 
ATOM   710 N ND2 . ASN A 1 92  ? -4.129  -9.385  7.556   1.00 22.94 ? 92   ASN A ND2 1 
ATOM   711 N N   . VAL A 1 93  ? -1.231  -5.817  6.401   1.00 19.47 ? 93   VAL A N   1 
ATOM   712 C CA  . VAL A 1 93  ? -1.564  -4.559  5.767   1.00 19.14 ? 93   VAL A CA  1 
ATOM   713 C C   . VAL A 1 93  ? -2.917  -4.779  5.103   1.00 18.67 ? 93   VAL A C   1 
ATOM   714 O O   . VAL A 1 93  ? -3.071  -5.679  4.302   1.00 18.17 ? 93   VAL A O   1 
ATOM   715 C CB  . VAL A 1 93  ? -0.503  -4.146  4.717   1.00 19.00 ? 93   VAL A CB  1 
ATOM   716 C CG1 . VAL A 1 93  ? -0.937  -2.883  3.968   1.00 19.44 ? 93   VAL A CG1 1 
ATOM   717 C CG2 . VAL A 1 93  ? 0.871   -3.944  5.385   1.00 20.02 ? 93   VAL A CG2 1 
ATOM   718 N N   . VAL A 1 94  ? -3.891  -3.947  5.435   1.00 18.45 ? 94   VAL A N   1 
ATOM   719 C CA  . VAL A 1 94  ? -5.266  -4.242  5.076   1.00 18.45 ? 94   VAL A CA  1 
ATOM   720 C C   . VAL A 1 94  ? -5.889  -2.983  4.506   1.00 18.51 ? 94   VAL A C   1 
ATOM   721 O O   . VAL A 1 94  ? -5.581  -1.878  4.957   1.00 18.14 ? 94   VAL A O   1 
ATOM   722 C CB  . VAL A 1 94  ? -6.090  -4.700  6.343   1.00 18.42 ? 94   VAL A CB  1 
ATOM   723 C CG1 . VAL A 1 94  ? -7.549  -5.047  5.971   1.00 18.45 ? 94   VAL A CG1 1 
ATOM   724 C CG2 . VAL A 1 94  ? -5.405  -5.880  7.085   1.00 18.59 ? 94   VAL A CG2 1 
ATOM   725 N N   . ILE A 1 95  ? -6.742  -3.153  3.496   1.00 19.01 ? 95   ILE A N   1 
ATOM   726 C CA  . ILE A 1 95  ? -7.614  -2.076  3.036   1.00 19.03 ? 95   ILE A CA  1 
ATOM   727 C C   . ILE A 1 95  ? -9.009  -2.327  3.602   1.00 20.17 ? 95   ILE A C   1 
ATOM   728 O O   . ILE A 1 95  ? -9.594  -3.400  3.377   1.00 20.01 ? 95   ILE A O   1 
ATOM   729 C CB  . ILE A 1 95  ? -7.677  -1.983  1.462   1.00 19.65 ? 95   ILE A CB  1 
ATOM   730 C CG1 . ILE A 1 95  ? -6.299  -1.675  0.847   1.00 18.78 ? 95   ILE A CG1 1 
ATOM   731 C CG2 . ILE A 1 95  ? -8.713  -0.910  1.020   1.00 16.88 ? 95   ILE A CG2 1 
ATOM   732 C CD1 . ILE A 1 95  ? -6.214  -2.028  -0.674  1.00 18.91 ? 95   ILE A CD1 1 
ATOM   733 N N   . TYR A 1 96  ? -9.531  -1.335  4.324   1.00 20.93 ? 96   TYR A N   1 
ATOM   734 C CA  . TYR A 1 96  ? -10.882 -1.391  4.888   1.00 22.32 ? 96   TYR A CA  1 
ATOM   735 C C   . TYR A 1 96  ? -11.840 -0.452  4.150   1.00 23.95 ? 96   TYR A C   1 
ATOM   736 O O   . TYR A 1 96  ? -11.418 0.585   3.644   1.00 24.35 ? 96   TYR A O   1 
ATOM   737 C CB  . TYR A 1 96  ? -10.847 -1.002  6.366   1.00 21.74 ? 96   TYR A CB  1 
ATOM   738 C CG  . TYR A 1 96  ? -10.261 -2.059  7.285   1.00 21.05 ? 96   TYR A CG  1 
ATOM   739 C CD1 . TYR A 1 96  ? -10.992 -3.192  7.625   1.00 22.16 ? 96   TYR A CD1 1 
ATOM   740 C CD2 . TYR A 1 96  ? -8.993  -1.904  7.839   1.00 20.80 ? 96   TYR A CD2 1 
ATOM   741 C CE1 . TYR A 1 96  ? -10.471 -4.157  8.471   1.00 23.98 ? 96   TYR A CE1 1 
ATOM   742 C CE2 . TYR A 1 96  ? -8.451  -2.867  8.690   1.00 22.81 ? 96   TYR A CE2 1 
ATOM   743 C CZ  . TYR A 1 96  ? -9.204  -3.980  9.011   1.00 24.09 ? 96   TYR A CZ  1 
ATOM   744 O OH  . TYR A 1 96  ? -8.696  -4.938  9.832   1.00 22.92 ? 96   TYR A OH  1 
ATOM   745 N N   . ASP A 1 97  ? -13.121 -0.822  4.093   1.00 25.74 ? 97   ASP A N   1 
ATOM   746 C CA  . ASP A 1 97  ? -14.160 0.038   3.523   1.00 27.45 ? 97   ASP A CA  1 
ATOM   747 C C   . ASP A 1 97  ? -14.794 0.903   4.630   1.00 28.89 ? 97   ASP A C   1 
ATOM   748 O O   . ASP A 1 97  ? -14.336 0.869   5.780   1.00 28.67 ? 97   ASP A O   1 
ATOM   749 C CB  . ASP A 1 97  ? -15.202 -0.789  2.747   1.00 27.44 ? 97   ASP A CB  1 
ATOM   750 C CG  . ASP A 1 97  ? -15.957 -1.796  3.627   1.00 28.65 ? 97   ASP A CG  1 
ATOM   751 O OD1 . ASP A 1 97  ? -16.019 -1.617  4.859   1.00 27.77 ? 97   ASP A OD1 1 
ATOM   752 O OD2 . ASP A 1 97  ? -16.531 -2.807  3.163   1.00 29.80 ? 97   ASP A OD2 1 
ATOM   753 N N   . ASN A 1 98  ? -15.811 1.697   4.285   1.00 30.02 ? 98   ASN A N   1 
ATOM   754 C CA  . ASN A 1 98  ? -16.447 2.579   5.268   1.00 31.81 ? 98   ASN A CA  1 
ATOM   755 C C   . ASN A 1 98  ? -17.043 1.843   6.483   1.00 31.74 ? 98   ASN A C   1 
ATOM   756 O O   . ASN A 1 98  ? -17.212 2.440   7.548   1.00 31.78 ? 98   ASN A O   1 
ATOM   757 C CB  . ASN A 1 98  ? -17.497 3.517   4.633   1.00 32.56 ? 98   ASN A CB  1 
ATOM   758 C CG  . ASN A 1 98  ? -18.045 3.005   3.319   1.00 36.11 ? 98   ASN A CG  1 
ATOM   759 O OD1 . ASN A 1 98  ? -17.795 3.595   2.255   1.00 41.52 ? 98   ASN A OD1 1 
ATOM   760 N ND2 . ASN A 1 98  ? -18.806 1.907   3.374   1.00 38.20 ? 98   ASN A ND2 1 
ATOM   761 N N   . SER A 1 99  ? -17.325 0.552   6.306   1.00 31.64 ? 99   SER A N   1 
ATOM   762 C CA  . SER A 1 99  ? -17.932 -0.292  7.335   1.00 31.96 ? 99   SER A CA  1 
ATOM   763 C C   . SER A 1 99  ? -16.893 -1.071  8.150   1.00 31.74 ? 99   SER A C   1 
ATOM   764 O O   . SER A 1 99  ? -17.258 -1.853  9.029   1.00 32.38 ? 99   SER A O   1 
ATOM   765 C CB  . SER A 1 99  ? -18.898 -1.291  6.695   1.00 31.93 ? 99   SER A CB  1 
ATOM   766 O OG  . SER A 1 99  ? -20.099 -0.664  6.288   1.00 33.48 ? 99   SER A OG  1 
ATOM   767 N N   . ASN A 1 100 ? -15.612 -0.870  7.858   1.00 30.54 ? 100  ASN A N   1 
ATOM   768 C CA  . ASN A 1 100 ? -14.546 -1.559  8.566   1.00 29.87 ? 100  ASN A CA  1 
ATOM   769 C C   . ASN A 1 100 ? -14.469 -3.032  8.217   1.00 28.51 ? 100  ASN A C   1 
ATOM   770 O O   . ASN A 1 100 ? -14.017 -3.849  9.014   1.00 28.30 ? 100  ASN A O   1 
ATOM   771 C CB  . ASN A 1 100 ? -14.720 -1.401  10.076  1.00 31.25 ? 100  ASN A CB  1 
ATOM   772 C CG  . ASN A 1 100 ? -13.892 -0.294  10.643  1.00 32.76 ? 100  ASN A CG  1 
ATOM   773 O OD1 . ASN A 1 100 ? -13.776 0.797   10.074  1.00 34.51 ? 100  ASN A OD1 1 
ATOM   774 N ND2 . ASN A 1 100 ? -13.294 -0.566  11.787  1.00 37.82 ? 100  ASN A ND2 1 
ATOM   775 N N   . ASN A 1 101 ? -14.928 -3.363  7.021   1.00 26.35 ? 101  ASN A N   1 
ATOM   776 C CA  . ASN A 1 101 ? -14.706 -4.676  6.461   1.00 26.09 ? 101  ASN A CA  1 
ATOM   777 C C   . ASN A 1 101 ? -13.484 -4.657  5.555   1.00 25.73 ? 101  ASN A C   1 
ATOM   778 O O   . ASN A 1 101 ? -13.332 -3.759  4.731   1.00 25.59 ? 101  ASN A O   1 
ATOM   779 C CB  . ASN A 1 101 ? -15.954 -5.149  5.709   1.00 25.45 ? 101  ASN A CB  1 
ATOM   780 C CG  . ASN A 1 101 ? -17.141 -5.323  6.631   1.00 25.80 ? 101  ASN A CG  1 
ATOM   781 O OD1 . ASN A 1 101 ? -17.059 -6.053  7.627   1.00 24.43 ? 101  ASN A OD1 1 
ATOM   782 N ND2 . ASN A 1 101 ? -18.235 -4.623  6.338   1.00 23.82 ? 101  ASN A ND2 1 
ATOM   783 N N   . ALA A 1 102 ? -12.609 -5.635  5.768   1.00 25.63 ? 102  ALA A N   1 
ATOM   784 C CA  . ALA A 1 102 ? -11.437 -5.886  4.939   1.00 25.84 ? 102  ALA A CA  1 
ATOM   785 C C   . ALA A 1 102 ? -11.812 -6.309  3.510   1.00 26.01 ? 102  ALA A C   1 
ATOM   786 O O   . ALA A 1 102 ? -12.500 -7.322  3.315   1.00 26.07 ? 102  ALA A O   1 
ATOM   787 C CB  . ALA A 1 102 ? -10.572 -6.977  5.581   1.00 25.57 ? 102  ALA A CB  1 
ATOM   788 N N   . ILE A 1 103 ? -11.329 -5.552  2.529   1.00 25.17 ? 103  ILE A N   1 
ATOM   789 C CA  . ILE A 1 103 ? -11.498 -5.906  1.115   1.00 24.78 ? 103  ILE A CA  1 
ATOM   790 C C   . ILE A 1 103 ? -10.211 -6.454  0.474   1.00 24.63 ? 103  ILE A C   1 
ATOM   791 O O   . ILE A 1 103 ? -10.268 -7.125  -0.557  1.00 24.79 ? 103  ILE A O   1 
ATOM   792 C CB  . ILE A 1 103 ? -12.068 -4.717  0.300   1.00 24.93 ? 103  ILE A CB  1 
ATOM   793 C CG1 . ILE A 1 103 ? -11.021 -3.610  0.131   1.00 25.07 ? 103  ILE A CG1 1 
ATOM   794 C CG2 . ILE A 1 103 ? -13.371 -4.194  0.957   1.00 24.80 ? 103  ILE A CG2 1 
ATOM   795 C CD1 . ILE A 1 103 ? -11.445 -2.473  -0.785  1.00 26.72 ? 103  ILE A CD1 1 
ATOM   796 N N   . TRP A 1 104 ? -9.062  -6.189  1.101   1.00 23.63 ? 104  TRP A N   1 
ATOM   797 C CA  . TRP A 1 104 ? -7.776  -6.683  0.635   1.00 23.15 ? 104  TRP A CA  1 
ATOM   798 C C   . TRP A 1 104 ? -6.840  -6.781  1.845   1.00 23.10 ? 104  TRP A C   1 
ATOM   799 O O   . TRP A 1 104 ? -6.891  -5.932  2.736   1.00 22.72 ? 104  TRP A O   1 
ATOM   800 C CB  . TRP A 1 104 ? -7.189  -5.735  -0.439  1.00 23.29 ? 104  TRP A CB  1 
ATOM   801 C CG  . TRP A 1 104 ? -5.858  -6.201  -1.032  1.00 23.42 ? 104  TRP A CG  1 
ATOM   802 C CD1 . TRP A 1 104 ? -5.676  -7.039  -2.106  1.00 21.97 ? 104  TRP A CD1 1 
ATOM   803 C CD2 . TRP A 1 104 ? -4.549  -5.846  -0.581  1.00 21.90 ? 104  TRP A CD2 1 
ATOM   804 N NE1 . TRP A 1 104 ? -4.338  -7.229  -2.340  1.00 20.72 ? 104  TRP A NE1 1 
ATOM   805 C CE2 . TRP A 1 104 ? -3.620  -6.515  -1.414  1.00 22.15 ? 104  TRP A CE2 1 
ATOM   806 C CE3 . TRP A 1 104 ? -4.060  -5.033  0.453   1.00 22.60 ? 104  TRP A CE3 1 
ATOM   807 C CZ2 . TRP A 1 104 ? -2.237  -6.391  -1.253  1.00 22.48 ? 104  TRP A CZ2 1 
ATOM   808 C CZ3 . TRP A 1 104 ? -2.671  -4.920  0.627   1.00 22.47 ? 104  TRP A CZ3 1 
ATOM   809 C CH2 . TRP A 1 104 ? -1.782  -5.594  -0.230  1.00 23.09 ? 104  TRP A CH2 1 
ATOM   810 N N   . ALA A 1 105 ? -6.005  -7.818  1.879   1.00 22.55 ? 105  ALA A N   1 
ATOM   811 C CA  . ALA A 1 105 ? -4.984  -7.954  2.919   1.00 22.76 ? 105  ALA A CA  1 
ATOM   812 C C   . ALA A 1 105 ? -3.711  -8.494  2.288   1.00 22.73 ? 105  ALA A C   1 
ATOM   813 O O   . ALA A 1 105 ? -3.780  -9.219  1.314   1.00 22.66 ? 105  ALA A O   1 
ATOM   814 C CB  . ALA A 1 105 ? -5.461  -8.888  4.011   1.00 23.09 ? 105  ALA A CB  1 
ATOM   815 N N   . SER A 1 106 ? -2.554  -8.130  2.835   1.00 22.63 ? 106  SER A N   1 
ATOM   816 C CA  . SER A 1 106 ? -1.291  -8.716  2.380   1.00 22.81 ? 106  SER A CA  1 
ATOM   817 C C   . SER A 1 106 ? -1.102  -10.148 2.887   1.00 23.41 ? 106  SER A C   1 
ATOM   818 O O   . SER A 1 106 ? -0.284  -10.884 2.347   1.00 23.10 ? 106  SER A O   1 
ATOM   819 C CB  . SER A 1 106 ? -0.112  -7.851  2.820   1.00 22.40 ? 106  SER A CB  1 
ATOM   820 O OG  . SER A 1 106 ? -0.104  -7.682  4.229   1.00 20.86 ? 106  SER A OG  1 
ATOM   821 N N   . GLY A 1 107 ? -1.827  -10.516 3.944   1.00 24.14 ? 107  GLY A N   1 
ATOM   822 C CA  . GLY A 1 107 ? -1.700  -11.829 4.561   1.00 25.26 ? 107  GLY A CA  1 
ATOM   823 C C   . GLY A 1 107 ? -0.394  -12.027 5.303   1.00 25.98 ? 107  GLY A C   1 
ATOM   824 O O   . GLY A 1 107 ? 0.132   -13.138 5.364   1.00 26.04 ? 107  GLY A O   1 
ATOM   825 N N   . THR A 1 108 ? 0.142   -10.949 5.871   1.00 26.66 ? 108  THR A N   1 
ATOM   826 C CA  . THR A 1 108 ? 1.440   -11.020 6.524   1.00 27.06 ? 108  THR A CA  1 
ATOM   827 C C   . THR A 1 108 ? 1.330   -10.922 8.042   1.00 28.34 ? 108  THR A C   1 
ATOM   828 O O   . THR A 1 108 ? 2.305   -10.596 8.717   1.00 28.47 ? 108  THR A O   1 
ATOM   829 C CB  . THR A 1 108 ? 2.347   -9.916  6.000   1.00 27.14 ? 108  THR A CB  1 
ATOM   830 O OG1 . THR A 1 108 ? 1.648   -8.670  6.084   1.00 25.41 ? 108  THR A OG1 1 
ATOM   831 C CG2 . THR A 1 108 ? 2.614   -10.099 4.510   1.00 26.46 ? 108  THR A CG2 1 
ATOM   832 N N   . ASN A 1 109 ? 0.146   -11.214 8.571   1.00 29.60 ? 109  ASN A N   1 
ATOM   833 C CA  . ASN A 1 109 ? -0.070  -11.247 10.010  1.00 31.59 ? 109  ASN A CA  1 
ATOM   834 C C   . ASN A 1 109 ? 0.764   -12.315 10.728  1.00 32.78 ? 109  ASN A C   1 
ATOM   835 O O   . ASN A 1 109 ? 0.945   -13.423 10.222  1.00 32.39 ? 109  ASN A O   1 
ATOM   836 C CB  . ASN A 1 109 ? -1.560  -11.421 10.339  1.00 31.87 ? 109  ASN A CB  1 
ATOM   837 C CG  . ASN A 1 109 ? -2.132  -12.733 9.821   1.00 33.41 ? 109  ASN A CG  1 
ATOM   838 O OD1 . ASN A 1 109 ? -2.218  -12.962 8.611   1.00 32.95 ? 109  ASN A OD1 1 
ATOM   839 N ND2 . ASN A 1 109 ? -2.526  -13.603 10.742  1.00 35.19 ? 109  ASN A ND2 1 
ATOM   840 N N   . VAL A 1 110 ? 1.278   -11.950 11.899  1.00 34.00 ? 110  VAL A N   1 
ATOM   841 C CA  . VAL A 1 110 ? 2.013   -12.872 12.763  1.00 35.53 ? 110  VAL A CA  1 
ATOM   842 C C   . VAL A 1 110 ? 1.150   -13.255 13.964  1.00 36.50 ? 110  VAL A C   1 
ATOM   843 O O   . VAL A 1 110 ? 0.167   -12.573 14.282  1.00 36.76 ? 110  VAL A O   1 
ATOM   844 C CB  . VAL A 1 110 ? 3.336   -12.254 13.275  1.00 35.51 ? 110  VAL A CB  1 
ATOM   845 C CG1 . VAL A 1 110 ? 4.307   -12.080 12.135  1.00 35.95 ? 110  VAL A CG1 1 
ATOM   846 C CG2 . VAL A 1 110 ? 3.095   -10.918 13.993  1.00 35.08 ? 110  VAL A CG2 1 
HETATM 847 S S   . SO4 B 2 .   ? -8.572  9.014   -6.797  0.80 35.21 ? 1001 SO4 A S   1 
HETATM 848 O O1  . SO4 B 2 .   ? -7.417  8.514   -7.534  0.80 36.81 ? 1001 SO4 A O1  1 
HETATM 849 O O2  . SO4 B 2 .   ? -9.095  10.182  -7.497  0.80 37.41 ? 1001 SO4 A O2  1 
HETATM 850 O O3  . SO4 B 2 .   ? -8.109  9.361   -5.469  0.80 36.08 ? 1001 SO4 A O3  1 
HETATM 851 O O4  . SO4 B 2 .   ? -9.615  8.015   -6.690  0.80 33.06 ? 1001 SO4 A O4  1 
HETATM 852 O O   . HOH C 3 .   ? 13.171  -3.912  -4.033  1.00 20.13 ? 1002 HOH A O   1 
HETATM 853 O O   . HOH C 3 .   ? 9.207   1.230   11.379  1.00 23.16 ? 1003 HOH A O   1 
HETATM 854 O O   . HOH C 3 .   ? 13.506  4.089   -1.451  1.00 30.47 ? 1004 HOH A O   1 
HETATM 855 O O   . HOH C 3 .   ? -5.095  -9.601  10.412  1.00 24.35 ? 1005 HOH A O   1 
HETATM 856 O O   . HOH C 3 .   ? 3.877   -7.556  -9.873  1.00 36.24 ? 1006 HOH A O   1 
HETATM 857 O O   . HOH C 3 .   ? 5.013   10.844  0.483   1.00 34.43 ? 1007 HOH A O   1 
HETATM 858 O O   . HOH C 3 .   ? 2.840   -7.677  15.819  1.00 33.03 ? 1008 HOH A O   1 
HETATM 859 O O   . HOH C 3 .   ? -4.020  9.390   4.785   1.00 30.52 ? 1009 HOH A O   1 
HETATM 860 O O   . HOH C 3 .   ? 12.447  6.775   -8.680  1.00 35.86 ? 1010 HOH A O   1 
HETATM 861 O O   . HOH C 3 .   ? 15.190  -8.514  3.145   1.00 37.58 ? 1011 HOH A O   1 
HETATM 862 O O   . HOH C 3 .   ? 15.604  -9.414  11.220  1.00 42.48 ? 1012 HOH A O   1 
HETATM 863 O O   . HOH C 3 .   ? 7.258   -9.495  14.008  1.00 30.20 ? 1013 HOH A O   1 
HETATM 864 O O   . HOH C 3 .   ? 13.393  2.149   -10.883 1.00 34.42 ? 1014 HOH A O   1 
HETATM 865 O O   . HOH C 3 .   ? 1.071   -13.202 2.192   1.00 38.29 ? 1015 HOH A O   1 
HETATM 866 O O   . HOH C 3 .   ? -2.892  -7.758  -7.199  1.00 30.40 ? 1016 HOH A O   1 
HETATM 867 O O   . HOH C 3 .   ? 5.223   5.968   -17.524 1.00 45.61 ? 1017 HOH A O   1 
HETATM 868 O O   . HOH C 3 .   ? 5.449   -11.013 -1.397  1.00 34.95 ? 1018 HOH A O   1 
HETATM 869 O O   . HOH C 3 .   ? 2.913   -5.528  -12.135 1.00 30.79 ? 1019 HOH A O   1 
HETATM 870 O O   . HOH C 3 .   ? 2.742   11.672  -4.229  1.00 43.83 ? 1020 HOH A O   1 
HETATM 871 O O   . HOH C 3 .   ? 2.588   10.391  11.362  1.00 40.20 ? 1021 HOH A O   1 
HETATM 872 O O   . HOH C 3 .   ? -2.889  9.385   7.903   1.00 41.65 ? 1022 HOH A O   1 
HETATM 873 O O   . HOH C 3 .   ? 10.621  9.888   -7.289  1.00 37.18 ? 1023 HOH A O   1 
HETATM 874 O O   . HOH C 3 .   ? -0.439  -10.919 -1.021  1.00 40.57 ? 1024 HOH A O   1 
HETATM 875 O O   . HOH C 3 .   ? 7.909   9.218   -6.626  1.00 43.43 ? 1025 HOH A O   1 
HETATM 876 O O   . HOH C 3 .   ? 7.624   6.843   -18.029 1.00 44.19 ? 1026 HOH A O   1 
HETATM 877 O O   . HOH C 3 .   ? -2.867  -8.249  -4.445  1.00 32.88 ? 1027 HOH A O   1 
HETATM 878 O O   . HOH C 3 .   ? -19.716 -1.824  -5.191  1.00 49.04 ? 1028 HOH A O   1 
HETATM 879 O O   . HOH C 3 .   ? 10.434  -8.019  -5.059  1.00 38.44 ? 1029 HOH A O   1 
HETATM 880 O O   . HOH C 3 .   ? -7.230  -9.064  -4.955  1.00 41.97 ? 1030 HOH A O   1 
HETATM 881 O O   . HOH C 3 .   ? 2.576   -9.937  -3.467  1.00 46.72 ? 1031 HOH A O   1 
HETATM 882 O O   . HOH C 3 .   ? 2.675   4.871   13.428  1.00 47.06 ? 1032 HOH A O   1 
HETATM 883 O O   . HOH C 3 .   ? -1.758  10.842  4.381   1.00 47.45 ? 1033 HOH A O   1 
HETATM 884 O O   . HOH C 3 .   ? -12.955 -7.633  7.930   1.00 37.41 ? 1034 HOH A O   1 
HETATM 885 O O   . HOH C 3 .   ? -5.967  12.173  5.540   1.00 43.42 ? 1035 HOH A O   1 
HETATM 886 O O   . HOH C 3 .   ? 6.443   10.119  -11.920 1.00 35.64 ? 1036 HOH A O   1 
HETATM 887 O O   . HOH C 3 .   ? -3.971  7.432   -16.257 1.00 44.26 ? 1037 HOH A O   1 
HETATM 888 O O   . HOH C 3 .   ? -1.264  12.994  -1.351  1.00 39.26 ? 1038 HOH A O   1 
HETATM 889 O O   . HOH C 3 .   ? -18.683 2.222   -2.773  1.00 32.51 ? 1039 HOH A O   1 
HETATM 890 O O   . HOH C 3 .   ? -6.616  -9.993  -0.236  1.00 43.80 ? 1040 HOH A O   1 
HETATM 891 O O   . HOH C 3 .   ? 9.462   6.971   4.918   1.00 39.56 ? 1041 HOH A O   1 
HETATM 892 O O   . HOH C 3 .   ? -19.123 -3.000  3.868   1.00 47.21 ? 1042 HOH A O   1 
HETATM 893 O O   . HOH C 3 .   ? -9.383  5.090   10.107  1.00 37.33 ? 1043 HOH A O   1 
HETATM 894 O O   . HOH C 3 .   ? 7.582   -14.298 9.114   1.00 41.45 ? 1044 HOH A O   1 
# 
